data_6IWW
#
_entry.id   6IWW
#
_cell.length_a   1.0
_cell.length_b   1.0
_cell.length_c   1.0
_cell.angle_alpha   90.00
_cell.angle_beta   90.00
_cell.angle_gamma   90.00
#
_symmetry.space_group_name_H-M   'P 1'
#
loop_
_entity.id
_entity.type
_entity.pdbx_description
1 polymer 'Oxaloacetate decarboxylase beta chain'
2 polymer 'Probable oxaloacetate decarboxylase gamma chain'
3 non-polymer DODECYL-BETA-D-MALTOSIDE
#
loop_
_entity_poly.entity_id
_entity_poly.type
_entity_poly.pdbx_seq_one_letter_code
_entity_poly.pdbx_strand_id
1 'polypeptide(L)'
;MESLNALLQGMGLMHLGAGQAIMLLVSLLLLWLAIAKKFEPLLLLPIGFGGLLSNIPEAGMALTALESLLAHHDAGQLAV
IAAKLNCAPDVHAIKEALALALPSVQGQMENLAVDMGYTPGVLALFYKVAIGSGVAPLVIFMGVGAMTDFGPLLANPRTL
LLGAAAQFGIFATVLGALTLNYFGLISFTLPQAAAIGIIGGADGPTAIYLSGKLAPELLGAIAVAAYSYMALVPLIQPPI
MRALTSEKERKIRMVQLRTVSKREKILFPVVLLLLVALLLPDAAPLLGMFCFGNLMRESGVVERLSDTVQNGLINIVTIF
LGLSVGAKLVADKFLQPQTLGILLLGVIAFGIGTAAGVLMAKLLNLCSKNKINPLIGSAGVSAVPMAARVSNKVGLESDA
QNFLLMHAMGPNVAGVIGSAIAAGVMLKYVLAM
;
A,C,E
2 'polypeptide(L)'
;MGSSHHHHHHSSGLVPRGSHMTNAALLLGEGFTLMFLGMGFVLAFLFLLIFAIRGMSAAVNRFFPEPAPAPKAAPAAAAP
VVDDFTRLKPVIAAAIHHHHRLNA
;
B,D,F
#
# COMPACT_ATOMS: atom_id res chain seq x y z
N LEU A 13 -26.99 9.94 -19.77
CA LEU A 13 -27.74 10.16 -21.00
C LEU A 13 -29.23 10.09 -20.69
N MET A 14 -29.75 8.88 -20.59
CA MET A 14 -31.13 8.65 -20.19
C MET A 14 -31.24 8.03 -18.80
N HIS A 15 -30.12 7.83 -18.11
CA HIS A 15 -30.13 7.38 -16.71
C HIS A 15 -29.46 8.37 -15.79
N LEU A 16 -29.06 9.53 -16.30
CA LEU A 16 -28.54 10.62 -15.47
C LEU A 16 -29.65 11.14 -14.57
N GLY A 17 -29.54 10.89 -13.28
CA GLY A 17 -30.60 11.20 -12.35
C GLY A 17 -30.72 12.68 -12.05
N ALA A 18 -31.69 13.00 -11.20
CA ALA A 18 -31.94 14.39 -10.83
C ALA A 18 -30.87 14.88 -9.86
N GLY A 19 -30.59 14.13 -8.81
CA GLY A 19 -29.56 14.52 -7.87
C GLY A 19 -28.16 14.30 -8.40
N GLN A 20 -27.98 13.29 -9.25
CA GLN A 20 -26.66 12.99 -9.79
C GLN A 20 -26.20 13.98 -10.84
N ALA A 21 -27.08 14.89 -11.29
CA ALA A 21 -26.63 16.02 -12.10
C ALA A 21 -26.12 17.15 -11.22
N ILE A 22 -26.84 17.44 -10.14
CA ILE A 22 -26.42 18.46 -9.19
C ILE A 22 -25.11 18.08 -8.53
N MET A 23 -24.88 16.77 -8.33
CA MET A 23 -23.63 16.35 -7.72
C MET A 23 -22.46 16.47 -8.68
N LEU A 24 -22.68 16.22 -9.97
CA LEU A 24 -21.61 16.50 -10.93
C LEU A 24 -21.35 17.98 -11.04
N LEU A 25 -22.38 18.82 -10.89
CA LEU A 25 -22.15 20.27 -10.91
C LEU A 25 -21.38 20.74 -9.69
N VAL A 26 -21.67 20.18 -8.51
CA VAL A 26 -20.92 20.60 -7.33
C VAL A 26 -19.52 19.98 -7.32
N SER A 27 -19.31 18.87 -8.02
CA SER A 27 -17.96 18.34 -8.13
C SER A 27 -17.13 19.14 -9.12
N LEU A 28 -17.76 19.63 -10.21
CA LEU A 28 -17.08 20.64 -11.02
C LEU A 28 -16.84 21.92 -10.25
N LEU A 29 -17.71 22.26 -9.31
CA LEU A 29 -17.46 23.41 -8.46
C LEU A 29 -16.25 23.18 -7.57
N LEU A 30 -16.09 21.96 -7.06
CA LEU A 30 -14.91 21.62 -6.26
C LEU A 30 -13.64 21.60 -7.10
N LEU A 31 -13.73 21.17 -8.36
CA LEU A 31 -12.56 21.19 -9.23
C LEU A 31 -12.15 22.62 -9.57
N TRP A 32 -13.07 23.41 -10.12
CA TRP A 32 -12.83 24.80 -10.47
C TRP A 32 -12.49 25.64 -9.25
N LEU A 33 -12.95 25.22 -8.08
CA LEU A 33 -12.53 25.75 -6.80
C LEU A 33 -11.06 25.45 -6.52
N ALA A 34 -10.66 24.19 -6.56
CA ALA A 34 -9.34 23.78 -6.10
C ALA A 34 -8.25 23.89 -7.15
N ILE A 35 -8.59 24.20 -8.41
CA ILE A 35 -7.60 24.35 -9.46
C ILE A 35 -7.35 25.82 -9.78
N ALA A 36 -8.42 26.57 -10.05
CA ALA A 36 -8.27 27.96 -10.46
C ALA A 36 -7.85 28.84 -9.30
N LYS A 37 -8.50 28.68 -8.15
CA LYS A 37 -8.21 29.52 -7.00
C LYS A 37 -7.37 28.84 -5.94
N LYS A 38 -7.09 27.54 -6.09
CA LYS A 38 -6.09 26.79 -5.34
C LYS A 38 -6.38 26.77 -3.84
N PHE A 39 -7.51 26.22 -3.44
CA PHE A 39 -7.89 26.29 -2.03
C PHE A 39 -7.08 25.32 -1.17
N GLU A 40 -7.29 24.02 -1.35
CA GLU A 40 -6.47 22.99 -0.70
C GLU A 40 -6.28 21.86 -1.70
N PRO A 41 -5.56 22.13 -2.79
CA PRO A 41 -5.63 21.24 -3.96
C PRO A 41 -4.98 19.90 -3.76
N LEU A 42 -4.16 19.74 -2.72
CA LEU A 42 -3.59 18.44 -2.42
C LEU A 42 -4.67 17.46 -2.01
N LEU A 43 -5.68 17.93 -1.29
CA LEU A 43 -6.77 17.09 -0.83
C LEU A 43 -8.12 17.45 -1.43
N LEU A 44 -8.36 18.69 -1.81
CA LEU A 44 -9.69 19.05 -2.32
C LEU A 44 -9.88 18.61 -3.77
N LEU A 45 -8.80 18.56 -4.54
CA LEU A 45 -8.89 18.05 -5.91
C LEU A 45 -9.25 16.57 -5.98
N PRO A 46 -8.64 15.63 -5.21
CA PRO A 46 -9.13 14.25 -5.27
C PRO A 46 -10.51 14.07 -4.67
N ILE A 47 -10.90 14.92 -3.71
CA ILE A 47 -12.26 14.83 -3.17
C ILE A 47 -13.28 15.24 -4.21
N GLY A 48 -13.03 16.35 -4.92
CA GLY A 48 -13.91 16.74 -6.01
C GLY A 48 -13.94 15.74 -7.14
N PHE A 49 -12.82 15.09 -7.42
CA PHE A 49 -12.85 14.08 -8.47
C PHE A 49 -13.52 12.79 -8.01
N GLY A 50 -13.45 12.46 -6.73
CA GLY A 50 -14.18 11.32 -6.22
C GLY A 50 -15.66 11.61 -6.23
N GLY A 51 -16.02 12.88 -6.06
CA GLY A 51 -17.39 13.28 -6.26
C GLY A 51 -17.83 13.14 -7.70
N LEU A 52 -16.92 13.37 -8.65
CA LEU A 52 -17.24 13.09 -10.05
C LEU A 52 -17.45 11.61 -10.29
N LEU A 53 -16.51 10.77 -9.85
CA LEU A 53 -16.61 9.34 -10.12
C LEU A 53 -17.73 8.67 -9.35
N SER A 54 -18.15 9.25 -8.23
CA SER A 54 -19.19 8.63 -7.40
C SER A 54 -20.55 8.77 -8.04
N ASN A 55 -20.70 9.73 -8.94
CA ASN A 55 -22.02 10.13 -9.44
C ASN A 55 -22.11 9.97 -10.94
N ILE A 56 -21.20 9.20 -11.53
CA ILE A 56 -21.34 8.72 -12.90
C ILE A 56 -22.56 7.82 -12.89
N PRO A 57 -23.62 8.17 -13.62
CA PRO A 57 -24.88 7.43 -13.51
C PRO A 57 -24.77 6.04 -14.13
N GLU A 58 -25.25 5.05 -13.35
CA GLU A 58 -25.20 3.62 -13.69
C GLU A 58 -23.76 3.18 -13.98
N ALA A 59 -22.90 3.40 -13.00
CA ALA A 59 -21.49 3.02 -13.10
C ALA A 59 -21.06 2.03 -12.06
N GLY A 60 -21.63 2.09 -10.86
CA GLY A 60 -21.30 1.16 -9.81
C GLY A 60 -20.18 1.59 -8.90
N MET A 61 -19.40 2.60 -9.29
CA MET A 61 -18.31 3.06 -8.43
C MET A 61 -18.88 3.78 -7.22
N ALA A 62 -18.10 3.77 -6.14
CA ALA A 62 -18.48 4.31 -4.83
C ALA A 62 -19.77 3.70 -4.30
N LEU A 63 -20.07 2.48 -4.70
CA LEU A 63 -21.24 1.76 -4.24
C LEU A 63 -20.79 0.40 -3.76
N THR A 64 -21.23 0.02 -2.57
CA THR A 64 -21.09 -1.35 -2.12
C THR A 64 -21.97 -2.22 -3.02
N ALA A 65 -21.62 -3.50 -3.14
CA ALA A 65 -22.39 -4.43 -3.98
C ALA A 65 -23.81 -4.57 -3.48
N LEU A 66 -24.01 -4.46 -2.16
CA LEU A 66 -25.36 -4.41 -1.61
C LEU A 66 -26.03 -3.08 -1.92
N GLU A 67 -25.30 -1.97 -1.82
CA GLU A 67 -25.87 -0.69 -2.21
C GLU A 67 -26.08 -0.61 -3.72
N SER A 68 -25.24 -1.28 -4.51
CA SER A 68 -25.48 -1.38 -5.94
C SER A 68 -26.72 -2.21 -6.24
N LEU A 69 -26.97 -3.25 -5.44
CA LEU A 69 -28.17 -4.05 -5.59
C LEU A 69 -29.41 -3.24 -5.24
N LEU A 70 -29.30 -2.40 -4.20
CA LEU A 70 -30.38 -1.48 -3.87
C LEU A 70 -30.58 -0.42 -4.94
N ALA A 71 -29.54 -0.11 -5.71
CA ALA A 71 -29.70 0.82 -6.81
C ALA A 71 -30.21 0.18 -8.10
N HIS A 72 -30.05 -1.13 -8.27
CA HIS A 72 -30.39 -1.74 -9.55
C HIS A 72 -31.89 -2.00 -9.72
N HIS A 73 -32.61 -2.22 -8.61
CA HIS A 73 -34.07 -2.42 -8.56
C HIS A 73 -34.51 -3.64 -9.37
N ASP A 74 -34.10 -4.82 -8.89
CA ASP A 74 -34.69 -6.08 -9.30
C ASP A 74 -35.66 -6.54 -8.22
N ALA A 75 -36.82 -7.05 -8.65
CA ALA A 75 -37.90 -7.33 -7.69
C ALA A 75 -37.59 -8.55 -6.85
N GLY A 76 -37.15 -9.65 -7.48
CA GLY A 76 -36.85 -10.85 -6.72
C GLY A 76 -35.60 -10.71 -5.87
N GLN A 77 -34.64 -9.91 -6.32
CA GLN A 77 -33.44 -9.67 -5.53
C GLN A 77 -33.76 -8.90 -4.25
N LEU A 78 -34.56 -7.83 -4.38
CA LEU A 78 -35.02 -7.11 -3.19
C LEU A 78 -35.94 -7.98 -2.34
N ALA A 79 -36.64 -8.93 -2.95
CA ALA A 79 -37.44 -9.89 -2.19
C ALA A 79 -36.53 -10.76 -1.32
N VAL A 80 -35.40 -11.20 -1.86
CA VAL A 80 -34.46 -12.01 -1.09
C VAL A 80 -33.82 -11.18 0.02
N ILE A 81 -33.47 -9.93 -0.28
CA ILE A 81 -32.87 -9.04 0.73
C ILE A 81 -33.83 -8.78 1.88
N ALA A 82 -35.10 -8.49 1.57
CA ALA A 82 -36.09 -8.27 2.62
C ALA A 82 -36.45 -9.56 3.33
N ALA A 83 -36.35 -10.70 2.65
CA ALA A 83 -36.62 -11.98 3.31
C ALA A 83 -35.51 -12.37 4.25
N LYS A 84 -34.29 -11.89 4.03
CA LYS A 84 -33.23 -12.13 5.00
C LYS A 84 -33.11 -11.04 6.05
N LEU A 85 -33.64 -9.84 5.80
CA LEU A 85 -33.58 -8.77 6.77
C LEU A 85 -34.86 -8.57 7.57
N ASN A 86 -35.95 -9.25 7.17
CA ASN A 86 -37.27 -9.18 7.81
C ASN A 86 -37.80 -7.74 7.84
N CYS A 87 -38.04 -7.21 6.66
CA CYS A 87 -38.58 -5.86 6.52
C CYS A 87 -39.42 -5.79 5.25
N ALA A 88 -39.74 -4.58 4.82
CA ALA A 88 -40.56 -4.39 3.64
C ALA A 88 -39.69 -4.39 2.39
N PRO A 89 -40.15 -4.99 1.28
CA PRO A 89 -39.36 -4.99 0.05
C PRO A 89 -39.34 -3.62 -0.62
N ASP A 90 -38.43 -2.78 -0.17
CA ASP A 90 -38.43 -1.36 -0.50
C ASP A 90 -36.99 -0.96 -0.78
N VAL A 91 -36.71 0.34 -0.78
CA VAL A 91 -35.34 0.86 -0.79
C VAL A 91 -35.09 1.71 0.46
N HIS A 92 -36.02 2.61 0.77
CA HIS A 92 -35.91 3.43 1.97
C HIS A 92 -36.20 2.67 3.24
N ALA A 93 -36.70 1.44 3.15
CA ALA A 93 -36.87 0.60 4.33
C ALA A 93 -35.75 -0.41 4.50
N ILE A 94 -35.11 -0.82 3.39
CA ILE A 94 -33.99 -1.73 3.48
C ILE A 94 -32.76 -1.03 4.07
N LYS A 95 -32.59 0.25 3.77
CA LYS A 95 -31.50 1.01 4.38
C LYS A 95 -31.73 1.19 5.88
N GLU A 96 -32.99 1.35 6.30
CA GLU A 96 -33.27 1.50 7.72
C GLU A 96 -33.11 0.18 8.46
N ALA A 97 -33.50 -0.92 7.83
CA ALA A 97 -33.27 -2.24 8.42
C ALA A 97 -31.79 -2.61 8.40
N LEU A 98 -31.02 -2.02 7.50
CA LEU A 98 -29.61 -2.33 7.36
C LEU A 98 -28.78 -1.55 8.36
N ALA A 99 -29.13 -0.28 8.59
CA ALA A 99 -28.36 0.55 9.51
C ALA A 99 -28.54 0.10 10.96
N LEU A 100 -29.72 -0.42 11.29
CA LEU A 100 -29.98 -0.92 12.64
C LEU A 100 -29.44 -2.31 12.85
N ALA A 101 -29.09 -3.03 11.78
CA ALA A 101 -28.66 -4.41 11.89
C ALA A 101 -27.25 -4.50 12.44
N LEU A 102 -26.85 -5.71 12.79
CA LEU A 102 -25.51 -5.96 13.29
C LEU A 102 -24.52 -5.93 12.13
N PRO A 103 -23.23 -5.70 12.41
CA PRO A 103 -22.23 -5.72 11.33
C PRO A 103 -22.04 -7.07 10.67
N SER A 104 -22.21 -8.19 11.38
CA SER A 104 -22.12 -9.48 10.70
C SER A 104 -23.34 -9.72 9.83
N VAL A 105 -24.50 -9.21 10.25
CA VAL A 105 -25.70 -9.28 9.42
C VAL A 105 -25.49 -8.49 8.13
N GLN A 106 -24.96 -7.28 8.24
CA GLN A 106 -24.68 -6.46 7.07
C GLN A 106 -23.60 -7.09 6.19
N GLY A 107 -22.62 -7.75 6.81
CA GLY A 107 -21.58 -8.41 6.04
C GLY A 107 -22.10 -9.60 5.27
N GLN A 108 -22.98 -10.40 5.87
CA GLN A 108 -23.51 -11.54 5.13
C GLN A 108 -24.55 -11.10 4.10
N MET A 109 -25.19 -9.94 4.29
CA MET A 109 -26.04 -9.44 3.22
C MET A 109 -25.21 -8.92 2.05
N GLU A 110 -24.05 -8.32 2.32
CA GLU A 110 -23.15 -7.94 1.24
C GLU A 110 -22.58 -9.16 0.54
N ASN A 111 -22.34 -10.22 1.31
CA ASN A 111 -21.89 -11.49 0.73
C ASN A 111 -22.96 -12.08 -0.19
N LEU A 112 -24.22 -12.03 0.24
CA LEU A 112 -25.31 -12.49 -0.60
C LEU A 112 -25.51 -11.61 -1.82
N ALA A 113 -25.16 -10.32 -1.71
CA ALA A 113 -25.24 -9.45 -2.88
C ALA A 113 -24.12 -9.76 -3.87
N VAL A 114 -22.94 -10.12 -3.37
CA VAL A 114 -21.85 -10.58 -4.25
C VAL A 114 -22.24 -11.90 -4.91
N ASP A 115 -23.04 -12.73 -4.22
CA ASP A 115 -23.57 -13.94 -4.83
C ASP A 115 -24.50 -13.68 -6.00
N MET A 116 -25.12 -12.50 -6.08
CA MET A 116 -25.98 -12.15 -7.19
C MET A 116 -25.23 -11.44 -8.30
N GLY A 117 -23.93 -11.69 -8.44
CA GLY A 117 -23.13 -11.19 -9.54
C GLY A 117 -22.61 -9.77 -9.36
N TYR A 118 -23.11 -9.04 -8.38
CA TYR A 118 -22.75 -7.64 -8.25
C TYR A 118 -21.42 -7.51 -7.54
N THR A 119 -20.54 -6.78 -8.12
CA THR A 119 -19.25 -6.53 -7.50
C THR A 119 -19.23 -5.16 -6.86
N PRO A 120 -18.47 -4.97 -5.78
CA PRO A 120 -18.34 -3.64 -5.19
C PRO A 120 -17.56 -2.71 -6.11
N GLY A 121 -17.93 -1.44 -6.07
CA GLY A 121 -17.21 -0.43 -6.83
C GLY A 121 -15.81 -0.22 -6.28
N VAL A 122 -14.99 0.43 -7.10
CA VAL A 122 -13.59 0.59 -6.75
C VAL A 122 -13.42 1.59 -5.62
N LEU A 123 -14.18 2.68 -5.66
CA LEU A 123 -14.14 3.62 -4.55
C LEU A 123 -14.79 3.07 -3.30
N ALA A 124 -15.68 2.09 -3.42
CA ALA A 124 -16.16 1.39 -2.23
C ALA A 124 -15.06 0.57 -1.59
N LEU A 125 -14.21 -0.04 -2.40
CA LEU A 125 -13.05 -0.76 -1.87
C LEU A 125 -12.06 0.20 -1.23
N PHE A 126 -11.86 1.38 -1.85
CA PHE A 126 -10.98 2.37 -1.26
C PHE A 126 -11.54 2.94 0.03
N TYR A 127 -12.87 3.02 0.15
CA TYR A 127 -13.45 3.42 1.42
C TYR A 127 -13.29 2.34 2.47
N LYS A 128 -13.50 1.08 2.10
CA LYS A 128 -13.45 0.00 3.07
C LYS A 128 -12.04 -0.26 3.58
N VAL A 129 -11.03 -0.12 2.73
CA VAL A 129 -9.66 -0.42 3.11
C VAL A 129 -8.99 0.76 3.80
N ALA A 130 -9.04 1.93 3.19
CA ALA A 130 -8.22 3.05 3.65
C ALA A 130 -8.78 3.74 4.88
N ILE A 131 -10.04 4.16 4.82
CA ILE A 131 -10.56 5.18 5.71
C ILE A 131 -11.62 4.63 6.66
N GLY A 132 -12.43 3.67 6.22
CA GLY A 132 -13.37 3.03 7.12
C GLY A 132 -12.69 2.13 8.12
N SER A 133 -11.51 1.63 7.77
CA SER A 133 -10.65 0.95 8.74
C SER A 133 -10.05 1.90 9.75
N GLY A 134 -10.00 3.19 9.44
CA GLY A 134 -9.29 4.11 10.29
C GLY A 134 -7.80 4.08 10.12
N VAL A 135 -7.32 3.74 8.92
CA VAL A 135 -5.89 3.68 8.64
C VAL A 135 -5.40 4.91 7.90
N ALA A 136 -6.11 5.32 6.84
CA ALA A 136 -5.69 6.47 6.05
C ALA A 136 -5.70 7.80 6.80
N PRO A 137 -6.74 8.17 7.59
CA PRO A 137 -6.61 9.42 8.35
C PRO A 137 -5.65 9.33 9.53
N LEU A 138 -5.07 8.18 9.81
CA LEU A 138 -3.97 8.15 10.75
C LEU A 138 -2.62 8.28 10.05
N VAL A 139 -2.47 7.68 8.87
CA VAL A 139 -1.22 7.81 8.14
C VAL A 139 -1.01 9.24 7.66
N ILE A 140 -2.09 9.89 7.21
CA ILE A 140 -1.99 11.30 6.83
C ILE A 140 -1.70 12.17 8.04
N PHE A 141 -2.20 11.79 9.20
CA PHE A 141 -1.95 12.55 10.40
C PHE A 141 -0.53 12.32 10.90
N MET A 142 0.02 11.13 10.61
CA MET A 142 1.42 10.87 10.86
C MET A 142 2.30 11.73 9.97
N GLY A 143 1.88 11.93 8.73
CA GLY A 143 2.60 12.84 7.87
C GLY A 143 2.49 14.29 8.28
N VAL A 144 1.35 14.67 8.87
CA VAL A 144 1.23 15.99 9.47
C VAL A 144 2.21 16.12 10.64
N GLY A 145 2.36 15.06 11.42
CA GLY A 145 3.36 15.06 12.47
C GLY A 145 4.79 15.08 11.97
N ALA A 146 5.01 14.60 10.75
CA ALA A 146 6.35 14.60 10.20
C ALA A 146 6.72 15.91 9.50
N MET A 147 5.76 16.79 9.25
CA MET A 147 6.03 18.07 8.64
C MET A 147 6.12 19.20 9.66
N THR A 148 5.93 18.91 10.94
CA THR A 148 5.61 19.92 11.93
C THR A 148 6.85 20.28 12.74
N ASP A 149 7.10 21.58 12.88
CA ASP A 149 8.21 22.09 13.68
C ASP A 149 7.71 22.45 15.06
N PHE A 150 8.57 22.28 16.06
CA PHE A 150 8.20 22.45 17.46
C PHE A 150 9.07 23.43 18.22
N GLY A 151 10.17 23.86 17.63
CA GLY A 151 10.93 25.01 18.09
C GLY A 151 10.11 26.26 18.36
N PRO A 152 9.25 26.66 17.43
CA PRO A 152 8.30 27.74 17.74
C PRO A 152 7.25 27.40 18.80
N LEU A 153 7.15 26.16 19.26
CA LEU A 153 6.19 25.81 20.31
C LEU A 153 6.87 25.65 21.66
N LEU A 154 7.99 24.93 21.70
CA LEU A 154 8.70 24.68 22.95
C LEU A 154 9.28 25.96 23.52
N ALA A 155 9.77 26.84 22.66
CA ALA A 155 9.95 28.22 23.05
C ALA A 155 8.58 28.86 23.24
N ASN A 156 8.40 29.56 24.36
CA ASN A 156 7.15 30.16 24.83
C ASN A 156 6.05 29.11 24.93
N PRO A 157 6.10 28.24 25.95
CA PRO A 157 5.10 27.15 26.02
C PRO A 157 3.69 27.62 26.35
N ARG A 158 3.54 28.85 26.84
CA ARG A 158 2.26 29.44 27.20
C ARG A 158 1.32 29.57 26.01
N THR A 159 1.88 29.56 24.80
CA THR A 159 1.09 29.58 23.58
C THR A 159 0.37 28.27 23.30
N LEU A 160 0.66 27.20 24.05
CA LEU A 160 -0.21 26.01 24.01
C LEU A 160 -1.61 26.35 24.46
N LEU A 161 -1.73 27.23 25.44
CA LEU A 161 -3.03 27.63 25.97
C LEU A 161 -3.84 28.44 24.97
N LEU A 162 -3.19 29.01 23.95
CA LEU A 162 -3.94 29.64 22.86
C LEU A 162 -4.64 28.59 22.01
N GLY A 163 -3.97 27.47 21.77
CA GLY A 163 -4.59 26.32 21.16
C GLY A 163 -5.57 25.58 22.05
N ALA A 164 -5.69 25.96 23.32
CA ALA A 164 -6.72 25.39 24.18
C ALA A 164 -8.07 26.01 23.90
N ALA A 165 -8.16 27.33 23.99
CA ALA A 165 -9.39 28.02 23.63
C ALA A 165 -9.59 28.12 22.13
N ALA A 166 -8.57 27.83 21.33
CA ALA A 166 -8.79 27.72 19.89
C ALA A 166 -9.61 26.50 19.51
N GLN A 167 -9.79 25.55 20.42
CA GLN A 167 -10.66 24.41 20.17
C GLN A 167 -12.08 24.62 20.69
N PHE A 168 -12.39 25.83 21.16
CA PHE A 168 -13.75 26.12 21.60
C PHE A 168 -14.73 26.17 20.43
N GLY A 169 -14.23 26.41 19.22
CA GLY A 169 -15.09 26.43 18.05
C GLY A 169 -15.74 25.10 17.76
N ILE A 170 -15.06 24.00 18.07
CA ILE A 170 -15.62 22.66 17.91
C ILE A 170 -16.85 22.50 18.79
N PHE A 171 -16.70 22.84 20.07
CA PHE A 171 -17.76 22.60 21.03
C PHE A 171 -18.91 23.58 20.83
N ALA A 172 -18.60 24.80 20.39
CA ALA A 172 -19.66 25.73 20.02
C ALA A 172 -20.40 25.28 18.79
N THR A 173 -19.71 24.62 17.85
CA THR A 173 -20.38 24.07 16.68
C THR A 173 -21.25 22.88 17.07
N VAL A 174 -20.85 22.13 18.08
CA VAL A 174 -21.67 21.03 18.57
C VAL A 174 -22.94 21.56 19.23
N LEU A 175 -22.80 22.64 20.01
CA LEU A 175 -23.97 23.33 20.56
C LEU A 175 -24.88 23.87 19.47
N GLY A 176 -24.28 24.41 18.41
CA GLY A 176 -25.08 24.89 17.29
C GLY A 176 -25.80 23.77 16.57
N ALA A 177 -25.15 22.62 16.43
CA ALA A 177 -25.78 21.46 15.81
C ALA A 177 -26.93 20.93 16.66
N LEU A 178 -26.73 20.88 17.99
CA LEU A 178 -27.78 20.33 18.85
C LEU A 178 -28.92 21.31 19.03
N THR A 179 -28.66 22.62 18.97
CA THR A 179 -29.78 23.56 19.00
C THR A 179 -30.41 23.70 17.62
N LEU A 180 -29.71 23.28 16.58
CA LEU A 180 -30.34 23.19 15.27
C LEU A 180 -31.21 21.96 15.20
N ASN A 181 -30.90 20.96 16.02
CA ASN A 181 -31.84 19.85 16.21
C ASN A 181 -33.00 20.26 17.10
N TYR A 182 -32.74 21.08 18.13
CA TYR A 182 -33.77 21.40 19.10
C TYR A 182 -34.82 22.35 18.53
N PHE A 183 -34.40 23.26 17.65
CA PHE A 183 -35.36 24.15 17.02
C PHE A 183 -36.24 23.42 16.01
N GLY A 184 -35.89 22.20 15.62
CA GLY A 184 -36.72 21.42 14.75
C GLY A 184 -36.51 21.69 13.28
N LEU A 185 -35.39 22.31 12.91
CA LEU A 185 -35.14 22.58 11.50
C LEU A 185 -34.64 21.33 10.79
N ILE A 186 -33.49 20.81 11.21
CA ILE A 186 -32.94 19.58 10.66
C ILE A 186 -32.44 18.71 11.80
N SER A 187 -32.46 17.40 11.58
CA SER A 187 -32.26 16.43 12.65
C SER A 187 -30.80 16.04 12.74
N PHE A 188 -30.21 16.27 13.91
CA PHE A 188 -28.83 15.88 14.22
C PHE A 188 -28.87 14.98 15.45
N THR A 189 -28.47 13.73 15.29
CA THR A 189 -28.23 12.93 16.48
C THR A 189 -26.87 13.30 17.05
N LEU A 190 -26.63 12.87 18.29
CA LEU A 190 -25.36 13.19 18.94
C LEU A 190 -24.11 12.58 18.29
N PRO A 191 -24.08 11.32 17.82
CA PRO A 191 -22.90 10.89 17.05
C PRO A 191 -22.76 11.59 15.71
N GLN A 192 -23.83 12.15 15.15
CA GLN A 192 -23.69 12.97 13.94
C GLN A 192 -23.28 14.39 14.29
N ALA A 193 -23.82 14.93 15.38
CA ALA A 193 -23.46 16.28 15.78
C ALA A 193 -22.06 16.37 16.32
N ALA A 194 -21.48 15.24 16.73
CA ALA A 194 -20.11 15.29 17.22
C ALA A 194 -19.09 15.30 16.09
N ALA A 195 -19.49 14.88 14.89
CA ALA A 195 -18.56 14.91 13.77
C ALA A 195 -18.58 16.24 13.03
N ILE A 196 -19.63 17.04 13.20
CA ILE A 196 -19.69 18.33 12.56
C ILE A 196 -18.77 19.31 13.28
N GLY A 197 -18.53 19.07 14.57
CA GLY A 197 -17.74 20.00 15.37
C GLY A 197 -16.28 20.05 14.99
N ILE A 198 -15.70 18.91 14.59
CA ILE A 198 -14.25 18.80 14.38
C ILE A 198 -13.78 19.62 13.18
N ILE A 199 -14.71 20.07 12.34
CA ILE A 199 -14.44 21.08 11.33
C ILE A 199 -13.86 22.33 11.97
N GLY A 200 -14.33 22.70 13.16
CA GLY A 200 -13.87 23.90 13.84
C GLY A 200 -12.44 23.84 14.31
N GLY A 201 -11.86 22.66 14.42
CA GLY A 201 -10.45 22.60 14.69
C GLY A 201 -9.58 22.69 13.47
N ALA A 202 -10.20 22.80 12.29
CA ALA A 202 -9.54 22.99 11.00
C ALA A 202 -8.56 21.86 10.65
N ASP A 203 -8.73 20.70 11.26
CA ASP A 203 -7.78 19.63 11.08
C ASP A 203 -8.52 18.54 10.33
N GLY A 204 -8.40 18.59 9.00
CA GLY A 204 -8.85 17.56 8.11
C GLY A 204 -8.48 16.12 8.44
N PRO A 205 -7.20 15.81 8.66
CA PRO A 205 -6.81 14.43 8.99
C PRO A 205 -7.31 13.89 10.33
N THR A 206 -7.96 14.69 11.17
CA THR A 206 -8.69 14.11 12.29
C THR A 206 -10.20 14.32 12.23
N ALA A 207 -10.67 15.31 11.49
CA ALA A 207 -12.11 15.42 11.24
C ALA A 207 -12.58 14.28 10.37
N ILE A 208 -11.76 13.91 9.39
CA ILE A 208 -12.03 12.74 8.55
C ILE A 208 -11.99 11.46 9.38
N TYR A 209 -11.08 11.38 10.34
CA TYR A 209 -10.98 10.22 11.22
C TYR A 209 -12.22 10.08 12.10
N LEU A 210 -12.59 11.16 12.80
CA LEU A 210 -13.72 11.10 13.71
C LEU A 210 -15.03 10.95 12.95
N SER A 211 -15.14 11.53 11.75
CA SER A 211 -16.33 11.31 10.96
C SER A 211 -16.37 9.91 10.37
N GLY A 212 -15.21 9.28 10.19
CA GLY A 212 -15.21 7.89 9.77
C GLY A 212 -15.63 6.96 10.90
N LYS A 213 -15.36 7.34 12.14
CA LYS A 213 -15.75 6.47 13.24
C LYS A 213 -17.10 6.80 13.88
N LEU A 214 -17.69 7.96 13.58
CA LEU A 214 -18.93 8.33 14.25
C LEU A 214 -20.11 8.46 13.30
N ALA A 215 -19.97 9.26 12.24
CA ALA A 215 -21.06 9.47 11.29
C ALA A 215 -20.53 9.18 9.88
N PRO A 216 -20.46 7.91 9.50
CA PRO A 216 -19.85 7.57 8.20
C PRO A 216 -20.67 8.01 7.01
N GLU A 217 -21.98 8.20 7.18
CA GLU A 217 -22.84 8.73 6.15
C GLU A 217 -22.64 10.22 5.94
N LEU A 218 -21.94 10.90 6.85
CA LEU A 218 -21.84 12.34 6.84
C LEU A 218 -20.46 12.80 6.40
N LEU A 219 -19.58 11.86 6.04
CA LEU A 219 -18.17 12.15 5.80
C LEU A 219 -17.94 12.97 4.55
N GLY A 220 -18.84 12.89 3.58
CA GLY A 220 -18.71 13.66 2.37
C GLY A 220 -18.79 15.15 2.61
N ALA A 221 -19.88 15.58 3.22
CA ALA A 221 -20.09 17.01 3.42
C ALA A 221 -19.21 17.60 4.52
N ILE A 222 -18.66 16.79 5.40
CA ILE A 222 -17.79 17.33 6.44
C ILE A 222 -16.44 17.74 5.84
N ALA A 223 -15.77 16.80 5.17
CA ALA A 223 -14.41 17.07 4.70
C ALA A 223 -14.39 18.08 3.57
N VAL A 224 -15.44 18.08 2.72
CA VAL A 224 -15.66 19.18 1.77
C VAL A 224 -15.77 20.49 2.52
N ALA A 225 -16.56 20.53 3.58
CA ALA A 225 -16.62 21.75 4.37
C ALA A 225 -15.43 21.90 5.30
N ALA A 226 -14.53 20.92 5.37
CA ALA A 226 -13.30 21.19 6.11
C ALA A 226 -12.31 21.94 5.23
N TYR A 227 -11.86 21.29 4.15
CA TYR A 227 -10.78 21.82 3.35
C TYR A 227 -11.16 23.04 2.55
N SER A 228 -12.45 23.24 2.26
CA SER A 228 -12.87 24.52 1.73
C SER A 228 -12.71 25.61 2.78
N TYR A 229 -13.25 25.38 3.98
CA TYR A 229 -13.26 26.44 4.99
C TYR A 229 -11.87 26.65 5.57
N MET A 230 -11.05 25.60 5.59
CA MET A 230 -9.63 25.69 5.92
C MET A 230 -8.88 26.65 5.00
N ALA A 231 -9.38 26.82 3.79
CA ALA A 231 -8.78 27.79 2.90
C ALA A 231 -9.63 29.04 2.73
N LEU A 232 -10.70 29.20 3.50
CA LEU A 232 -11.30 30.51 3.68
C LEU A 232 -10.76 31.20 4.93
N VAL A 233 -9.72 30.62 5.54
CA VAL A 233 -9.07 31.27 6.68
C VAL A 233 -8.48 32.65 6.35
N PRO A 234 -7.85 32.89 5.18
CA PRO A 234 -7.51 34.29 4.85
C PRO A 234 -8.70 35.22 4.64
N LEU A 235 -9.92 34.71 4.48
CA LEU A 235 -11.07 35.58 4.34
C LEU A 235 -11.84 35.76 5.65
N ILE A 236 -11.84 34.76 6.52
CA ILE A 236 -12.66 34.80 7.74
C ILE A 236 -11.90 35.38 8.91
N GLN A 237 -10.67 34.91 9.12
CA GLN A 237 -9.87 35.35 10.27
C GLN A 237 -9.54 36.85 10.32
N PRO A 238 -9.06 37.53 9.26
CA PRO A 238 -8.63 38.94 9.43
C PRO A 238 -9.74 39.92 9.81
N PRO A 239 -10.99 39.86 9.26
CA PRO A 239 -11.99 40.82 9.76
C PRO A 239 -12.39 40.60 11.20
N ILE A 240 -12.34 39.36 11.69
CA ILE A 240 -12.46 39.10 13.12
C ILE A 240 -11.34 39.81 13.87
N MET A 241 -10.13 39.79 13.31
CA MET A 241 -9.02 40.55 13.87
C MET A 241 -9.29 42.05 13.80
N ARG A 242 -10.07 42.47 12.80
CA ARG A 242 -10.44 43.87 12.72
C ARG A 242 -11.78 44.14 13.38
N ALA A 243 -12.38 43.13 14.01
CA ALA A 243 -13.61 43.37 14.77
C ALA A 243 -13.33 43.50 16.26
N LEU A 244 -12.21 42.98 16.72
CA LEU A 244 -11.97 42.82 18.15
C LEU A 244 -10.74 43.56 18.64
N THR A 245 -9.59 43.33 18.03
CA THR A 245 -8.31 43.69 18.63
C THR A 245 -7.98 45.15 18.35
N SER A 246 -7.59 45.89 19.40
CA SER A 246 -7.14 47.26 19.25
C SER A 246 -5.76 47.31 18.58
N GLU A 247 -5.39 48.51 18.15
CA GLU A 247 -4.14 48.71 17.43
C GLU A 247 -2.92 48.78 18.34
N LYS A 248 -3.10 49.17 19.61
CA LYS A 248 -1.98 49.16 20.54
C LYS A 248 -1.56 47.76 20.93
N GLU A 249 -2.45 46.78 20.77
CA GLU A 249 -2.11 45.39 21.03
C GLU A 249 -1.48 44.73 19.82
N ARG A 250 -1.77 45.23 18.61
CA ARG A 250 -1.18 44.65 17.42
C ARG A 250 0.30 45.00 17.30
N LYS A 251 0.70 46.13 17.86
CA LYS A 251 2.06 46.64 17.71
C LYS A 251 2.97 46.18 18.85
N ILE A 252 2.72 44.99 19.41
CA ILE A 252 3.52 44.46 20.49
C ILE A 252 4.68 43.67 19.92
N ARG A 253 5.89 44.04 20.30
CA ARG A 253 7.07 43.25 19.96
C ARG A 253 7.08 41.98 20.77
N MET A 254 7.13 40.83 20.10
CA MET A 254 7.34 39.57 20.78
C MET A 254 8.83 39.27 20.83
N VAL A 255 9.25 38.65 21.92
CA VAL A 255 10.66 38.33 22.09
C VAL A 255 11.02 37.18 21.16
N GLN A 256 12.24 37.22 20.62
CA GLN A 256 12.74 36.16 19.75
C GLN A 256 12.81 34.82 20.49
N LEU A 257 12.84 33.74 19.72
CA LEU A 257 12.68 32.42 20.29
C LEU A 257 13.94 31.98 21.02
N ARG A 258 13.76 31.02 21.93
CA ARG A 258 14.80 30.59 22.85
C ARG A 258 15.78 29.63 22.22
N THR A 259 16.57 28.96 23.07
CA THR A 259 17.43 27.87 22.63
C THR A 259 16.57 26.78 21.99
N VAL A 260 17.07 26.22 20.88
CA VAL A 260 16.32 25.23 20.11
C VAL A 260 16.09 23.96 20.94
N SER A 261 17.03 23.60 21.82
CA SER A 261 16.92 22.51 22.80
C SER A 261 16.59 21.19 22.12
N LYS A 262 17.57 20.70 21.35
CA LYS A 262 17.38 19.57 20.45
C LYS A 262 16.92 18.31 21.18
N ARG A 263 17.50 18.03 22.35
CA ARG A 263 17.07 16.86 23.11
C ARG A 263 15.68 17.07 23.70
N GLU A 264 15.30 18.31 23.96
CA GLU A 264 13.94 18.56 24.41
C GLU A 264 12.95 18.41 23.25
N LYS A 265 13.39 18.71 22.03
CA LYS A 265 12.56 18.42 20.86
C LYS A 265 12.46 16.92 20.61
N ILE A 266 13.47 16.15 21.01
CA ILE A 266 13.37 14.69 20.98
C ILE A 266 12.32 14.22 21.97
N LEU A 267 12.45 14.66 23.22
CA LEU A 267 11.62 14.12 24.29
C LEU A 267 10.25 14.77 24.40
N PHE A 268 9.94 15.76 23.57
CA PHE A 268 8.58 16.30 23.64
C PHE A 268 7.47 15.38 23.12
N PRO A 269 7.57 14.70 21.96
CA PRO A 269 6.48 13.78 21.61
C PRO A 269 6.36 12.58 22.51
N VAL A 270 7.46 12.13 23.13
CA VAL A 270 7.38 11.04 24.09
C VAL A 270 6.60 11.47 25.33
N VAL A 271 6.86 12.68 25.82
CA VAL A 271 6.13 13.19 26.99
C VAL A 271 4.68 13.46 26.64
N LEU A 272 4.41 13.95 25.43
CA LEU A 272 3.04 14.11 24.96
C LEU A 272 2.30 12.79 24.88
N LEU A 273 2.94 11.75 24.33
CA LEU A 273 2.28 10.46 24.22
C LEU A 273 2.07 9.82 25.58
N LEU A 274 3.01 9.97 26.50
CA LEU A 274 2.79 9.42 27.83
C LEU A 274 1.72 10.20 28.60
N LEU A 275 1.55 11.48 28.30
CA LEU A 275 0.47 12.20 28.94
C LEU A 275 -0.87 11.83 28.31
N VAL A 276 -0.87 11.41 27.04
CA VAL A 276 -2.04 10.78 26.45
C VAL A 276 -2.29 9.42 27.08
N ALA A 277 -1.21 8.73 27.47
CA ALA A 277 -1.33 7.42 28.08
C ALA A 277 -1.97 7.50 29.46
N LEU A 278 -1.57 8.49 30.26
CA LEU A 278 -2.21 8.67 31.55
C LEU A 278 -3.61 9.25 31.38
N LEU A 279 -3.71 10.43 30.80
CA LEU A 279 -4.99 11.12 30.66
C LEU A 279 -5.48 11.03 29.22
N LEU A 280 -6.78 10.74 29.07
CA LEU A 280 -7.49 10.64 27.78
C LEU A 280 -6.83 9.64 26.86
N PRO A 281 -7.03 8.33 27.06
CA PRO A 281 -6.41 7.35 26.18
C PRO A 281 -7.11 7.20 24.84
N ASP A 282 -8.32 7.74 24.68
CA ASP A 282 -9.04 7.61 23.43
C ASP A 282 -8.46 8.50 22.33
N ALA A 283 -7.63 9.47 22.68
CA ALA A 283 -6.84 10.20 21.71
C ALA A 283 -5.50 9.52 21.44
N ALA A 284 -5.33 8.28 21.91
CA ALA A 284 -4.11 7.54 21.64
C ALA A 284 -3.85 7.22 20.16
N PRO A 285 -4.82 6.75 19.35
CA PRO A 285 -4.47 6.46 17.95
C PRO A 285 -4.21 7.69 17.10
N LEU A 286 -4.71 8.85 17.49
CA LEU A 286 -4.41 10.07 16.72
C LEU A 286 -3.06 10.63 17.12
N LEU A 287 -2.97 11.11 18.37
CA LEU A 287 -1.78 11.83 18.84
C LEU A 287 -0.56 10.94 18.85
N GLY A 288 -0.74 9.65 19.21
CA GLY A 288 0.34 8.70 19.11
C GLY A 288 0.86 8.57 17.69
N MET A 289 -0.06 8.46 16.73
CA MET A 289 0.38 8.42 15.34
C MET A 289 0.86 9.79 14.88
N PHE A 290 0.47 10.86 15.58
CA PHE A 290 1.12 12.15 15.37
C PHE A 290 2.56 12.10 15.84
N CYS A 291 2.78 11.54 17.04
CA CYS A 291 4.08 11.66 17.67
C CYS A 291 5.13 10.84 16.94
N PHE A 292 4.71 9.73 16.34
CA PHE A 292 5.62 8.95 15.53
C PHE A 292 6.06 9.71 14.30
N GLY A 293 5.19 10.58 13.78
CA GLY A 293 5.66 11.52 12.76
C GLY A 293 6.60 12.55 13.33
N ASN A 294 6.34 13.00 14.56
CA ASN A 294 7.19 14.00 15.19
C ASN A 294 8.57 13.43 15.48
N LEU A 295 8.62 12.27 16.12
CA LEU A 295 9.88 11.70 16.62
C LEU A 295 10.82 11.35 15.49
N MET A 296 10.28 10.80 14.39
CA MET A 296 11.12 10.51 13.22
C MET A 296 11.62 11.79 12.56
N ARG A 297 10.89 12.88 12.69
CA ARG A 297 11.45 14.15 12.22
C ARG A 297 12.55 14.61 13.16
N GLU A 298 12.38 14.39 14.46
CA GLU A 298 13.30 15.00 15.39
C GLU A 298 14.56 14.18 15.57
N SER A 299 14.45 12.85 15.48
CA SER A 299 15.56 11.98 15.85
C SER A 299 16.75 12.12 14.90
N GLY A 300 16.50 12.53 13.66
CA GLY A 300 17.56 12.87 12.73
C GLY A 300 18.41 11.71 12.26
N VAL A 301 18.02 10.48 12.57
CA VAL A 301 18.78 9.31 12.20
C VAL A 301 17.99 8.44 11.23
N VAL A 302 16.66 8.53 11.26
CA VAL A 302 15.83 7.99 10.20
C VAL A 302 15.65 9.12 9.19
N GLU A 303 16.66 9.31 8.37
CA GLU A 303 16.57 10.29 7.30
C GLU A 303 15.98 9.72 6.03
N ARG A 304 15.83 8.40 5.97
CA ARG A 304 15.13 7.77 4.86
C ARG A 304 13.69 7.45 5.17
N LEU A 305 13.32 7.44 6.45
CA LEU A 305 11.92 7.27 6.83
C LEU A 305 11.18 8.60 6.87
N SER A 306 11.77 9.62 7.52
CA SER A 306 11.07 10.88 7.68
C SER A 306 11.00 11.67 6.38
N ASP A 307 11.86 11.34 5.42
CA ASP A 307 11.69 11.91 4.08
C ASP A 307 10.73 11.11 3.24
N THR A 308 10.48 9.84 3.58
CA THR A 308 9.52 9.04 2.84
C THR A 308 8.11 9.22 3.37
N VAL A 309 7.97 9.53 4.67
CA VAL A 309 6.65 9.86 5.20
C VAL A 309 6.14 11.15 4.58
N GLN A 310 6.83 12.26 4.82
CA GLN A 310 6.28 13.57 4.44
C GLN A 310 6.31 13.83 2.94
N ASN A 311 6.98 13.00 2.15
CA ASN A 311 6.94 13.15 0.70
C ASN A 311 6.32 11.96 0.00
N GLY A 312 6.82 10.75 0.23
CA GLY A 312 6.46 9.63 -0.59
C GLY A 312 5.26 8.83 -0.13
N LEU A 313 4.91 8.92 1.15
CA LEU A 313 3.79 8.16 1.68
C LEU A 313 2.52 8.98 1.79
N ILE A 314 2.63 10.27 2.09
CA ILE A 314 1.44 11.10 2.17
C ILE A 314 0.88 11.37 0.80
N ASN A 315 1.72 11.36 -0.22
CA ASN A 315 1.23 11.55 -1.57
C ASN A 315 0.80 10.24 -2.22
N ILE A 316 0.49 9.22 -1.42
CA ILE A 316 -0.26 8.04 -1.83
C ILE A 316 -1.55 7.94 -1.04
N VAL A 317 -1.43 8.01 0.29
CA VAL A 317 -2.56 7.94 1.19
C VAL A 317 -3.45 9.16 1.04
N THR A 318 -2.87 10.30 0.64
CA THR A 318 -3.65 11.49 0.34
C THR A 318 -4.53 11.28 -0.88
N ILE A 319 -4.01 10.65 -1.92
CA ILE A 319 -4.78 10.36 -3.12
C ILE A 319 -5.91 9.39 -2.82
N PHE A 320 -5.60 8.33 -2.08
CA PHE A 320 -6.61 7.32 -1.82
C PHE A 320 -7.64 7.79 -0.82
N LEU A 321 -7.25 8.60 0.17
CA LEU A 321 -8.23 9.17 1.08
C LEU A 321 -9.04 10.26 0.40
N GLY A 322 -8.48 10.97 -0.58
CA GLY A 322 -9.26 11.95 -1.30
C GLY A 322 -10.34 11.31 -2.15
N LEU A 323 -9.98 10.27 -2.90
CA LEU A 323 -10.99 9.52 -3.65
C LEU A 323 -11.96 8.81 -2.72
N SER A 324 -11.53 8.43 -1.52
CA SER A 324 -12.42 7.76 -0.60
C SER A 324 -13.38 8.72 0.09
N VAL A 325 -12.98 9.96 0.32
CA VAL A 325 -13.92 10.97 0.78
C VAL A 325 -14.91 11.30 -0.32
N GLY A 326 -14.42 11.41 -1.56
CA GLY A 326 -15.30 11.61 -2.69
C GLY A 326 -16.24 10.46 -2.96
N ALA A 327 -15.91 9.26 -2.47
CA ALA A 327 -16.86 8.15 -2.49
C ALA A 327 -18.09 8.45 -1.66
N LYS A 328 -17.95 9.25 -0.61
CA LYS A 328 -19.10 9.69 0.19
C LYS A 328 -19.70 10.98 -0.32
N LEU A 329 -19.35 11.40 -1.54
CA LEU A 329 -20.09 12.46 -2.23
C LEU A 329 -21.06 11.87 -3.22
N VAL A 330 -21.66 10.74 -2.87
CA VAL A 330 -22.79 10.23 -3.64
C VAL A 330 -24.02 11.06 -3.30
N ALA A 331 -25.07 10.94 -4.12
CA ALA A 331 -26.14 11.95 -4.16
C ALA A 331 -26.94 11.99 -2.87
N ASP A 332 -27.33 10.83 -2.34
CA ASP A 332 -28.17 10.82 -1.15
C ASP A 332 -27.41 11.06 0.15
N LYS A 333 -26.09 11.28 0.10
CA LYS A 333 -25.36 11.65 1.30
C LYS A 333 -24.97 13.11 1.34
N PHE A 334 -25.02 13.82 0.21
CA PHE A 334 -24.68 15.23 0.17
C PHE A 334 -25.87 16.12 -0.13
N LEU A 335 -26.74 15.75 -1.08
CA LEU A 335 -27.98 16.48 -1.30
C LEU A 335 -28.97 15.97 -0.26
N GLN A 336 -28.84 16.52 0.94
CA GLN A 336 -29.48 16.00 2.12
C GLN A 336 -29.47 17.17 3.09
N PRO A 337 -30.56 17.43 3.82
CA PRO A 337 -30.66 18.69 4.57
C PRO A 337 -29.72 18.77 5.76
N GLN A 338 -29.13 17.65 6.19
CA GLN A 338 -28.11 17.70 7.23
C GLN A 338 -26.80 18.31 6.74
N THR A 339 -26.61 18.43 5.43
CA THR A 339 -25.36 18.94 4.89
C THR A 339 -25.37 20.46 4.75
N LEU A 340 -26.54 21.07 4.58
CA LEU A 340 -26.64 22.52 4.62
C LEU A 340 -26.30 23.05 6.00
N GLY A 341 -26.66 22.29 7.03
CA GLY A 341 -26.22 22.62 8.37
C GLY A 341 -24.72 22.56 8.55
N ILE A 342 -24.07 21.62 7.87
CA ILE A 342 -22.61 21.55 7.90
C ILE A 342 -21.99 22.75 7.20
N LEU A 343 -22.51 23.07 6.00
CA LEU A 343 -22.00 24.21 5.25
C LEU A 343 -22.30 25.54 5.91
N LEU A 344 -23.26 25.61 6.82
CA LEU A 344 -23.51 26.85 7.54
C LEU A 344 -22.88 26.89 8.93
N LEU A 345 -22.62 25.74 9.55
CA LEU A 345 -21.96 25.71 10.85
C LEU A 345 -20.44 25.73 10.75
N GLY A 346 -19.88 25.30 9.62
CA GLY A 346 -18.42 25.28 9.51
C GLY A 346 -17.80 26.66 9.44
N VAL A 347 -18.55 27.66 8.97
CA VAL A 347 -18.00 29.01 8.90
C VAL A 347 -18.09 29.70 10.27
N ILE A 348 -19.18 29.50 11.01
CA ILE A 348 -19.24 30.06 12.35
C ILE A 348 -18.36 29.26 13.31
N ALA A 349 -17.97 28.04 12.93
CA ALA A 349 -16.96 27.30 13.66
C ALA A 349 -15.65 28.07 13.73
N PHE A 350 -15.19 28.58 12.59
CA PHE A 350 -13.96 29.37 12.58
C PHE A 350 -14.20 30.77 13.14
N GLY A 351 -15.41 31.31 12.95
CA GLY A 351 -15.73 32.60 13.54
C GLY A 351 -15.76 32.59 15.06
N ILE A 352 -16.02 31.43 15.65
CA ILE A 352 -15.90 31.30 17.09
C ILE A 352 -14.50 30.86 17.51
N GLY A 353 -13.81 30.06 16.68
CA GLY A 353 -12.49 29.58 17.05
C GLY A 353 -11.44 30.69 17.06
N THR A 354 -11.41 31.50 16.00
CA THR A 354 -10.48 32.63 15.96
C THR A 354 -10.77 33.64 17.05
N ALA A 355 -12.07 33.87 17.32
CA ALA A 355 -12.46 34.82 18.35
C ALA A 355 -12.08 34.33 19.73
N ALA A 356 -12.24 33.04 20.00
CA ALA A 356 -11.86 32.52 21.30
C ALA A 356 -10.35 32.45 21.44
N GLY A 357 -9.64 32.27 20.33
CA GLY A 357 -8.18 32.31 20.38
C GLY A 357 -7.65 33.69 20.73
N VAL A 358 -8.24 34.73 20.13
CA VAL A 358 -7.75 36.07 20.44
C VAL A 358 -8.27 36.54 21.80
N LEU A 359 -9.42 36.04 22.26
CA LEU A 359 -9.84 36.36 23.61
C LEU A 359 -8.95 35.69 24.65
N MET A 360 -8.48 34.48 24.35
CA MET A 360 -7.53 33.86 25.27
C MET A 360 -6.18 34.56 25.21
N ALA A 361 -5.84 35.13 24.05
CA ALA A 361 -4.65 35.96 23.95
C ALA A 361 -4.77 37.19 24.84
N LYS A 362 -5.93 37.86 24.81
CA LYS A 362 -6.17 38.99 25.71
C LYS A 362 -6.13 38.57 27.17
N LEU A 363 -6.70 37.41 27.49
CA LEU A 363 -6.69 36.93 28.87
C LEU A 363 -5.35 36.37 29.29
N LEU A 364 -4.38 36.27 28.38
CA LEU A 364 -3.00 36.03 28.77
C LEU A 364 -2.14 37.28 28.66
N ASN A 365 -2.72 38.43 28.33
CA ASN A 365 -2.03 39.70 28.46
C ASN A 365 -2.16 40.29 29.86
N LEU A 366 -2.65 39.53 30.82
CA LEU A 366 -2.99 40.09 32.12
C LEU A 366 -2.31 39.38 33.29
N CYS A 367 -1.51 38.35 33.05
CA CYS A 367 -0.91 37.63 34.17
C CYS A 367 0.53 37.17 33.95
N SER A 368 1.23 37.67 32.94
CA SER A 368 2.59 37.19 32.68
C SER A 368 3.42 38.29 32.04
N LYS A 369 4.74 38.08 32.06
CA LYS A 369 5.69 38.94 31.38
C LYS A 369 5.75 38.57 29.91
N ASN A 370 6.23 39.53 29.11
CA ASN A 370 6.34 39.44 27.65
C ASN A 370 4.98 39.10 27.04
N LYS A 371 4.09 40.09 27.16
CA LYS A 371 2.67 39.93 26.90
C LYS A 371 2.42 39.53 25.44
N ILE A 372 1.56 38.53 25.26
CA ILE A 372 1.36 37.90 23.96
C ILE A 372 0.63 38.86 23.04
N ASN A 373 1.15 39.01 21.82
CA ASN A 373 0.44 39.73 20.77
C ASN A 373 -0.88 39.01 20.48
N PRO A 374 -2.01 39.72 20.52
CA PRO A 374 -3.29 39.07 20.19
C PRO A 374 -3.47 38.73 18.73
N LEU A 375 -2.52 39.11 17.87
CA LEU A 375 -2.52 38.61 16.51
C LEU A 375 -2.16 37.13 16.43
N ILE A 376 -1.54 36.59 17.48
CA ILE A 376 -1.15 35.20 17.48
C ILE A 376 -2.33 34.30 17.84
N GLY A 377 -3.36 34.87 18.47
CA GLY A 377 -4.45 34.05 19.01
C GLY A 377 -5.28 33.36 17.95
N SER A 378 -5.62 34.08 16.89
CA SER A 378 -6.40 33.49 15.81
C SER A 378 -5.55 32.63 14.89
N ALA A 379 -4.24 32.57 15.12
CA ALA A 379 -3.42 31.53 14.52
C ALA A 379 -3.45 30.24 15.32
N GLY A 380 -4.26 30.17 16.38
CA GLY A 380 -4.51 28.91 17.04
C GLY A 380 -5.37 27.96 16.24
N VAL A 381 -6.07 28.47 15.22
CA VAL A 381 -6.83 27.64 14.29
C VAL A 381 -5.83 26.90 13.41
N SER A 382 -5.87 25.57 13.46
CA SER A 382 -4.82 24.73 12.88
C SER A 382 -5.00 24.65 11.37
N ALA A 383 -4.46 25.66 10.68
CA ALA A 383 -4.54 25.71 9.23
C ALA A 383 -3.14 25.83 8.66
N VAL A 384 -2.26 24.92 9.06
CA VAL A 384 -0.83 24.90 8.75
C VAL A 384 -0.54 25.02 7.25
N PRO A 385 0.45 25.84 6.86
CA PRO A 385 1.11 26.80 7.75
C PRO A 385 0.46 28.16 7.63
N MET A 386 -0.54 28.28 6.76
CA MET A 386 -0.94 29.60 6.29
C MET A 386 -1.86 30.34 7.25
N ALA A 387 -2.31 29.73 8.34
CA ALA A 387 -2.93 30.52 9.40
C ALA A 387 -1.90 31.43 10.04
N ALA A 388 -0.68 30.93 10.24
CA ALA A 388 0.41 31.79 10.67
C ALA A 388 0.77 32.81 9.61
N ARG A 389 0.58 32.48 8.33
CA ARG A 389 0.86 33.44 7.27
C ARG A 389 -0.16 34.57 7.25
N VAL A 390 -1.44 34.26 7.51
CA VAL A 390 -2.42 35.33 7.49
C VAL A 390 -2.35 36.15 8.78
N SER A 391 -1.92 35.53 9.89
CA SER A 391 -1.63 36.33 11.07
C SER A 391 -0.39 37.19 10.86
N ASN A 392 0.57 36.71 10.05
CA ASN A 392 1.71 37.53 9.67
C ASN A 392 1.29 38.69 8.79
N LYS A 393 0.31 38.47 7.91
CA LYS A 393 -0.17 39.54 7.05
C LYS A 393 -0.88 40.62 7.85
N VAL A 394 -1.70 40.21 8.82
CA VAL A 394 -2.36 41.20 9.66
C VAL A 394 -1.37 41.86 10.61
N GLY A 395 -0.29 41.15 10.97
CA GLY A 395 0.76 41.77 11.76
C GLY A 395 1.56 42.80 10.98
N LEU A 396 1.89 42.50 9.72
CA LEU A 396 2.58 43.44 8.86
C LEU A 396 1.68 44.58 8.40
N GLU A 397 0.36 44.43 8.53
CA GLU A 397 -0.53 45.55 8.31
C GLU A 397 -0.30 46.66 9.34
N SER A 398 0.06 46.30 10.57
CA SER A 398 0.25 47.29 11.62
C SER A 398 1.67 47.84 11.70
N ASP A 399 2.67 47.14 11.17
CA ASP A 399 4.05 47.58 11.31
C ASP A 399 4.88 46.98 10.18
N ALA A 400 6.01 47.61 9.89
CA ALA A 400 6.89 47.11 8.83
C ALA A 400 7.97 46.17 9.34
N GLN A 401 8.21 46.12 10.65
CA GLN A 401 9.27 45.30 11.20
C GLN A 401 8.75 44.35 12.28
N ASN A 402 7.44 44.11 12.32
CA ASN A 402 6.84 43.18 13.27
C ASN A 402 6.60 41.88 12.53
N PHE A 403 7.59 41.00 12.57
CA PHE A 403 7.51 39.71 11.88
C PHE A 403 6.94 38.67 12.83
N LEU A 404 5.98 37.88 12.34
CA LEU A 404 5.30 36.90 13.17
C LEU A 404 5.32 35.49 12.63
N LEU A 405 5.84 35.28 11.41
CA LEU A 405 5.76 33.96 10.77
C LEU A 405 6.61 32.93 11.50
N MET A 406 7.77 33.34 12.00
CA MET A 406 8.58 32.45 12.83
C MET A 406 7.94 32.27 14.19
N HIS A 407 7.15 33.23 14.64
CA HIS A 407 6.72 33.27 16.03
C HIS A 407 5.31 32.71 16.23
N ALA A 408 4.42 32.93 15.27
CA ALA A 408 3.03 32.48 15.40
C ALA A 408 2.81 31.06 14.92
N MET A 409 3.86 30.29 14.66
CA MET A 409 3.68 28.86 14.39
C MET A 409 3.30 28.11 15.64
N GLY A 410 3.59 28.66 16.81
CA GLY A 410 3.36 28.03 18.09
C GLY A 410 1.93 27.62 18.37
N PRO A 411 1.00 28.58 18.37
CA PRO A 411 -0.41 28.22 18.49
C PRO A 411 -0.96 27.46 17.30
N ASN A 412 -0.31 27.52 16.14
CA ASN A 412 -0.75 26.71 15.00
C ASN A 412 -0.50 25.23 15.28
N VAL A 413 0.71 24.92 15.74
CA VAL A 413 1.05 23.55 16.14
C VAL A 413 0.23 23.13 17.35
N ALA A 414 -0.01 24.05 18.28
CA ALA A 414 -0.84 23.74 19.43
C ALA A 414 -2.29 23.49 19.03
N GLY A 415 -2.77 24.13 17.97
CA GLY A 415 -4.09 23.81 17.46
C GLY A 415 -4.15 22.46 16.78
N VAL A 416 -3.07 22.08 16.10
CA VAL A 416 -2.96 20.72 15.55
C VAL A 416 -3.03 19.68 16.66
N ILE A 417 -2.40 19.98 17.80
CA ILE A 417 -2.48 19.10 18.96
C ILE A 417 -3.90 19.09 19.54
N GLY A 418 -4.46 20.29 19.75
CA GLY A 418 -5.73 20.44 20.43
C GLY A 418 -6.91 19.91 19.66
N SER A 419 -6.84 19.88 18.33
CA SER A 419 -7.92 19.29 17.56
C SER A 419 -8.00 17.79 17.79
N ALA A 420 -6.85 17.13 17.90
CA ALA A 420 -6.85 15.72 18.24
C ALA A 420 -7.22 15.48 19.70
N ILE A 421 -6.88 16.42 20.59
CA ILE A 421 -7.31 16.31 21.99
C ILE A 421 -8.83 16.40 22.09
N ALA A 422 -9.42 17.36 21.39
CA ALA A 422 -10.88 17.48 21.37
C ALA A 422 -11.53 16.28 20.69
N ALA A 423 -10.87 15.72 19.67
CA ALA A 423 -11.34 14.49 19.05
C ALA A 423 -11.35 13.34 20.04
N GLY A 424 -10.32 13.25 20.87
CA GLY A 424 -10.26 12.18 21.86
C GLY A 424 -11.31 12.34 22.95
N VAL A 425 -11.54 13.58 23.39
CA VAL A 425 -12.50 13.76 24.48
C VAL A 425 -13.92 13.57 23.96
N MET A 426 -14.17 13.82 22.67
CA MET A 426 -15.49 13.53 22.15
C MET A 426 -15.67 12.06 21.81
N LEU A 427 -14.59 11.35 21.50
CA LEU A 427 -14.65 9.89 21.42
C LEU A 427 -14.98 9.29 22.78
N LYS A 428 -14.40 9.84 23.85
CA LYS A 428 -14.71 9.34 25.19
C LYS A 428 -16.15 9.68 25.58
N TYR A 429 -16.64 10.86 25.20
CA TYR A 429 -17.99 11.24 25.60
C TYR A 429 -19.05 10.48 24.82
N VAL A 430 -18.92 10.40 23.50
CA VAL A 430 -19.98 9.82 22.69
C VAL A 430 -20.03 8.31 22.83
N LEU A 431 -18.88 7.65 22.73
CA LEU A 431 -18.84 6.19 22.74
C LEU A 431 -18.92 5.60 24.15
N ALA A 432 -19.15 6.41 25.18
CA ALA A 432 -19.31 5.89 26.53
C ALA A 432 -20.26 6.76 27.34
N THR B 22 -38.37 17.56 24.43
CA THR B 22 -37.78 16.92 25.60
C THR B 22 -36.65 16.00 25.16
N ASN B 23 -36.87 15.25 24.08
CA ASN B 23 -35.86 14.38 23.49
C ASN B 23 -34.71 15.21 22.93
N ALA B 24 -35.03 16.39 22.41
CA ALA B 24 -34.02 17.31 21.93
C ALA B 24 -33.46 18.20 23.03
N ALA B 25 -34.27 18.48 24.05
CA ALA B 25 -33.76 19.21 25.21
C ALA B 25 -32.80 18.35 26.02
N LEU B 26 -33.01 17.04 26.00
CA LEU B 26 -32.03 16.10 26.56
C LEU B 26 -30.71 16.17 25.81
N LEU B 27 -30.79 16.27 24.47
CA LEU B 27 -29.60 16.39 23.65
C LEU B 27 -28.89 17.72 23.90
N LEU B 28 -29.67 18.78 24.17
CA LEU B 28 -29.08 20.05 24.55
C LEU B 28 -28.37 19.99 25.89
N GLY B 29 -28.95 19.28 26.86
CA GLY B 29 -28.28 19.10 28.14
C GLY B 29 -27.01 18.29 28.00
N GLU B 30 -27.05 17.28 27.13
CA GLU B 30 -25.86 16.49 26.84
C GLU B 30 -24.78 17.34 26.17
N GLY B 31 -25.18 18.24 25.27
CA GLY B 31 -24.20 19.09 24.62
C GLY B 31 -23.62 20.15 25.52
N PHE B 32 -24.46 20.71 26.41
CA PHE B 32 -23.98 21.64 27.43
C PHE B 32 -23.03 20.97 28.40
N THR B 33 -23.26 19.70 28.73
CA THR B 33 -22.30 18.97 29.54
C THR B 33 -21.05 18.67 28.74
N LEU B 34 -21.20 18.44 27.43
CA LEU B 34 -20.07 18.10 26.56
C LEU B 34 -19.13 19.27 26.39
N MET B 35 -19.66 20.48 26.19
CA MET B 35 -18.81 21.66 26.00
C MET B 35 -18.02 21.95 27.25
N PHE B 36 -18.67 21.85 28.40
CA PHE B 36 -18.03 22.12 29.68
C PHE B 36 -16.95 21.09 30.00
N LEU B 37 -17.27 19.79 29.87
CA LEU B 37 -16.29 18.75 30.17
C LEU B 37 -15.18 18.70 29.13
N GLY B 38 -15.50 19.04 27.88
CA GLY B 38 -14.48 19.01 26.84
C GLY B 38 -13.49 20.14 26.99
N MET B 39 -13.99 21.36 27.27
CA MET B 39 -13.08 22.47 27.54
C MET B 39 -12.31 22.24 28.82
N GLY B 40 -12.92 21.56 29.80
CA GLY B 40 -12.20 21.20 31.01
C GLY B 40 -11.04 20.25 30.76
N PHE B 41 -11.28 19.19 29.99
CA PHE B 41 -10.21 18.25 29.67
C PHE B 41 -9.14 18.86 28.78
N VAL B 42 -9.54 19.75 27.85
CA VAL B 42 -8.56 20.38 26.96
C VAL B 42 -7.67 21.34 27.75
N LEU B 43 -8.28 22.20 28.57
CA LEU B 43 -7.50 23.11 29.41
C LEU B 43 -6.63 22.35 30.41
N ALA B 44 -7.13 21.23 30.96
CA ALA B 44 -6.35 20.47 31.92
C ALA B 44 -5.17 19.79 31.27
N PHE B 45 -5.39 19.18 30.09
CA PHE B 45 -4.31 18.49 29.39
C PHE B 45 -3.26 19.47 28.90
N LEU B 46 -3.66 20.66 28.46
CA LEU B 46 -2.67 21.61 27.98
C LEU B 46 -1.97 22.34 29.12
N PHE B 47 -2.64 22.51 30.27
CA PHE B 47 -1.95 22.96 31.47
C PHE B 47 -0.88 21.97 31.91
N LEU B 48 -1.22 20.67 31.87
CA LEU B 48 -0.23 19.66 32.21
C LEU B 48 0.90 19.62 31.18
N LEU B 49 0.63 19.91 29.91
CA LEU B 49 1.71 20.00 28.94
C LEU B 49 2.62 21.21 29.19
N ILE B 50 2.04 22.35 29.57
CA ILE B 50 2.84 23.53 29.88
C ILE B 50 3.74 23.27 31.07
N PHE B 51 3.18 22.66 32.13
CA PHE B 51 4.00 22.35 33.31
C PHE B 51 5.02 21.25 33.00
N ALA B 52 4.68 20.34 32.07
CA ALA B 52 5.62 19.29 31.70
C ALA B 52 6.80 19.85 30.92
N ILE B 53 6.54 20.81 30.03
CA ILE B 53 7.64 21.47 29.30
C ILE B 53 8.49 22.30 30.25
N ARG B 54 7.84 22.98 31.21
CA ARG B 54 8.57 23.77 32.20
C ARG B 54 9.47 22.91 33.09
N GLY B 55 9.02 21.69 33.41
CA GLY B 55 9.87 20.77 34.15
C GLY B 55 10.94 20.12 33.32
N MET B 56 10.62 19.75 32.07
CA MET B 56 11.60 19.07 31.23
C MET B 56 12.65 20.03 30.72
N SER B 57 12.39 21.35 30.78
CA SER B 57 13.43 22.33 30.50
C SER B 57 14.57 22.21 31.51
N ALA B 58 14.23 22.18 32.80
CA ALA B 58 15.25 22.01 33.83
C ALA B 58 15.83 20.61 33.81
N ALA B 59 15.03 19.63 33.38
CA ALA B 59 15.53 18.26 33.26
C ALA B 59 16.58 18.13 32.15
N VAL B 60 16.36 18.81 31.02
CA VAL B 60 17.35 18.83 29.95
C VAL B 60 18.54 19.70 30.35
N ASN B 61 18.31 20.74 31.16
CA ASN B 61 19.42 21.51 31.71
C ASN B 61 20.28 20.69 32.67
N ARG B 62 19.69 19.68 33.29
CA ARG B 62 20.50 18.69 34.02
C ARG B 62 21.27 17.79 33.05
N PHE B 63 20.56 17.10 32.17
CA PHE B 63 21.19 16.22 31.19
C PHE B 63 21.83 17.03 30.06
N LEU C 13 12.99 -31.35 -7.84
CA LEU C 13 13.92 -32.47 -7.76
C LEU C 13 13.18 -33.74 -8.17
N MET C 14 12.47 -34.33 -7.21
CA MET C 14 11.62 -35.47 -7.47
C MET C 14 10.14 -35.12 -7.47
N HIS C 15 9.80 -33.85 -7.30
CA HIS C 15 8.42 -33.37 -7.42
C HIS C 15 8.28 -32.32 -8.49
N LEU C 16 9.34 -32.07 -9.26
CA LEU C 16 9.28 -31.17 -10.41
C LEU C 16 8.43 -31.81 -11.49
N GLY C 17 7.26 -31.23 -11.75
CA GLY C 17 6.31 -31.80 -12.66
C GLY C 17 6.73 -31.66 -14.11
N ALA C 18 5.90 -32.26 -14.98
CA ALA C 18 6.17 -32.21 -16.41
C ALA C 18 5.90 -30.82 -16.97
N GLY C 19 4.73 -30.25 -16.65
CA GLY C 19 4.42 -28.92 -17.12
C GLY C 19 5.17 -27.83 -16.37
N GLN C 20 5.50 -28.08 -15.10
CA GLN C 20 6.22 -27.09 -14.31
C GLN C 20 7.68 -26.97 -14.68
N ALA C 21 8.21 -27.88 -15.51
CA ALA C 21 9.53 -27.66 -16.09
C ALA C 21 9.45 -26.75 -17.30
N ILE C 22 8.44 -26.98 -18.15
CA ILE C 22 8.22 -26.13 -19.32
C ILE C 22 7.88 -24.71 -18.89
N MET C 23 7.21 -24.56 -17.75
CA MET C 23 6.87 -23.22 -17.28
C MET C 23 8.09 -22.49 -16.75
N LEU C 24 9.01 -23.19 -16.09
CA LEU C 24 10.26 -22.54 -15.71
C LEU C 24 11.10 -22.20 -16.92
N LEU C 25 11.03 -23.01 -17.98
CA LEU C 25 11.77 -22.68 -19.20
C LEU C 25 11.17 -21.47 -19.91
N VAL C 26 9.84 -21.35 -19.92
CA VAL C 26 9.26 -20.17 -20.57
C VAL C 26 9.38 -18.94 -19.68
N SER C 27 9.54 -19.11 -18.37
CA SER C 27 9.79 -17.95 -17.52
C SER C 27 11.23 -17.47 -17.67
N LEU C 28 12.18 -18.40 -17.83
CA LEU C 28 13.52 -17.99 -18.23
C LEU C 28 13.53 -17.37 -19.61
N LEU C 29 12.63 -17.81 -20.50
CA LEU C 29 12.51 -17.15 -21.80
C LEU C 29 12.01 -15.73 -21.64
N LEU C 30 11.08 -15.50 -20.71
CA LEU C 30 10.61 -14.14 -20.44
C LEU C 30 11.69 -13.28 -19.80
N LEU C 31 12.53 -13.88 -18.95
CA LEU C 31 13.62 -13.11 -18.33
C LEU C 31 14.66 -12.73 -19.37
N TRP C 32 15.22 -13.73 -20.08
CA TRP C 32 16.19 -13.52 -21.15
C TRP C 32 15.63 -12.69 -22.28
N LEU C 33 14.31 -12.68 -22.45
CA LEU C 33 13.60 -11.78 -23.32
C LEU C 33 13.67 -10.34 -22.84
N ALA C 34 13.26 -10.09 -21.60
CA ALA C 34 13.07 -8.73 -21.11
C ALA C 34 14.31 -8.14 -20.45
N ILE C 35 15.43 -8.85 -20.42
CA ILE C 35 16.69 -8.31 -19.92
C ILE C 35 17.68 -8.08 -21.03
N ALA C 36 17.90 -9.08 -21.88
CA ALA C 36 18.91 -8.96 -22.92
C ALA C 36 18.42 -8.05 -24.04
N LYS C 37 17.20 -8.28 -24.53
CA LYS C 37 16.71 -7.49 -25.64
C LYS C 37 15.76 -6.38 -25.22
N LYS C 38 15.41 -6.32 -23.92
CA LYS C 38 14.74 -5.20 -23.27
C LYS C 38 13.37 -4.90 -23.90
N PHE C 39 12.46 -5.86 -23.86
CA PHE C 39 11.19 -5.67 -24.54
C PHE C 39 10.28 -4.68 -23.81
N GLU C 40 9.78 -5.05 -22.64
CA GLU C 40 9.03 -4.14 -21.78
C GLU C 40 9.41 -4.44 -20.35
N PRO C 41 10.65 -4.12 -19.97
CA PRO C 41 11.22 -4.71 -18.76
C PRO C 41 10.62 -4.16 -17.48
N LEU C 42 9.91 -3.04 -17.55
CA LEU C 42 9.26 -2.50 -16.37
C LEU C 42 8.14 -3.42 -15.91
N LEU C 43 7.47 -4.06 -16.84
CA LEU C 43 6.37 -4.97 -16.53
C LEU C 43 6.63 -6.42 -16.92
N LEU C 44 7.43 -6.68 -17.94
CA LEU C 44 7.60 -8.06 -18.38
C LEU C 44 8.60 -8.81 -17.50
N LEU C 45 9.54 -8.10 -16.88
CA LEU C 45 10.45 -8.74 -15.92
C LEU C 45 9.74 -9.24 -14.66
N PRO C 46 8.86 -8.46 -13.99
CA PRO C 46 8.15 -9.07 -12.84
C PRO C 46 7.15 -10.13 -13.26
N ILE C 47 6.61 -10.07 -14.47
CA ILE C 47 5.71 -11.12 -14.95
C ILE C 47 6.48 -12.43 -15.14
N GLY C 48 7.65 -12.35 -15.78
CA GLY C 48 8.47 -13.54 -15.92
C GLY C 48 8.97 -14.09 -14.60
N PHE C 49 9.27 -13.21 -13.66
CA PHE C 49 9.71 -13.70 -12.36
C PHE C 49 8.55 -14.28 -11.54
N GLY C 50 7.34 -13.75 -11.70
CA GLY C 50 6.17 -14.34 -11.06
C GLY C 50 5.87 -15.69 -11.67
N GLY C 51 6.18 -15.83 -12.96
CA GLY C 51 6.12 -17.13 -13.59
C GLY C 51 7.13 -18.10 -13.01
N LEU C 52 8.29 -17.60 -12.60
CA LEU C 52 9.24 -18.45 -11.89
C LEU C 52 8.71 -18.90 -10.54
N LEU C 53 8.25 -17.95 -9.71
CA LEU C 53 7.80 -18.28 -8.36
C LEU C 53 6.51 -19.09 -8.35
N SER C 54 5.69 -18.98 -9.39
CA SER C 54 4.43 -19.70 -9.43
C SER C 54 4.64 -21.19 -9.66
N ASN C 55 5.80 -21.56 -10.21
CA ASN C 55 6.02 -22.90 -10.69
C ASN C 55 7.19 -23.56 -9.98
N ILE C 56 7.60 -23.02 -8.84
CA ILE C 56 8.51 -23.70 -7.93
C ILE C 56 7.73 -24.91 -7.43
N PRO C 57 8.19 -26.13 -7.72
CA PRO C 57 7.38 -27.32 -7.43
C PRO C 57 7.28 -27.59 -5.93
N GLU C 58 6.05 -27.83 -5.47
CA GLU C 58 5.70 -28.05 -4.07
C GLU C 58 6.18 -26.89 -3.20
N ALA C 59 5.76 -25.69 -3.58
CA ALA C 59 6.08 -24.48 -2.83
C ALA C 59 4.87 -23.78 -2.27
N GLY C 60 3.72 -23.89 -2.93
CA GLY C 60 2.51 -23.28 -2.46
C GLY C 60 2.30 -21.85 -2.89
N MET C 61 3.32 -21.19 -3.45
CA MET C 61 3.16 -19.83 -3.92
C MET C 61 2.25 -19.80 -5.14
N ALA C 62 1.57 -18.67 -5.32
CA ALA C 62 0.58 -18.44 -6.38
C ALA C 62 -0.53 -19.48 -6.37
N LEU C 63 -0.84 -20.02 -5.20
CA LEU C 63 -1.89 -21.01 -5.04
C LEU C 63 -2.78 -20.54 -3.91
N THR C 64 -4.09 -20.54 -4.15
CA THR C 64 -5.03 -20.41 -3.07
C THR C 64 -4.92 -21.64 -2.18
N ALA C 65 -5.30 -21.49 -0.91
CA ALA C 65 -5.25 -22.61 0.02
C ALA C 65 -6.16 -23.74 -0.41
N LEU C 66 -7.27 -23.40 -1.06
CA LEU C 66 -8.12 -24.42 -1.67
C LEU C 66 -7.45 -25.03 -2.89
N GLU C 67 -6.81 -24.22 -3.73
CA GLU C 67 -6.07 -24.77 -4.86
C GLU C 67 -4.83 -25.54 -4.39
N SER C 68 -4.24 -25.13 -3.28
CA SER C 68 -3.14 -25.90 -2.71
C SER C 68 -3.62 -27.23 -2.15
N LEU C 69 -4.84 -27.25 -1.60
CA LEU C 69 -5.43 -28.49 -1.14
C LEU C 69 -5.75 -29.42 -2.30
N LEU C 70 -6.19 -28.84 -3.41
CA LEU C 70 -6.39 -29.64 -4.63
C LEU C 70 -5.07 -30.12 -5.20
N ALA C 71 -3.96 -29.44 -4.91
CA ALA C 71 -2.66 -29.91 -5.34
C ALA C 71 -2.03 -30.93 -4.40
N HIS C 72 -2.42 -30.96 -3.14
CA HIS C 72 -1.72 -31.84 -2.20
C HIS C 72 -2.16 -33.30 -2.28
N HIS C 73 -3.41 -33.55 -2.68
CA HIS C 73 -3.98 -34.90 -2.89
C HIS C 73 -3.99 -35.73 -1.61
N ASP C 74 -4.80 -35.28 -0.64
CA ASP C 74 -5.20 -36.11 0.48
C ASP C 74 -6.60 -36.64 0.24
N ALA C 75 -6.82 -37.92 0.57
CA ALA C 75 -8.06 -38.58 0.20
C ALA C 75 -9.24 -38.08 1.03
N GLY C 76 -9.06 -38.03 2.35
CA GLY C 76 -10.15 -37.57 3.21
C GLY C 76 -10.43 -36.08 3.07
N GLN C 77 -9.40 -35.30 2.75
CA GLN C 77 -9.61 -33.88 2.54
C GLN C 77 -10.43 -33.62 1.30
N LEU C 78 -10.09 -34.28 0.19
CA LEU C 78 -10.91 -34.20 -1.02
C LEU C 78 -12.28 -34.80 -0.82
N ALA C 79 -12.40 -35.77 0.10
CA ALA C 79 -13.72 -36.29 0.46
C ALA C 79 -14.56 -35.22 1.13
N VAL C 80 -13.95 -34.41 2.01
CA VAL C 80 -14.69 -33.33 2.66
C VAL C 80 -15.06 -32.25 1.65
N ILE C 81 -14.15 -31.94 0.71
CA ILE C 81 -14.41 -30.93 -0.31
C ILE C 81 -15.57 -31.35 -1.21
N ALA C 82 -15.56 -32.61 -1.66
CA ALA C 82 -16.64 -33.10 -2.51
C ALA C 82 -17.93 -33.29 -1.71
N ALA C 83 -17.82 -33.54 -0.40
CA ALA C 83 -19.01 -33.67 0.43
C ALA C 83 -19.65 -32.32 0.70
N LYS C 84 -18.90 -31.24 0.60
CA LYS C 84 -19.49 -29.92 0.71
C LYS C 84 -19.88 -29.32 -0.64
N LEU C 85 -19.28 -29.79 -1.73
CA LEU C 85 -19.60 -29.27 -3.06
C LEU C 85 -20.56 -30.14 -3.84
N ASN C 86 -20.86 -31.35 -3.37
CA ASN C 86 -21.77 -32.32 -3.99
C ASN C 86 -21.33 -32.67 -5.41
N CYS C 87 -20.15 -33.28 -5.50
CA CYS C 87 -19.60 -33.69 -6.79
C CYS C 87 -18.76 -34.95 -6.57
N ALA C 88 -17.94 -35.29 -7.55
CA ALA C 88 -17.10 -36.47 -7.48
C ALA C 88 -15.78 -36.15 -6.75
N PRO C 89 -15.28 -37.07 -5.92
CA PRO C 89 -14.00 -36.83 -5.24
C PRO C 89 -12.81 -36.94 -6.18
N ASP C 90 -12.53 -35.83 -6.86
CA ASP C 90 -11.61 -35.83 -7.99
C ASP C 90 -10.76 -34.57 -7.86
N VAL C 91 -10.09 -34.18 -8.95
CA VAL C 91 -9.46 -32.87 -9.07
C VAL C 91 -10.05 -32.09 -10.23
N HIS C 92 -10.16 -32.72 -11.40
CA HIS C 92 -10.76 -32.09 -12.56
C HIS C 92 -12.27 -31.94 -12.43
N ALA C 93 -12.91 -32.62 -11.48
CA ALA C 93 -14.32 -32.40 -11.22
C ALA C 93 -14.56 -31.38 -10.12
N ILE C 94 -13.62 -31.21 -9.20
CA ILE C 94 -13.77 -30.22 -8.14
C ILE C 94 -13.61 -28.81 -8.69
N LYS C 95 -12.72 -28.63 -9.66
CA LYS C 95 -12.58 -27.32 -10.30
C LYS C 95 -13.83 -26.97 -11.11
N GLU C 96 -14.43 -27.96 -11.76
CA GLU C 96 -15.66 -27.71 -12.51
C GLU C 96 -16.83 -27.47 -11.58
N ALA C 97 -16.86 -28.15 -10.43
CA ALA C 97 -17.89 -27.89 -9.43
C ALA C 97 -17.67 -26.56 -8.72
N LEU C 98 -16.44 -26.05 -8.75
CA LEU C 98 -16.08 -24.83 -8.06
C LEU C 98 -16.33 -23.60 -8.92
N ALA C 99 -16.03 -23.70 -10.22
CA ALA C 99 -16.22 -22.55 -11.10
C ALA C 99 -17.68 -22.25 -11.32
N LEU C 100 -18.54 -23.26 -11.29
CA LEU C 100 -19.97 -23.05 -11.41
C LEU C 100 -20.62 -22.61 -10.11
N ALA C 101 -19.92 -22.73 -8.99
CA ALA C 101 -20.49 -22.42 -7.70
C ALA C 101 -20.58 -20.91 -7.49
N LEU C 102 -21.28 -20.53 -6.43
CA LEU C 102 -21.40 -19.13 -6.07
C LEU C 102 -20.11 -18.64 -5.42
N PRO C 103 -19.87 -17.33 -5.42
CA PRO C 103 -18.67 -16.81 -4.73
C PRO C 103 -18.67 -17.01 -3.22
N SER C 104 -19.82 -17.02 -2.55
CA SER C 104 -19.80 -17.33 -1.13
C SER C 104 -19.53 -18.80 -0.88
N VAL C 105 -19.98 -19.67 -1.79
CA VAL C 105 -19.66 -21.08 -1.69
C VAL C 105 -18.17 -21.30 -1.84
N GLN C 106 -17.57 -20.64 -2.84
CA GLN C 106 -16.12 -20.73 -3.04
C GLN C 106 -15.36 -20.13 -1.87
N GLY C 107 -15.89 -19.06 -1.28
CA GLY C 107 -15.24 -18.45 -0.12
C GLY C 107 -15.28 -19.34 1.10
N GLN C 108 -16.41 -20.01 1.35
CA GLN C 108 -16.45 -20.89 2.50
C GLN C 108 -15.70 -22.19 2.27
N MET C 109 -15.51 -22.60 1.02
CA MET C 109 -14.61 -23.72 0.77
C MET C 109 -13.15 -23.33 0.97
N GLU C 110 -12.78 -22.10 0.62
CA GLU C 110 -11.44 -21.63 0.93
C GLU C 110 -11.24 -21.48 2.44
N ASN C 111 -12.30 -21.09 3.14
CA ASN C 111 -12.24 -21.02 4.60
C ASN C 111 -12.05 -22.40 5.21
N LEU C 112 -12.75 -23.40 4.67
CA LEU C 112 -12.59 -24.77 5.14
C LEU C 112 -11.22 -25.32 4.77
N ALA C 113 -10.62 -24.83 3.68
CA ALA C 113 -9.26 -25.24 3.34
C ALA C 113 -8.24 -24.62 4.29
N VAL C 114 -8.48 -23.38 4.72
CA VAL C 114 -7.63 -22.75 5.74
C VAL C 114 -7.80 -23.48 7.06
N ASP C 115 -8.97 -24.04 7.32
CA ASP C 115 -9.16 -24.88 8.51
C ASP C 115 -8.32 -26.15 8.49
N MET C 116 -7.92 -26.63 7.31
CA MET C 116 -7.09 -27.81 7.21
C MET C 116 -5.61 -27.49 7.19
N GLY C 117 -5.21 -26.36 7.79
CA GLY C 117 -3.82 -25.99 7.95
C GLY C 117 -3.19 -25.30 6.77
N TYR C 118 -3.84 -25.34 5.60
CA TYR C 118 -3.22 -24.82 4.40
C TYR C 118 -3.38 -23.31 4.33
N THR C 119 -2.29 -22.62 4.06
CA THR C 119 -2.32 -21.19 3.95
C THR C 119 -2.26 -20.77 2.47
N PRO C 120 -2.86 -19.64 2.11
CA PRO C 120 -2.72 -19.15 0.75
C PRO C 120 -1.30 -18.70 0.48
N GLY C 121 -0.85 -18.91 -0.75
CA GLY C 121 0.46 -18.44 -1.15
C GLY C 121 0.53 -16.93 -1.21
N VAL C 122 1.75 -16.42 -1.25
CA VAL C 122 1.96 -14.98 -1.18
C VAL C 122 1.51 -14.31 -2.47
N LEU C 123 1.81 -14.94 -3.61
CA LEU C 123 1.32 -14.40 -4.86
C LEU C 123 -0.18 -14.58 -5.02
N ALA C 124 -0.78 -15.55 -4.31
CA ALA C 124 -2.23 -15.62 -4.30
C ALA C 124 -2.83 -14.44 -3.55
N LEU C 125 -2.18 -14.00 -2.47
CA LEU C 125 -2.62 -12.80 -1.78
C LEU C 125 -2.42 -11.56 -2.64
N PHE C 126 -1.30 -11.50 -3.37
CA PHE C 126 -1.07 -10.38 -4.28
C PHE C 126 -2.07 -10.37 -5.42
N TYR C 127 -2.53 -11.53 -5.86
CA TYR C 127 -3.60 -11.57 -6.86
C TYR C 127 -4.92 -11.13 -6.28
N LYS C 128 -5.22 -11.56 -5.05
CA LYS C 128 -6.52 -11.26 -4.46
C LYS C 128 -6.67 -9.80 -4.11
N VAL C 129 -5.59 -9.16 -3.65
CA VAL C 129 -5.68 -7.77 -3.21
C VAL C 129 -5.54 -6.81 -4.37
N ALA C 130 -4.49 -6.98 -5.17
CA ALA C 130 -4.14 -5.95 -6.14
C ALA C 130 -5.03 -5.97 -7.38
N ILE C 131 -5.14 -7.11 -8.03
CA ILE C 131 -5.59 -7.16 -9.41
C ILE C 131 -6.96 -7.83 -9.56
N GLY C 132 -7.27 -8.84 -8.74
CA GLY C 132 -8.59 -9.42 -8.77
C GLY C 132 -9.64 -8.50 -8.19
N SER C 133 -9.24 -7.60 -7.31
CA SER C 133 -10.11 -6.52 -6.86
C SER C 133 -10.32 -5.47 -7.93
N GLY C 134 -9.44 -5.41 -8.93
CA GLY C 134 -9.52 -4.35 -9.91
C GLY C 134 -8.93 -3.05 -9.43
N VAL C 135 -7.99 -3.09 -8.50
CA VAL C 135 -7.34 -1.89 -7.98
C VAL C 135 -6.03 -1.61 -8.70
N ALA C 136 -5.17 -2.61 -8.83
CA ALA C 136 -3.87 -2.40 -9.47
C ALA C 136 -3.93 -2.02 -10.95
N PRO C 137 -4.72 -2.64 -11.82
CA PRO C 137 -4.77 -2.13 -13.20
C PRO C 137 -5.52 -0.82 -13.35
N LEU C 138 -6.11 -0.27 -12.30
CA LEU C 138 -6.56 1.11 -12.35
C LEU C 138 -5.53 2.10 -11.85
N VAL C 139 -4.74 1.73 -10.84
CA VAL C 139 -3.70 2.63 -10.36
C VAL C 139 -2.60 2.77 -11.41
N ILE C 140 -2.25 1.66 -12.07
CA ILE C 140 -1.26 1.74 -13.15
C ILE C 140 -1.81 2.53 -14.33
N PHE C 141 -3.12 2.47 -14.53
CA PHE C 141 -3.71 3.22 -15.64
C PHE C 141 -3.82 4.70 -15.28
N MET C 142 -3.95 4.99 -13.98
CA MET C 142 -3.84 6.37 -13.50
C MET C 142 -2.44 6.91 -13.72
N GLY C 143 -1.44 6.07 -13.54
CA GLY C 143 -0.09 6.49 -13.84
C GLY C 143 0.18 6.67 -15.32
N VAL C 144 -0.48 5.87 -16.15
CA VAL C 144 -0.43 6.10 -17.59
C VAL C 144 -1.08 7.45 -17.91
N GLY C 145 -2.16 7.78 -17.22
CA GLY C 145 -2.75 9.10 -17.37
C GLY C 145 -1.89 10.22 -16.85
N ALA C 146 -0.99 9.94 -15.91
CA ALA C 146 -0.15 10.99 -15.38
C ALA C 146 1.15 11.19 -16.15
N MET C 147 1.46 10.31 -17.10
CA MET C 147 2.64 10.44 -17.93
C MET C 147 2.34 11.00 -19.31
N THR C 148 1.07 11.30 -19.59
CA THR C 148 0.60 11.45 -20.95
C THR C 148 0.42 12.92 -21.29
N ASP C 149 0.99 13.34 -22.42
CA ASP C 149 0.84 14.70 -22.91
C ASP C 149 -0.33 14.77 -23.89
N PHE C 150 -0.99 15.93 -23.92
CA PHE C 150 -2.19 16.12 -24.71
C PHE C 150 -2.13 17.30 -25.65
N GLY C 151 -1.09 18.12 -25.56
CA GLY C 151 -0.75 19.11 -26.56
C GLY C 151 -0.69 18.57 -27.98
N PRO C 152 0.03 17.47 -28.23
CA PRO C 152 -0.05 16.84 -29.55
C PRO C 152 -1.40 16.23 -29.91
N LEU C 153 -2.36 16.17 -28.99
CA LEU C 153 -3.69 15.65 -29.31
C LEU C 153 -4.71 16.76 -29.51
N LEU C 154 -4.74 17.74 -28.59
CA LEU C 154 -5.69 18.83 -28.67
C LEU C 154 -5.42 19.71 -29.87
N ALA C 155 -4.15 19.89 -30.22
CA ALA C 155 -3.82 20.36 -31.56
C ALA C 155 -4.11 19.23 -32.54
N ASN C 156 -4.79 19.57 -33.64
CA ASN C 156 -5.32 18.66 -34.65
C ASN C 156 -6.18 17.57 -34.01
N PRO C 157 -7.41 17.89 -33.59
CA PRO C 157 -8.25 16.89 -32.91
C PRO C 157 -8.74 15.78 -33.82
N ARG C 158 -8.63 15.95 -35.14
CA ARG C 158 -9.03 14.95 -36.12
C ARG C 158 -8.23 13.66 -36.01
N THR C 159 -7.05 13.75 -35.40
CA THR C 159 -6.24 12.58 -35.10
C THR C 159 -6.84 11.68 -34.03
N LEU C 160 -7.84 12.15 -33.27
CA LEU C 160 -8.60 11.25 -32.42
C LEU C 160 -9.28 10.16 -33.22
N LEU C 161 -9.74 10.49 -34.44
CA LEU C 161 -10.40 9.54 -35.30
C LEU C 161 -9.44 8.46 -35.82
N LEU C 162 -8.13 8.71 -35.76
CA LEU C 162 -7.18 7.66 -36.10
C LEU C 162 -7.13 6.61 -35.00
N GLY C 163 -7.21 7.04 -33.75
CA GLY C 163 -7.37 6.11 -32.65
C GLY C 163 -8.73 5.48 -32.54
N ALA C 164 -9.70 5.93 -33.32
CA ALA C 164 -11.00 5.27 -33.42
C ALA C 164 -10.89 3.98 -34.21
N ALA C 165 -10.42 4.06 -35.46
CA ALA C 165 -10.23 2.88 -36.26
C ALA C 165 -8.97 2.11 -35.88
N ALA C 166 -8.10 2.67 -35.05
CA ALA C 166 -7.00 1.88 -34.51
C ALA C 166 -7.48 0.85 -33.50
N GLN C 167 -8.71 0.96 -33.00
CA GLN C 167 -9.27 -0.04 -32.12
C GLN C 167 -10.01 -1.14 -32.87
N PHE C 168 -9.97 -1.13 -34.20
CA PHE C 168 -10.59 -2.19 -34.97
C PHE C 168 -9.88 -3.52 -34.80
N GLY C 169 -8.60 -3.49 -34.41
CA GLY C 169 -7.85 -4.71 -34.19
C GLY C 169 -8.39 -5.55 -33.05
N ILE C 170 -8.91 -4.90 -32.01
CA ILE C 170 -9.53 -5.61 -30.90
C ILE C 170 -10.72 -6.42 -31.37
N PHE C 171 -11.61 -5.78 -32.12
CA PHE C 171 -12.85 -6.40 -32.52
C PHE C 171 -12.61 -7.45 -33.59
N ALA C 172 -11.62 -7.23 -34.46
CA ALA C 172 -11.23 -8.25 -35.42
C ALA C 172 -10.60 -9.44 -34.73
N THR C 173 -9.89 -9.22 -33.62
CA THR C 173 -9.33 -10.33 -32.87
C THR C 173 -10.43 -11.10 -32.15
N VAL C 174 -11.49 -10.40 -31.74
CA VAL C 174 -12.64 -11.08 -31.14
C VAL C 174 -13.35 -11.95 -32.16
N LEU C 175 -13.50 -11.42 -33.38
CA LEU C 175 -14.03 -12.23 -34.48
C LEU C 175 -13.14 -13.43 -34.78
N GLY C 176 -11.82 -13.24 -34.72
CA GLY C 176 -10.92 -14.35 -34.94
C GLY C 176 -10.99 -15.39 -33.85
N ALA C 177 -11.18 -14.95 -32.60
CA ALA C 177 -11.35 -15.89 -31.49
C ALA C 177 -12.66 -16.66 -31.61
N LEU C 178 -13.72 -15.99 -32.02
CA LEU C 178 -15.02 -16.66 -32.11
C LEU C 178 -15.08 -17.58 -33.32
N THR C 179 -14.37 -17.25 -34.40
CA THR C 179 -14.32 -18.18 -35.52
C THR C 179 -13.29 -19.27 -35.27
N LEU C 180 -12.37 -19.05 -34.35
CA LEU C 180 -11.50 -20.13 -33.91
C LEU C 180 -12.25 -21.09 -33.00
N ASN C 181 -13.28 -20.57 -32.33
CA ASN C 181 -14.23 -21.46 -31.66
C ASN C 181 -15.12 -22.16 -32.67
N TYR C 182 -15.55 -21.46 -33.72
CA TYR C 182 -16.55 -22.00 -34.63
C TYR C 182 -15.96 -23.07 -35.53
N PHE C 183 -14.70 -22.95 -35.89
CA PHE C 183 -14.07 -23.99 -36.69
C PHE C 183 -13.81 -25.25 -35.88
N GLY C 184 -13.88 -25.18 -34.56
CA GLY C 184 -13.74 -26.35 -33.73
C GLY C 184 -12.32 -26.71 -33.37
N LEU C 185 -11.40 -25.75 -33.46
CA LEU C 185 -10.01 -26.03 -33.10
C LEU C 185 -9.82 -25.96 -31.59
N ILE C 186 -10.07 -24.79 -30.99
CA ILE C 186 -10.01 -24.60 -29.56
C ILE C 186 -11.21 -23.79 -29.12
N SER C 187 -11.62 -23.99 -27.86
CA SER C 187 -12.90 -23.50 -27.37
C SER C 187 -12.72 -22.14 -26.69
N PHE C 188 -13.42 -21.14 -27.20
CA PHE C 188 -13.44 -19.79 -26.64
C PHE C 188 -14.90 -19.44 -26.33
N THR C 189 -15.23 -19.33 -25.06
CA THR C 189 -16.51 -18.73 -24.74
C THR C 189 -16.40 -17.22 -24.89
N LEU C 190 -17.55 -16.57 -25.04
CA LEU C 190 -17.57 -15.13 -25.28
C LEU C 190 -16.99 -14.26 -24.16
N PRO C 191 -17.27 -14.47 -22.87
CA PRO C 191 -16.53 -13.70 -21.85
C PRO C 191 -15.05 -14.05 -21.77
N GLN C 192 -14.65 -15.19 -22.30
CA GLN C 192 -13.24 -15.57 -22.38
C GLN C 192 -12.62 -15.04 -23.66
N ALA C 193 -13.36 -15.04 -24.76
CA ALA C 193 -12.85 -14.51 -26.02
C ALA C 193 -12.89 -13.00 -26.08
N ALA C 194 -13.55 -12.35 -25.12
CA ALA C 194 -13.55 -10.90 -25.11
C ALA C 194 -12.26 -10.33 -24.53
N ALA C 195 -11.61 -11.06 -23.64
CA ALA C 195 -10.38 -10.57 -23.05
C ALA C 195 -9.19 -10.76 -23.97
N ILE C 196 -9.31 -11.59 -24.99
CA ILE C 196 -8.21 -11.78 -25.93
C ILE C 196 -8.12 -10.58 -26.86
N GLY C 197 -9.24 -9.91 -27.09
CA GLY C 197 -9.26 -8.80 -28.03
C GLY C 197 -8.48 -7.59 -27.58
N ILE C 198 -8.47 -7.30 -26.28
CA ILE C 198 -7.90 -6.06 -25.75
C ILE C 198 -6.38 -6.02 -25.89
N ILE C 199 -5.75 -7.16 -26.22
CA ILE C 199 -4.36 -7.19 -26.65
C ILE C 199 -4.15 -6.29 -27.86
N GLY C 200 -5.13 -6.23 -28.76
CA GLY C 200 -5.02 -5.44 -29.97
C GLY C 200 -5.01 -3.94 -29.76
N GLY C 201 -5.46 -3.48 -28.61
CA GLY C 201 -5.31 -2.08 -28.30
C GLY C 201 -3.97 -1.72 -27.72
N ALA C 202 -3.11 -2.73 -27.50
CA ALA C 202 -1.74 -2.59 -27.01
C ALA C 202 -1.67 -1.93 -25.64
N ASP C 203 -2.76 -1.95 -24.89
CA ASP C 203 -2.82 -1.21 -23.64
C ASP C 203 -2.89 -2.27 -22.55
N GLY C 204 -1.71 -2.61 -22.02
CA GLY C 204 -1.55 -3.49 -20.88
C GLY C 204 -2.39 -3.17 -19.66
N PRO C 205 -2.35 -1.93 -19.13
CA PRO C 205 -3.14 -1.61 -17.94
C PRO C 205 -4.66 -1.62 -18.12
N THR C 206 -5.19 -1.85 -19.32
CA THR C 206 -6.62 -2.15 -19.43
C THR C 206 -6.90 -3.55 -19.96
N ALA C 207 -5.97 -4.17 -20.68
CA ALA C 207 -6.13 -5.58 -21.02
C ALA C 207 -6.04 -6.44 -19.78
N ILE C 208 -5.16 -6.07 -18.86
CA ILE C 208 -5.04 -6.73 -17.58
C ILE C 208 -6.31 -6.52 -16.74
N TYR C 209 -6.89 -5.32 -16.81
CA TYR C 209 -8.12 -5.03 -16.11
C TYR C 209 -9.29 -5.85 -16.63
N LEU C 210 -9.49 -5.84 -17.95
CA LEU C 210 -10.62 -6.54 -18.53
C LEU C 210 -10.44 -8.05 -18.43
N SER C 211 -9.21 -8.55 -18.52
CA SER C 211 -8.98 -9.96 -18.30
C SER C 211 -9.10 -10.34 -16.84
N GLY C 212 -8.91 -9.40 -15.92
CA GLY C 212 -9.17 -9.68 -14.53
C GLY C 212 -10.66 -9.76 -14.24
N LYS C 213 -11.47 -9.03 -15.00
CA LYS C 213 -12.90 -9.05 -14.74
C LYS C 213 -13.69 -10.01 -15.61
N LEU C 214 -13.10 -10.55 -16.69
CA LEU C 214 -13.88 -11.40 -17.59
C LEU C 214 -13.36 -12.83 -17.67
N ALA C 215 -12.07 -13.02 -17.87
CA ALA C 215 -11.47 -14.36 -17.94
C ALA C 215 -10.28 -14.41 -17.01
N PRO C 216 -10.51 -14.58 -15.70
CA PRO C 216 -9.40 -14.54 -14.73
C PRO C 216 -8.46 -15.71 -14.85
N GLU C 217 -8.92 -16.83 -15.41
CA GLU C 217 -8.06 -17.97 -15.69
C GLU C 217 -7.13 -17.72 -16.87
N LEU C 218 -7.37 -16.69 -17.65
CA LEU C 218 -6.67 -16.48 -18.90
C LEU C 218 -5.68 -15.32 -18.81
N LEU C 219 -5.56 -14.73 -17.61
CA LEU C 219 -4.81 -13.49 -17.43
C LEU C 219 -3.32 -13.64 -17.61
N GLY C 220 -2.80 -14.84 -17.39
CA GLY C 220 -1.38 -15.09 -17.58
C GLY C 220 -0.96 -14.93 -19.03
N ALA C 221 -1.57 -15.72 -19.92
CA ALA C 221 -1.16 -15.72 -21.31
C ALA C 221 -1.57 -14.48 -22.07
N ILE C 222 -2.53 -13.70 -21.57
CA ILE C 222 -2.90 -12.47 -22.24
C ILE C 222 -1.82 -11.41 -22.04
N ALA C 223 -1.50 -11.12 -20.78
CA ALA C 223 -0.58 -10.02 -20.49
C ALA C 223 0.84 -10.33 -20.93
N VAL C 224 1.25 -11.60 -20.86
CA VAL C 224 2.48 -12.05 -21.50
C VAL C 224 2.44 -11.76 -22.99
N ALA C 225 1.33 -12.10 -23.64
CA ALA C 225 1.21 -11.75 -25.04
C ALA C 225 0.82 -10.30 -25.25
N ALA C 226 0.61 -9.52 -24.20
CA ALA C 226 0.48 -8.09 -24.42
C ALA C 226 1.85 -7.44 -24.51
N TYR C 227 2.60 -7.50 -23.40
CA TYR C 227 3.85 -6.73 -23.30
C TYR C 227 4.95 -7.29 -24.18
N SER C 228 4.86 -8.57 -24.56
CA SER C 228 5.75 -9.05 -25.61
C SER C 228 5.41 -8.39 -26.94
N TYR C 229 4.13 -8.47 -27.33
CA TYR C 229 3.76 -7.99 -28.65
C TYR C 229 3.76 -6.48 -28.73
N MET C 230 3.53 -5.81 -27.59
CA MET C 230 3.72 -4.37 -27.49
C MET C 230 5.13 -3.94 -27.81
N ALA C 231 6.10 -4.82 -27.62
CA ALA C 231 7.45 -4.50 -28.02
C ALA C 231 7.90 -5.23 -29.27
N LEU C 232 6.99 -5.91 -29.97
CA LEU C 232 7.23 -6.27 -31.35
C LEU C 232 6.65 -5.25 -32.31
N VAL C 233 6.22 -4.10 -31.78
CA VAL C 233 5.76 -3.01 -32.64
C VAL C 233 6.83 -2.48 -33.59
N PRO C 234 8.12 -2.35 -33.21
CA PRO C 234 9.12 -2.05 -34.24
C PRO C 234 9.34 -3.16 -35.28
N LEU C 235 8.88 -4.38 -35.04
CA LEU C 235 9.01 -5.43 -36.04
C LEU C 235 7.75 -5.62 -36.87
N ILE C 236 6.57 -5.37 -36.32
CA ILE C 236 5.32 -5.64 -37.01
C ILE C 236 4.82 -4.44 -37.80
N GLN C 237 4.80 -3.28 -37.16
CA GLN C 237 4.26 -2.07 -37.80
C GLN C 237 4.99 -1.60 -39.07
N PRO C 238 6.34 -1.50 -39.15
CA PRO C 238 6.96 -0.91 -40.37
C PRO C 238 6.74 -1.71 -41.66
N PRO C 239 6.81 -3.07 -41.69
CA PRO C 239 6.51 -3.73 -42.98
C PRO C 239 5.07 -3.56 -43.43
N ILE C 240 4.13 -3.46 -42.50
CA ILE C 240 2.77 -3.05 -42.84
C ILE C 240 2.78 -1.67 -43.48
N MET C 241 3.60 -0.76 -42.94
CA MET C 241 3.80 0.54 -43.58
C MET C 241 4.45 0.39 -44.94
N ARG C 242 5.24 -0.65 -45.14
CA ARG C 242 5.81 -0.90 -46.44
C ARG C 242 4.98 -1.86 -47.27
N ALA C 243 3.83 -2.31 -46.75
CA ALA C 243 2.93 -3.13 -47.54
C ALA C 243 1.81 -2.31 -48.16
N LEU C 244 1.53 -1.14 -47.61
CA LEU C 244 0.32 -0.41 -47.96
C LEU C 244 0.60 0.97 -48.54
N THR C 245 1.35 1.81 -47.83
CA THR C 245 1.39 3.23 -48.09
C THR C 245 2.40 3.56 -49.18
N SER C 246 1.98 4.37 -50.16
CA SER C 246 2.87 4.83 -51.21
C SER C 246 3.83 5.90 -50.67
N GLU C 247 4.81 6.24 -51.50
CA GLU C 247 5.86 7.17 -51.09
C GLU C 247 5.46 8.63 -51.24
N LYS C 248 4.49 8.94 -52.09
CA LYS C 248 4.03 10.32 -52.19
C LYS C 248 3.23 10.75 -50.97
N GLU C 249 2.68 9.80 -50.22
CA GLU C 249 1.96 10.09 -48.99
C GLU C 249 2.88 10.13 -47.78
N ARG C 250 4.01 9.44 -47.83
CA ARG C 250 4.94 9.48 -46.72
C ARG C 250 5.65 10.83 -46.64
N LYS C 251 5.81 11.50 -47.78
CA LYS C 251 6.56 12.74 -47.84
C LYS C 251 5.68 13.97 -47.65
N ILE C 252 4.61 13.85 -46.87
CA ILE C 252 3.70 14.95 -46.61
C ILE C 252 4.19 15.73 -45.40
N ARG C 253 4.41 17.03 -45.59
CA ARG C 253 4.70 17.91 -44.47
C ARG C 253 3.45 18.10 -43.63
N MET C 254 3.52 17.75 -42.36
CA MET C 254 2.45 18.06 -41.43
C MET C 254 2.72 19.43 -40.81
N VAL C 255 1.65 20.20 -40.62
CA VAL C 255 1.78 21.53 -40.04
C VAL C 255 2.14 21.41 -38.57
N GLN C 256 3.00 22.31 -38.10
CA GLN C 256 3.42 22.35 -36.70
C GLN C 256 2.23 22.61 -35.78
N LEU C 257 2.40 22.25 -34.52
CA LEU C 257 1.29 22.21 -33.58
C LEU C 257 0.88 23.62 -33.17
N ARG C 258 -0.37 23.71 -32.69
CA ARG C 258 -1.01 25.00 -32.39
C ARG C 258 -0.59 25.54 -31.03
N THR C 259 -1.36 26.51 -30.55
CA THR C 259 -1.20 27.02 -29.19
C THR C 259 -1.42 25.88 -28.19
N VAL C 260 -0.60 25.85 -27.14
CA VAL C 260 -0.64 24.78 -26.16
C VAL C 260 -1.98 24.77 -25.42
N SER C 261 -2.57 25.95 -25.20
CA SER C 261 -3.94 26.15 -24.67
C SER C 261 -4.09 25.47 -23.31
N LYS C 262 -3.40 26.05 -22.32
CA LYS C 262 -3.21 25.43 -21.01
C LYS C 262 -4.53 25.14 -20.31
N ARG C 263 -5.46 26.11 -20.34
CA ARG C 263 -6.76 25.88 -19.72
C ARG C 263 -7.59 24.86 -20.50
N GLU C 264 -7.35 24.74 -21.80
CA GLU C 264 -8.03 23.68 -22.55
C GLU C 264 -7.44 22.32 -22.21
N LYS C 265 -6.15 22.26 -21.89
CA LYS C 265 -5.56 21.03 -21.38
C LYS C 265 -6.06 20.70 -19.99
N ILE C 266 -6.42 21.71 -19.20
CA ILE C 266 -7.10 21.48 -17.92
C ILE C 266 -8.47 20.85 -18.15
N LEU C 267 -9.27 21.48 -19.00
CA LEU C 267 -10.66 21.07 -19.14
C LEU C 267 -10.86 19.91 -20.10
N PHE C 268 -9.81 19.39 -20.72
CA PHE C 268 -10.05 18.21 -21.56
C PHE C 268 -10.36 16.90 -20.81
N PRO C 269 -9.65 16.51 -19.72
CA PRO C 269 -10.09 15.29 -19.03
C PRO C 269 -11.43 15.42 -18.33
N VAL C 270 -11.82 16.63 -17.90
CA VAL C 270 -13.15 16.82 -17.32
C VAL C 270 -14.23 16.60 -18.36
N VAL C 271 -14.03 17.13 -19.58
CA VAL C 271 -15.01 16.94 -20.64
C VAL C 271 -15.04 15.48 -21.10
N LEU C 272 -13.87 14.83 -21.13
CA LEU C 272 -13.81 13.39 -21.43
C LEU C 272 -14.57 12.57 -20.39
N LEU C 273 -14.38 12.88 -19.10
CA LEU C 273 -15.05 12.11 -18.05
C LEU C 273 -16.55 12.36 -18.07
N LEU C 274 -16.96 13.60 -18.34
CA LEU C 274 -18.40 13.86 -18.39
C LEU C 274 -19.04 13.24 -19.62
N LEU C 275 -18.29 13.10 -20.72
CA LEU C 275 -18.86 12.42 -21.87
C LEU C 275 -18.91 10.91 -21.62
N VAL C 276 -17.98 10.38 -20.83
CA VAL C 276 -18.09 9.01 -20.32
C VAL C 276 -19.31 8.88 -19.41
N ALA C 277 -19.62 9.93 -18.65
CA ALA C 277 -20.76 9.92 -17.76
C ALA C 277 -22.08 9.88 -18.53
N LEU C 278 -22.17 10.64 -19.61
CA LEU C 278 -23.36 10.55 -20.45
C LEU C 278 -23.36 9.26 -21.25
N LEU C 279 -22.37 9.07 -22.11
CA LEU C 279 -22.32 7.91 -22.99
C LEU C 279 -21.31 6.90 -22.47
N LEU C 280 -21.69 5.61 -22.46
CA LEU C 280 -20.88 4.47 -22.05
C LEU C 280 -20.35 4.64 -20.63
N PRO C 281 -21.17 4.41 -19.60
CA PRO C 281 -20.69 4.57 -18.23
C PRO C 281 -19.83 3.41 -17.76
N ASP C 282 -19.86 2.27 -18.45
CA ASP C 282 -19.05 1.13 -18.04
C ASP C 282 -17.55 1.33 -18.27
N ALA C 283 -17.16 2.31 -19.08
CA ALA C 283 -15.79 2.76 -19.16
C ALA C 283 -15.47 3.83 -18.14
N ALA C 284 -16.34 4.01 -17.14
CA ALA C 284 -16.06 4.99 -16.09
C ALA C 284 -14.86 4.64 -15.21
N PRO C 285 -14.68 3.42 -14.68
CA PRO C 285 -13.53 3.20 -13.78
C PRO C 285 -12.19 3.21 -14.48
N LEU C 286 -12.13 2.98 -15.78
CA LEU C 286 -10.86 3.08 -16.49
C LEU C 286 -10.55 4.53 -16.81
N LEU C 287 -11.35 5.13 -17.69
CA LEU C 287 -11.09 6.47 -18.23
C LEU C 287 -11.15 7.52 -17.14
N GLY C 288 -12.07 7.36 -16.19
CA GLY C 288 -12.10 8.24 -15.04
C GLY C 288 -10.81 8.19 -14.24
N MET C 289 -10.31 6.97 -13.99
CA MET C 289 -9.04 6.86 -13.30
C MET C 289 -7.89 7.26 -14.23
N PHE C 290 -8.11 7.24 -15.54
CA PHE C 290 -7.16 7.88 -16.46
C PHE C 290 -7.14 9.39 -16.24
N CYS C 291 -8.34 9.99 -16.16
CA CYS C 291 -8.43 11.45 -16.17
C CYS C 291 -7.86 12.06 -14.92
N PHE C 292 -7.98 11.34 -13.80
CA PHE C 292 -7.38 11.81 -12.57
C PHE C 292 -5.86 11.80 -12.66
N GLY C 293 -5.30 10.90 -13.45
CA GLY C 293 -3.89 11.02 -13.78
C GLY C 293 -3.62 12.21 -14.68
N ASN C 294 -4.53 12.47 -15.61
CA ASN C 294 -4.37 13.59 -16.53
C ASN C 294 -4.45 14.91 -15.80
N LEU C 295 -5.50 15.08 -15.00
CA LEU C 295 -5.81 16.36 -14.38
C LEU C 295 -4.74 16.80 -13.40
N MET C 296 -4.21 15.85 -12.62
CA MET C 296 -3.11 16.16 -11.72
C MET C 296 -1.84 16.50 -12.48
N ARG C 297 -1.66 15.94 -13.68
CA ARG C 297 -0.55 16.40 -14.49
C ARG C 297 -0.80 17.80 -15.00
N GLU C 298 -2.04 18.12 -15.33
CA GLU C 298 -2.27 19.38 -16.00
C GLU C 298 -2.43 20.54 -15.03
N SER C 299 -2.98 20.28 -13.84
CA SER C 299 -3.36 21.36 -12.93
C SER C 299 -2.14 22.12 -12.40
N GLY C 300 -0.98 21.47 -12.35
CA GLY C 300 0.26 22.15 -12.06
C GLY C 300 0.43 22.63 -10.63
N VAL C 301 -0.54 22.35 -9.76
CA VAL C 301 -0.48 22.77 -8.38
C VAL C 301 -0.27 21.58 -7.45
N VAL C 302 -0.70 20.39 -7.88
CA VAL C 302 -0.30 19.15 -7.20
C VAL C 302 0.99 18.70 -7.88
N GLU C 303 2.09 19.32 -7.48
CA GLU C 303 3.39 18.91 -7.98
C GLU C 303 4.03 17.86 -7.09
N ARG C 304 3.43 17.59 -5.93
CA ARG C 304 3.87 16.48 -5.11
C ARG C 304 3.01 15.25 -5.30
N LEU C 305 1.84 15.38 -5.92
CA LEU C 305 1.02 14.23 -6.26
C LEU C 305 1.32 13.71 -7.67
N SER C 306 1.48 14.60 -8.64
CA SER C 306 1.72 14.15 -10.01
C SER C 306 3.14 13.63 -10.18
N ASP C 307 4.05 13.99 -9.29
CA ASP C 307 5.37 13.39 -9.31
C ASP C 307 5.43 12.12 -8.49
N THR C 308 4.49 11.91 -7.58
CA THR C 308 4.47 10.69 -6.79
C THR C 308 3.72 9.58 -7.51
N VAL C 309 2.72 9.93 -8.31
CA VAL C 309 2.05 8.93 -9.13
C VAL C 309 3.02 8.36 -10.15
N GLN C 310 3.51 9.19 -11.06
CA GLN C 310 4.26 8.66 -12.19
C GLN C 310 5.66 8.18 -11.84
N ASN C 311 6.14 8.43 -10.62
CA ASN C 311 7.42 7.88 -10.20
C ASN C 311 7.30 6.93 -9.02
N GLY C 312 6.69 7.35 -7.93
CA GLY C 312 6.77 6.60 -6.70
C GLY C 312 5.65 5.61 -6.47
N LEU C 313 4.52 5.80 -7.11
CA LEU C 313 3.38 4.91 -6.93
C LEU C 313 3.27 3.85 -8.01
N ILE C 314 3.62 4.18 -9.25
CA ILE C 314 3.57 3.20 -10.31
C ILE C 314 4.67 2.17 -10.16
N ASN C 315 5.79 2.57 -9.57
CA ASN C 315 6.86 1.61 -9.36
C ASN C 315 6.70 0.84 -8.04
N ILE C 316 5.49 0.81 -7.50
CA ILE C 316 5.09 -0.16 -6.48
C ILE C 316 4.00 -1.07 -7.01
N VAL C 317 2.95 -0.46 -7.57
CA VAL C 317 1.82 -1.20 -8.10
C VAL C 317 2.22 -1.96 -9.35
N THR C 318 3.23 -1.47 -10.07
CA THR C 318 3.78 -2.18 -11.22
C THR C 318 4.46 -3.48 -10.79
N ILE C 319 5.22 -3.43 -9.69
CA ILE C 319 5.88 -4.63 -9.18
C ILE C 319 4.85 -5.64 -8.69
N PHE C 320 3.85 -5.16 -7.95
CA PHE C 320 2.87 -6.09 -7.39
C PHE C 320 1.95 -6.64 -8.45
N LEU C 321 1.58 -5.84 -9.45
CA LEU C 321 0.78 -6.36 -10.56
C LEU C 321 1.60 -7.27 -11.46
N GLY C 322 2.91 -7.03 -11.57
CA GLY C 322 3.74 -7.94 -12.35
C GLY C 322 3.85 -9.31 -11.73
N LEU C 323 4.12 -9.35 -10.42
CA LEU C 323 4.12 -10.63 -9.71
C LEU C 323 2.73 -11.25 -9.67
N SER C 324 1.68 -10.44 -9.69
CA SER C 324 0.34 -10.99 -9.68
C SER C 324 -0.10 -11.53 -11.04
N VAL C 325 0.39 -10.95 -12.14
CA VAL C 325 0.17 -11.55 -13.44
C VAL C 325 0.96 -12.85 -13.54
N GLY C 326 2.20 -12.84 -13.04
CA GLY C 326 2.99 -14.06 -12.98
C GLY C 326 2.41 -15.13 -12.08
N ALA C 327 1.55 -14.75 -11.13
CA ALA C 327 0.80 -15.73 -10.37
C ALA C 327 -0.14 -16.54 -11.26
N LYS C 328 -0.60 -15.97 -12.37
CA LYS C 328 -1.41 -16.69 -13.33
C LYS C 328 -0.59 -17.33 -14.43
N LEU C 329 0.72 -17.44 -14.24
CA LEU C 329 1.56 -18.28 -15.09
C LEU C 329 1.83 -19.61 -14.43
N VAL C 330 0.84 -20.14 -13.72
CA VAL C 330 0.93 -21.52 -13.25
C VAL C 330 0.63 -22.44 -14.44
N ALA C 331 0.98 -23.72 -14.28
CA ALA C 331 1.13 -24.63 -15.42
C ALA C 331 -0.20 -24.89 -16.15
N ASP C 332 -1.27 -25.14 -15.41
CA ASP C 332 -2.53 -25.48 -16.05
C ASP C 332 -3.30 -24.26 -16.57
N LYS C 333 -2.75 -23.06 -16.48
CA LYS C 333 -3.37 -21.90 -17.07
C LYS C 333 -2.64 -21.39 -18.31
N PHE C 334 -1.38 -21.77 -18.49
CA PHE C 334 -0.60 -21.34 -19.63
C PHE C 334 -0.30 -22.47 -20.61
N LEU C 335 0.02 -23.66 -20.12
CA LEU C 335 0.15 -24.83 -20.99
C LEU C 335 -1.23 -25.43 -21.19
N GLN C 336 -2.01 -24.74 -22.02
CA GLN C 336 -3.41 -24.98 -22.18
C GLN C 336 -3.66 -24.49 -23.59
N PRO C 337 -4.45 -25.21 -24.40
CA PRO C 337 -4.52 -24.89 -25.83
C PRO C 337 -5.22 -23.59 -26.16
N GLN C 338 -5.93 -22.97 -25.19
CA GLN C 338 -6.48 -21.64 -25.40
C GLN C 338 -5.39 -20.57 -25.45
N THR C 339 -4.20 -20.85 -24.95
CA THR C 339 -3.13 -19.87 -24.91
C THR C 339 -2.34 -19.80 -26.21
N LEU C 340 -2.28 -20.89 -26.97
CA LEU C 340 -1.70 -20.84 -28.30
C LEU C 340 -2.53 -19.96 -29.21
N GLY C 341 -3.84 -19.97 -29.03
CA GLY C 341 -4.70 -19.03 -29.73
C GLY C 341 -4.41 -17.59 -29.38
N ILE C 342 -4.05 -17.32 -28.13
CA ILE C 342 -3.66 -15.97 -27.73
C ILE C 342 -2.35 -15.57 -28.39
N LEU C 343 -1.36 -16.47 -28.35
CA LEU C 343 -0.05 -16.18 -28.95
C LEU C 343 -0.10 -16.10 -30.46
N LEU C 344 -1.14 -16.64 -31.10
CA LEU C 344 -1.28 -16.48 -32.54
C LEU C 344 -2.24 -15.37 -32.95
N LEU C 345 -3.20 -15.00 -32.10
CA LEU C 345 -4.10 -13.90 -32.40
C LEU C 345 -3.56 -12.55 -32.02
N GLY C 346 -2.63 -12.48 -31.06
CA GLY C 346 -2.12 -11.19 -30.64
C GLY C 346 -1.26 -10.50 -31.68
N VAL C 347 -0.63 -11.27 -32.57
CA VAL C 347 0.19 -10.67 -33.61
C VAL C 347 -0.68 -10.16 -34.76
N ILE C 348 -1.71 -10.92 -35.14
CA ILE C 348 -2.61 -10.42 -36.17
C ILE C 348 -3.52 -9.33 -35.63
N ALA C 349 -3.64 -9.23 -34.30
CA ALA C 349 -4.29 -8.09 -33.67
C ALA C 349 -3.61 -6.78 -34.07
N PHE C 350 -2.29 -6.73 -33.96
CA PHE C 350 -1.57 -5.53 -34.36
C PHE C 350 -1.49 -5.41 -35.87
N GLY C 351 -1.44 -6.54 -36.57
CA GLY C 351 -1.45 -6.49 -38.03
C GLY C 351 -2.74 -5.94 -38.60
N ILE C 352 -3.84 -6.08 -37.87
CA ILE C 352 -5.09 -5.46 -38.29
C ILE C 352 -5.22 -4.04 -37.72
N GLY C 353 -4.67 -3.79 -36.53
CA GLY C 353 -4.79 -2.47 -35.92
C GLY C 353 -4.00 -1.40 -36.66
N THR C 354 -2.74 -1.69 -36.99
CA THR C 354 -1.92 -0.75 -37.74
C THR C 354 -2.49 -0.52 -39.14
N ALA C 355 -2.99 -1.59 -39.77
CA ALA C 355 -3.56 -1.47 -41.11
C ALA C 355 -4.83 -0.66 -41.09
N ALA C 356 -5.67 -0.83 -40.07
CA ALA C 356 -6.89 -0.04 -40.00
C ALA C 356 -6.59 1.41 -39.64
N GLY C 357 -5.52 1.64 -38.87
CA GLY C 357 -5.10 3.01 -38.59
C GLY C 357 -4.63 3.74 -39.84
N VAL C 358 -3.83 3.07 -40.68
CA VAL C 358 -3.36 3.75 -41.87
C VAL C 358 -4.45 3.82 -42.94
N LEU C 359 -5.39 2.89 -42.96
CA LEU C 359 -6.52 3.03 -43.87
C LEU C 359 -7.43 4.18 -43.45
N MET C 360 -7.58 4.39 -42.14
CA MET C 360 -8.34 5.56 -41.70
C MET C 360 -7.58 6.84 -42.00
N ALA C 361 -6.25 6.78 -41.97
CA ALA C 361 -5.44 7.92 -42.38
C ALA C 361 -5.66 8.24 -43.84
N LYS C 362 -5.68 7.22 -44.71
CA LYS C 362 -5.99 7.44 -46.12
C LYS C 362 -7.40 7.98 -46.32
N LEU C 363 -8.36 7.46 -45.57
CA LEU C 363 -9.73 7.94 -45.68
C LEU C 363 -9.95 9.29 -45.03
N LEU C 364 -8.95 9.83 -44.32
CA LEU C 364 -8.96 11.23 -43.92
C LEU C 364 -8.05 12.09 -44.78
N ASN C 365 -7.46 11.53 -45.83
CA ASN C 365 -6.79 12.33 -46.84
C ASN C 365 -7.74 12.80 -47.94
N LEU C 366 -9.05 12.67 -47.74
CA LEU C 366 -9.99 12.92 -48.80
C LEU C 366 -11.07 13.93 -48.44
N CYS C 367 -11.10 14.46 -47.22
CA CYS C 367 -12.19 15.37 -46.87
C CYS C 367 -11.76 16.55 -45.99
N SER C 368 -10.47 16.85 -45.90
CA SER C 368 -10.05 17.94 -45.03
C SER C 368 -8.78 18.59 -45.57
N LYS C 369 -8.51 19.79 -45.07
CA LYS C 369 -7.28 20.50 -45.34
C LYS C 369 -6.17 19.98 -44.43
N ASN C 370 -4.93 20.21 -44.86
CA ASN C 370 -3.70 19.75 -44.19
C ASN C 370 -3.75 18.23 -44.01
N LYS C 371 -3.69 17.55 -45.15
CA LYS C 371 -3.96 16.13 -45.24
C LYS C 371 -2.99 15.31 -44.39
N ILE C 372 -3.53 14.34 -43.66
CA ILE C 372 -2.78 13.61 -42.65
C ILE C 372 -1.79 12.69 -43.32
N ASN C 373 -0.54 12.73 -42.87
CA ASN C 373 0.46 11.74 -43.26
C ASN C 373 -0.01 10.36 -42.81
N PRO C 374 -0.06 9.37 -43.71
CA PRO C 374 -0.46 8.02 -43.30
C PRO C 374 0.57 7.31 -42.45
N LEU C 375 1.76 7.88 -42.26
CA LEU C 375 2.70 7.36 -41.28
C LEU C 375 2.21 7.56 -39.85
N ILE C 376 1.31 8.52 -39.64
CA ILE C 376 0.76 8.77 -38.32
C ILE C 376 -0.30 7.73 -37.96
N GLY C 377 -0.86 7.05 -38.97
CA GLY C 377 -1.99 6.17 -38.74
C GLY C 377 -1.68 4.95 -37.91
N SER C 378 -0.58 4.27 -38.21
CA SER C 378 -0.20 3.10 -37.44
C SER C 378 0.45 3.45 -36.12
N ALA C 379 0.64 4.73 -35.83
CA ALA C 379 0.92 5.19 -34.49
C ALA C 379 -0.33 5.32 -33.64
N GLY C 380 -1.51 4.98 -34.19
CA GLY C 380 -2.70 4.87 -33.39
C GLY C 380 -2.72 3.68 -32.45
N VAL C 381 -1.82 2.72 -32.66
CA VAL C 381 -1.66 1.59 -31.76
C VAL C 381 -0.94 2.08 -30.51
N SER C 382 -1.61 1.96 -29.37
CA SER C 382 -1.20 2.63 -28.13
C SER C 382 -0.01 1.89 -27.52
N ALA C 383 1.18 2.22 -28.01
CA ALA C 383 2.40 1.60 -27.51
C ALA C 383 3.36 2.70 -27.07
N VAL C 384 2.87 3.59 -26.20
CA VAL C 384 3.55 4.79 -25.73
C VAL C 384 4.95 4.53 -25.18
N PRO C 385 5.93 5.36 -25.54
CA PRO C 385 5.80 6.37 -26.59
C PRO C 385 6.33 5.85 -27.90
N MET C 386 6.82 4.61 -27.91
CA MET C 386 7.69 4.17 -28.97
C MET C 386 6.97 3.74 -30.24
N ALA C 387 5.63 3.68 -30.22
CA ALA C 387 4.91 3.57 -31.49
C ALA C 387 5.10 4.84 -32.31
N ALA C 388 5.08 5.99 -31.65
CA ALA C 388 5.42 7.24 -32.32
C ALA C 388 6.89 7.26 -32.72
N ARG C 389 7.75 6.57 -31.97
CA ARG C 389 9.16 6.51 -32.34
C ARG C 389 9.38 5.65 -33.58
N VAL C 390 8.63 4.56 -33.71
CA VAL C 390 8.85 3.74 -34.89
C VAL C 390 8.16 4.35 -36.10
N SER C 391 7.08 5.12 -35.89
CA SER C 391 6.54 5.91 -37.00
C SER C 391 7.47 7.05 -37.36
N ASN C 392 8.22 7.58 -36.39
CA ASN C 392 9.25 8.57 -36.69
C ASN C 392 10.39 7.95 -37.48
N LYS C 393 10.73 6.69 -37.18
CA LYS C 393 11.80 6.02 -37.93
C LYS C 393 11.38 5.76 -39.37
N VAL C 394 10.14 5.33 -39.58
CA VAL C 394 9.68 5.13 -40.95
C VAL C 394 9.48 6.47 -41.65
N GLY C 395 9.16 7.52 -40.90
CA GLY C 395 9.07 8.85 -41.51
C GLY C 395 10.42 9.40 -41.92
N LEU C 396 11.44 9.22 -41.09
CA LEU C 396 12.79 9.63 -41.44
C LEU C 396 13.43 8.74 -42.48
N GLU C 397 12.88 7.54 -42.71
CA GLU C 397 13.31 6.75 -43.85
C GLU C 397 12.97 7.42 -45.17
N SER C 398 11.86 8.16 -45.21
CA SER C 398 11.44 8.80 -46.45
C SER C 398 12.06 10.17 -46.66
N ASP C 399 12.47 10.85 -45.60
CA ASP C 399 12.95 12.23 -45.73
C ASP C 399 13.87 12.54 -44.56
N ALA C 400 14.78 13.50 -44.77
CA ALA C 400 15.74 13.87 -43.74
C ALA C 400 15.22 14.96 -42.80
N GLN C 401 14.16 15.66 -43.18
CA GLN C 401 13.66 16.78 -42.38
C GLN C 401 12.17 16.64 -42.07
N ASN C 402 11.62 15.43 -42.19
CA ASN C 402 10.22 15.19 -41.87
C ASN C 402 10.18 14.58 -40.47
N PHE C 403 10.04 15.43 -39.47
CA PHE C 403 10.01 14.99 -38.08
C PHE C 403 8.58 14.75 -37.66
N LEU C 404 8.32 13.60 -37.02
CA LEU C 404 6.98 13.21 -36.65
C LEU C 404 6.80 12.88 -35.18
N LEU C 405 7.88 12.81 -34.40
CA LEU C 405 7.80 12.33 -33.01
C LEU C 405 7.02 13.30 -32.14
N MET C 406 7.17 14.60 -32.36
CA MET C 406 6.34 15.57 -31.67
C MET C 406 4.91 15.54 -32.20
N HIS C 407 4.73 15.11 -33.44
CA HIS C 407 3.45 15.25 -34.12
C HIS C 407 2.60 13.99 -34.05
N ALA C 408 3.23 12.81 -34.09
CA ALA C 408 2.48 11.56 -34.08
C ALA C 408 2.20 11.04 -32.68
N MET C 409 2.36 11.85 -31.64
CA MET C 409 1.91 11.44 -30.31
C MET C 409 0.40 11.46 -30.23
N GLY C 410 -0.26 12.23 -31.09
CA GLY C 410 -1.69 12.43 -31.08
C GLY C 410 -2.52 11.17 -31.18
N PRO C 411 -2.37 10.41 -32.26
CA PRO C 411 -3.06 9.11 -32.35
C PRO C 411 -2.56 8.09 -31.35
N ASN C 412 -1.36 8.25 -30.80
CA ASN C 412 -0.90 7.35 -29.74
C ASN C 412 -1.72 7.55 -28.47
N VAL C 413 -1.89 8.81 -28.07
CA VAL C 413 -2.73 9.15 -26.93
C VAL C 413 -4.18 8.81 -27.21
N ALA C 414 -4.62 9.02 -28.45
CA ALA C 414 -5.99 8.66 -28.82
C ALA C 414 -6.20 7.15 -28.80
N GLY C 415 -5.16 6.37 -29.09
CA GLY C 415 -5.27 4.93 -28.94
C GLY C 415 -5.31 4.50 -27.49
N VAL C 416 -4.59 5.21 -26.62
CA VAL C 416 -4.70 4.98 -25.18
C VAL C 416 -6.13 5.23 -24.70
N ILE C 417 -6.76 6.28 -25.22
CA ILE C 417 -8.17 6.56 -24.89
C ILE C 417 -9.08 5.47 -25.46
N GLY C 418 -8.89 5.15 -26.75
CA GLY C 418 -9.78 4.26 -27.45
C GLY C 418 -9.72 2.82 -26.98
N SER C 419 -8.58 2.39 -26.44
CA SER C 419 -8.50 1.03 -25.89
C SER C 419 -9.39 0.90 -24.66
N ALA C 420 -9.43 1.94 -23.82
CA ALA C 420 -10.34 1.92 -22.69
C ALA C 420 -11.79 2.11 -23.12
N ILE C 421 -12.03 2.86 -24.20
CA ILE C 421 -13.40 2.98 -24.73
C ILE C 421 -13.91 1.63 -25.24
N ALA C 422 -13.07 0.92 -25.98
CA ALA C 422 -13.44 -0.40 -26.46
C ALA C 422 -13.57 -1.39 -25.32
N ALA C 423 -12.75 -1.23 -24.27
CA ALA C 423 -12.91 -2.03 -23.07
C ALA C 423 -14.26 -1.78 -22.40
N GLY C 424 -14.69 -0.52 -22.37
CA GLY C 424 -15.99 -0.21 -21.77
C GLY C 424 -17.15 -0.74 -22.60
N VAL C 425 -17.05 -0.67 -23.92
CA VAL C 425 -18.17 -1.13 -24.73
C VAL C 425 -18.24 -2.66 -24.71
N MET C 426 -17.10 -3.33 -24.52
CA MET C 426 -17.17 -4.78 -24.37
C MET C 426 -17.60 -5.20 -22.98
N LEU C 427 -17.32 -4.38 -21.96
CA LEU C 427 -17.92 -4.61 -20.65
C LEU C 427 -19.43 -4.47 -20.69
N LYS C 428 -19.92 -3.47 -21.43
CA LYS C 428 -21.37 -3.31 -21.55
C LYS C 428 -21.99 -4.45 -22.35
N TYR C 429 -21.29 -4.93 -23.38
CA TYR C 429 -21.88 -5.97 -24.21
C TYR C 429 -21.86 -7.34 -23.55
N VAL C 430 -20.75 -7.72 -22.93
CA VAL C 430 -20.64 -9.07 -22.38
C VAL C 430 -21.47 -9.20 -21.11
N LEU C 431 -21.35 -8.24 -20.20
CA LEU C 431 -22.02 -8.34 -18.91
C LEU C 431 -23.49 -7.94 -18.96
N ALA C 432 -24.05 -7.69 -20.13
CA ALA C 432 -25.47 -7.39 -20.25
C ALA C 432 -26.02 -7.88 -21.58
N THR D 22 -24.12 -24.49 -34.35
CA THR D 22 -25.22 -23.57 -34.10
C THR D 22 -24.93 -22.75 -32.84
N ASN D 23 -24.44 -23.44 -31.81
CA ASN D 23 -24.04 -22.80 -30.55
C ASN D 23 -22.86 -21.88 -30.78
N ALA D 24 -21.98 -22.25 -31.69
CA ALA D 24 -20.85 -21.42 -32.06
C ALA D 24 -21.21 -20.41 -33.15
N ALA D 25 -22.17 -20.75 -34.01
CA ALA D 25 -22.66 -19.79 -35.00
C ALA D 25 -23.45 -18.67 -34.31
N LEU D 26 -24.10 -18.99 -33.19
CA LEU D 26 -24.70 -17.97 -32.35
C LEU D 26 -23.65 -17.03 -31.79
N LEU D 27 -22.52 -17.59 -31.37
CA LEU D 27 -21.41 -16.77 -30.86
C LEU D 27 -20.81 -15.91 -31.96
N LEU D 28 -20.78 -16.43 -33.19
CA LEU D 28 -20.34 -15.64 -34.33
C LEU D 28 -21.30 -14.49 -34.62
N GLY D 29 -22.60 -14.73 -34.53
CA GLY D 29 -23.56 -13.65 -34.72
C GLY D 29 -23.44 -12.60 -33.63
N GLU D 30 -23.19 -13.04 -32.39
CA GLU D 30 -22.95 -12.12 -31.29
C GLU D 30 -21.69 -11.30 -31.51
N GLY D 31 -20.64 -11.92 -32.06
CA GLY D 31 -19.41 -11.19 -32.30
C GLY D 31 -19.51 -10.22 -33.47
N PHE D 32 -20.25 -10.63 -34.52
CA PHE D 32 -20.54 -9.72 -35.63
C PHE D 32 -21.38 -8.54 -35.19
N THR D 33 -22.31 -8.74 -34.26
CA THR D 33 -23.04 -7.62 -33.69
C THR D 33 -22.14 -6.77 -32.80
N LEU D 34 -21.19 -7.43 -32.11
CA LEU D 34 -20.28 -6.75 -31.19
C LEU D 34 -19.32 -5.83 -31.93
N MET D 35 -18.76 -6.29 -33.06
CA MET D 35 -17.81 -5.47 -33.81
C MET D 35 -18.49 -4.24 -34.37
N PHE D 36 -19.70 -4.43 -34.90
CA PHE D 36 -20.46 -3.33 -35.49
C PHE D 36 -20.88 -2.31 -34.44
N LEU D 37 -21.46 -2.78 -33.32
CA LEU D 37 -21.90 -1.84 -32.28
C LEU D 37 -20.71 -1.21 -31.55
N GLY D 38 -19.60 -1.94 -31.42
CA GLY D 38 -18.45 -1.39 -30.75
C GLY D 38 -17.77 -0.32 -31.56
N MET D 39 -17.59 -0.57 -32.87
CA MET D 39 -17.04 0.47 -33.74
C MET D 39 -18.00 1.65 -33.86
N GLY D 40 -19.31 1.38 -33.78
CA GLY D 40 -20.28 2.46 -33.77
C GLY D 40 -20.16 3.36 -32.55
N PHE D 41 -20.07 2.76 -31.37
CA PHE D 41 -19.92 3.55 -30.14
C PHE D 41 -18.57 4.25 -30.08
N VAL D 42 -17.50 3.63 -30.59
CA VAL D 42 -16.19 4.25 -30.55
C VAL D 42 -16.14 5.45 -31.49
N LEU D 43 -16.62 5.26 -32.74
CA LEU D 43 -16.69 6.38 -33.68
C LEU D 43 -17.61 7.49 -33.19
N ALA D 44 -18.72 7.13 -32.54
CA ALA D 44 -19.67 8.13 -32.06
C ALA D 44 -19.07 8.93 -30.90
N PHE D 45 -18.43 8.24 -29.96
CA PHE D 45 -17.83 8.91 -28.81
C PHE D 45 -16.67 9.78 -29.22
N LEU D 46 -15.88 9.35 -30.20
CA LEU D 46 -14.74 10.17 -30.59
C LEU D 46 -15.16 11.31 -31.53
N PHE D 47 -16.25 11.13 -32.31
CA PHE D 47 -16.85 12.27 -33.01
C PHE D 47 -17.36 13.32 -32.04
N LEU D 48 -18.02 12.88 -30.96
CA LEU D 48 -18.46 13.83 -29.96
C LEU D 48 -17.29 14.50 -29.24
N LEU D 49 -16.17 13.80 -29.06
CA LEU D 49 -14.99 14.45 -28.49
C LEU D 49 -14.39 15.47 -29.44
N ILE D 50 -14.35 15.18 -30.74
CA ILE D 50 -13.83 16.14 -31.71
C ILE D 50 -14.69 17.40 -31.74
N PHE D 51 -16.02 17.23 -31.75
CA PHE D 51 -16.92 18.38 -31.74
C PHE D 51 -16.86 19.12 -30.40
N ALA D 52 -16.61 18.38 -29.31
CA ALA D 52 -16.49 19.01 -28.00
C ALA D 52 -15.23 19.87 -27.90
N ILE D 53 -14.11 19.38 -28.46
CA ILE D 53 -12.88 20.17 -28.48
C ILE D 53 -13.05 21.40 -29.38
N ARG D 54 -13.75 21.21 -30.53
CA ARG D 54 -13.99 22.33 -31.44
C ARG D 54 -14.87 23.40 -30.81
N GLY D 55 -15.83 23.00 -29.96
CA GLY D 55 -16.62 23.99 -29.24
C GLY D 55 -15.90 24.61 -28.07
N MET D 56 -15.12 23.81 -27.32
CA MET D 56 -14.44 24.34 -26.16
C MET D 56 -13.25 25.22 -26.56
N SER D 57 -12.79 25.10 -27.80
CA SER D 57 -11.80 26.05 -28.30
C SER D 57 -12.36 27.47 -28.32
N ALA D 58 -13.56 27.64 -28.89
CA ALA D 58 -14.20 28.94 -28.90
C ALA D 58 -14.65 29.35 -27.50
N ALA D 59 -14.98 28.37 -26.66
CA ALA D 59 -15.36 28.66 -25.28
C ALA D 59 -14.18 29.21 -24.47
N VAL D 60 -12.98 28.64 -24.68
CA VAL D 60 -11.78 29.16 -24.03
C VAL D 60 -11.37 30.49 -24.66
N ASN D 61 -11.65 30.67 -25.96
CA ASN D 61 -11.42 31.97 -26.60
C ASN D 61 -12.35 33.04 -26.04
N ARG D 62 -13.51 32.64 -25.52
CA ARG D 62 -14.33 33.57 -24.75
C ARG D 62 -13.71 33.85 -23.38
N PHE D 63 -13.50 32.81 -22.58
CA PHE D 63 -12.89 32.94 -21.27
C PHE D 63 -11.39 33.18 -21.38
N LEU E 13 -3.66 6.19 34.04
CA LEU E 13 -3.92 6.97 35.25
C LEU E 13 -4.35 6.03 36.36
N MET E 14 -5.63 5.66 36.34
CA MET E 14 -6.16 4.68 37.27
C MET E 14 -6.45 3.35 36.60
N HIS E 15 -6.10 3.19 35.33
CA HIS E 15 -6.20 1.91 34.63
C HIS E 15 -4.86 1.46 34.06
N LEU E 16 -3.79 2.19 34.37
CA LEU E 16 -2.43 1.78 34.00
C LEU E 16 -2.05 0.54 34.81
N GLY E 17 -1.92 -0.59 34.12
CA GLY E 17 -1.68 -1.85 34.79
C GLY E 17 -0.25 -1.98 35.30
N ALA E 18 -0.01 -3.10 35.97
CA ALA E 18 1.31 -3.37 36.52
C ALA E 18 2.30 -3.73 35.42
N GLY E 19 1.90 -4.62 34.51
CA GLY E 19 2.77 -4.97 33.40
C GLY E 19 2.85 -3.90 32.33
N GLN E 20 1.76 -3.16 32.14
CA GLN E 20 1.73 -2.11 31.13
C GLN E 20 2.53 -0.88 31.52
N ALA E 21 3.00 -0.78 32.76
CA ALA E 21 3.98 0.24 33.11
C ALA E 21 5.39 -0.20 32.77
N ILE E 22 5.70 -1.47 33.06
CA ILE E 22 7.00 -2.03 32.72
C ILE E 22 7.18 -2.06 31.21
N MET E 23 6.10 -2.25 30.47
CA MET E 23 6.23 -2.26 29.02
C MET E 23 6.46 -0.86 28.46
N LEU E 24 5.86 0.16 29.07
CA LEU E 24 6.20 1.52 28.65
C LEU E 24 7.62 1.88 29.03
N LEU E 25 8.13 1.34 30.14
CA LEU E 25 9.53 1.58 30.49
C LEU E 25 10.48 0.89 29.53
N VAL E 26 10.15 -0.33 29.09
CA VAL E 26 11.05 -1.00 28.15
C VAL E 26 10.89 -0.43 26.75
N SER E 27 9.75 0.19 26.44
CA SER E 27 9.63 0.85 25.14
C SER E 27 10.38 2.17 25.13
N LEU E 28 10.39 2.90 26.25
CA LEU E 28 11.31 4.02 26.38
C LEU E 28 12.76 3.57 26.35
N LEU E 29 13.04 2.36 26.85
CA LEU E 29 14.40 1.82 26.73
C LEU E 29 14.75 1.56 25.28
N LEU E 30 13.79 1.07 24.49
CA LEU E 30 14.03 0.87 23.07
C LEU E 30 14.19 2.18 22.32
N LEU E 31 13.45 3.22 22.72
CA LEU E 31 13.60 4.52 22.09
C LEU E 31 14.97 5.13 22.40
N TRP E 32 15.28 5.29 23.69
CA TRP E 32 16.57 5.81 24.15
C TRP E 32 17.74 4.94 23.70
N LEU E 33 17.49 3.68 23.44
CA LEU E 33 18.42 2.78 22.79
C LEU E 33 18.65 3.16 21.34
N ALA E 34 17.59 3.23 20.53
CA ALA E 34 17.72 3.41 19.09
C ALA E 34 17.69 4.86 18.64
N ILE E 35 17.89 5.81 19.54
CA ILE E 35 18.06 7.22 19.18
C ILE E 35 19.39 7.75 19.66
N ALA E 36 19.70 7.56 20.94
CA ALA E 36 20.93 8.12 21.50
C ALA E 36 22.14 7.33 21.03
N LYS E 37 22.06 6.00 21.04
CA LYS E 37 23.21 5.20 20.66
C LYS E 37 23.06 4.58 19.26
N LYS E 38 21.90 4.75 18.63
CA LYS E 38 21.66 4.46 17.22
C LYS E 38 21.90 3.01 16.86
N PHE E 39 21.15 2.09 17.46
CA PHE E 39 21.44 0.68 17.25
C PHE E 39 21.00 0.19 15.88
N GLU E 40 19.69 0.12 15.64
CA GLU E 40 19.15 -0.19 14.32
C GLU E 40 17.92 0.69 14.12
N PRO E 41 18.12 2.01 14.01
CA PRO E 41 17.00 2.94 14.20
C PRO E 41 16.01 2.93 13.07
N LEU E 42 16.36 2.35 11.92
CA LEU E 42 15.41 2.24 10.83
C LEU E 42 14.28 1.30 11.20
N LEU E 43 14.59 0.25 11.96
CA LEU E 43 13.59 -0.71 12.38
C LEU E 43 13.33 -0.76 13.87
N LEU E 44 14.32 -0.44 14.71
CA LEU E 44 14.11 -0.55 16.15
C LEU E 44 13.34 0.62 16.72
N LEU E 45 13.42 1.80 16.08
CA LEU E 45 12.60 2.93 16.51
C LEU E 45 11.10 2.71 16.29
N PRO E 46 10.61 2.22 15.13
CA PRO E 46 9.16 1.94 15.06
C PRO E 46 8.74 0.77 15.92
N ILE E 47 9.63 -0.18 16.20
CA ILE E 47 9.29 -1.29 17.08
C ILE E 47 9.11 -0.79 18.52
N GLY E 48 10.03 0.05 18.98
CA GLY E 48 9.87 0.65 20.30
C GLY E 48 8.66 1.56 20.40
N PHE E 49 8.35 2.28 19.32
CA PHE E 49 7.16 3.10 19.37
C PHE E 49 5.87 2.28 19.29
N GLY E 50 5.88 1.15 18.60
CA GLY E 50 4.72 0.28 18.59
C GLY E 50 4.54 -0.37 19.94
N GLY E 51 5.66 -0.57 20.64
CA GLY E 51 5.58 -0.99 22.03
C GLY E 51 4.97 0.07 22.92
N LEU E 52 5.20 1.35 22.59
CA LEU E 52 4.49 2.41 23.31
C LEU E 52 3.00 2.38 23.04
N LEU E 53 2.60 2.34 21.77
CA LEU E 53 1.17 2.41 21.42
C LEU E 53 0.41 1.14 21.82
N SER E 54 1.09 0.01 21.93
CA SER E 54 0.44 -1.23 22.29
C SER E 54 0.03 -1.26 23.75
N ASN E 55 0.65 -0.42 24.58
CA ASN E 55 0.53 -0.52 26.02
C ASN E 55 -0.01 0.76 26.62
N ILE E 56 -0.58 1.63 25.78
CA ILE E 56 -1.40 2.72 26.24
C ILE E 56 -2.60 2.08 26.93
N PRO E 57 -2.78 2.27 28.24
CA PRO E 57 -3.81 1.52 28.96
C PRO E 57 -5.20 1.98 28.60
N GLU E 58 -6.07 1.00 28.32
CA GLU E 58 -7.46 1.19 27.90
C GLU E 58 -7.53 2.05 26.64
N ALA E 59 -6.80 1.61 25.62
CA ALA E 59 -6.77 2.29 24.34
C ALA E 59 -7.27 1.43 23.19
N GLY E 60 -7.09 0.12 23.26
CA GLY E 60 -7.58 -0.77 22.25
C GLY E 60 -6.64 -0.99 21.08
N MET E 61 -5.58 -0.20 20.95
CA MET E 61 -4.62 -0.42 19.88
C MET E 61 -3.84 -1.70 20.15
N ALA E 62 -3.36 -2.31 19.07
CA ALA E 62 -2.67 -3.60 19.07
C ALA E 62 -3.50 -4.70 19.72
N LEU E 63 -4.81 -4.59 19.63
CA LEU E 63 -5.73 -5.57 20.19
C LEU E 63 -6.74 -5.92 19.12
N THR E 64 -6.93 -7.22 18.90
CA THR E 64 -8.05 -7.67 18.12
C THR E 64 -9.33 -7.36 18.89
N ALA E 65 -10.44 -7.21 18.17
CA ALA E 65 -11.71 -6.92 18.83
C ALA E 65 -12.13 -8.02 19.78
N LEU E 66 -11.76 -9.26 19.46
CA LEU E 66 -11.96 -10.36 20.39
C LEU E 66 -11.02 -10.27 21.58
N GLU E 67 -9.75 -9.91 21.34
CA GLU E 67 -8.83 -9.70 22.45
C GLU E 67 -9.19 -8.46 23.25
N SER E 68 -9.77 -7.44 22.59
CA SER E 68 -10.27 -6.29 23.33
C SER E 68 -11.48 -6.67 24.18
N LEU E 69 -12.31 -7.59 23.69
CA LEU E 69 -13.45 -8.06 24.47
C LEU E 69 -12.98 -8.88 25.65
N LEU E 70 -11.91 -9.65 25.47
CA LEU E 70 -11.30 -10.34 26.60
C LEU E 70 -10.64 -9.38 27.57
N ALA E 71 -10.27 -8.19 27.11
CA ALA E 71 -9.69 -7.21 28.02
C ALA E 71 -10.74 -6.33 28.70
N HIS E 72 -11.97 -6.26 28.19
CA HIS E 72 -12.93 -5.34 28.76
C HIS E 72 -13.66 -5.91 29.99
N HIS E 73 -13.80 -7.23 30.06
CA HIS E 73 -14.41 -7.97 31.19
C HIS E 73 -15.87 -7.57 31.42
N ASP E 74 -16.71 -7.92 30.44
CA ASP E 74 -18.15 -7.94 30.65
C ASP E 74 -18.59 -9.38 30.88
N ALA E 75 -19.54 -9.57 31.80
CA ALA E 75 -19.89 -10.91 32.24
C ALA E 75 -20.68 -11.66 31.18
N GLY E 76 -21.76 -11.05 30.67
CA GLY E 76 -22.59 -11.71 29.67
C GLY E 76 -21.89 -11.86 28.33
N GLN E 77 -20.97 -10.95 28.02
CA GLN E 77 -20.21 -11.08 26.78
C GLN E 77 -19.28 -12.28 26.82
N LEU E 78 -18.54 -12.44 27.92
CA LEU E 78 -17.72 -13.63 28.11
C LEU E 78 -18.57 -14.89 28.24
N ALA E 79 -19.81 -14.75 28.73
CA ALA E 79 -20.73 -15.88 28.73
C ALA E 79 -21.07 -16.31 27.30
N VAL E 80 -21.27 -15.35 26.40
CA VAL E 80 -21.54 -15.67 25.00
C VAL E 80 -20.31 -16.29 24.34
N ILE E 81 -19.12 -15.77 24.65
CA ILE E 81 -17.88 -16.29 24.08
C ILE E 81 -17.65 -17.74 24.53
N ALA E 82 -17.83 -18.02 25.81
CA ALA E 82 -17.67 -19.38 26.30
C ALA E 82 -18.81 -20.29 25.85
N ALA E 83 -19.99 -19.72 25.58
CA ALA E 83 -21.09 -20.52 25.07
C ALA E 83 -20.89 -20.89 23.62
N LYS E 84 -20.11 -20.12 22.87
CA LYS E 84 -19.77 -20.50 21.50
C LYS E 84 -18.48 -21.28 21.41
N LEU E 85 -17.61 -21.21 22.42
CA LEU E 85 -16.35 -21.94 22.39
C LEU E 85 -16.35 -23.21 23.25
N ASN E 86 -17.40 -23.41 24.06
CA ASN E 86 -17.56 -24.58 24.94
C ASN E 86 -16.39 -24.73 25.90
N CYS E 87 -16.24 -23.73 26.76
CA CYS E 87 -15.18 -23.75 27.77
C CYS E 87 -15.67 -22.97 28.99
N ALA E 88 -14.73 -22.63 29.88
CA ALA E 88 -15.07 -21.92 31.10
C ALA E 88 -15.16 -20.42 30.83
N PRO E 89 -16.13 -19.73 31.42
CA PRO E 89 -16.23 -18.28 31.24
C PRO E 89 -15.16 -17.54 32.01
N ASP E 90 -13.99 -17.42 31.39
CA ASP E 90 -12.77 -16.99 32.08
C ASP E 90 -12.05 -16.05 31.13
N VAL E 91 -10.76 -15.80 31.39
CA VAL E 91 -9.88 -15.14 30.44
C VAL E 91 -8.73 -16.06 30.04
N HIS E 92 -8.07 -16.67 31.02
CA HIS E 92 -6.99 -17.61 30.74
C HIS E 92 -7.49 -18.93 30.19
N ALA E 93 -8.79 -19.21 30.25
CA ALA E 93 -9.34 -20.40 29.62
C ALA E 93 -9.89 -20.13 28.23
N ILE E 94 -10.32 -18.89 27.97
CA ILE E 94 -10.81 -18.54 26.64
C ILE E 94 -9.65 -18.46 25.66
N LYS E 95 -8.48 -18.00 26.11
CA LYS E 95 -7.30 -17.99 25.25
C LYS E 95 -6.84 -19.40 24.93
N GLU E 96 -6.93 -20.32 25.89
CA GLU E 96 -6.54 -21.69 25.64
C GLU E 96 -7.56 -22.39 24.73
N ALA E 97 -8.84 -22.07 24.90
CA ALA E 97 -9.87 -22.62 24.01
C ALA E 97 -9.81 -21.99 22.63
N LEU E 98 -9.18 -20.83 22.51
CA LEU E 98 -9.10 -20.09 21.27
C LEU E 98 -7.89 -20.50 20.45
N ALA E 99 -6.75 -20.73 21.12
CA ALA E 99 -5.55 -21.12 20.40
C ALA E 99 -5.67 -22.53 19.84
N LEU E 100 -6.38 -23.42 20.52
CA LEU E 100 -6.59 -24.77 20.04
C LEU E 100 -7.69 -24.85 18.99
N ALA E 101 -8.49 -23.81 18.83
CA ALA E 101 -9.61 -23.82 17.92
C ALA E 101 -9.15 -23.69 16.47
N LEU E 102 -10.07 -23.93 15.56
CA LEU E 102 -9.79 -23.79 14.14
C LEU E 102 -9.73 -22.30 13.76
N PRO E 103 -9.09 -21.97 12.64
CA PRO E 103 -9.08 -20.56 12.20
C PRO E 103 -10.43 -20.02 11.80
N SER E 104 -11.34 -20.83 11.25
CA SER E 104 -12.68 -20.31 10.98
C SER E 104 -13.47 -20.10 12.25
N VAL E 105 -13.24 -20.94 13.26
CA VAL E 105 -13.87 -20.74 14.55
C VAL E 105 -13.39 -19.43 15.18
N GLN E 106 -12.08 -19.19 15.13
CA GLN E 106 -11.52 -17.96 15.66
C GLN E 106 -11.99 -16.74 14.87
N GLY E 107 -12.15 -16.91 13.56
CA GLY E 107 -12.65 -15.81 12.74
C GLY E 107 -14.09 -15.46 13.03
N GLN E 108 -14.94 -16.48 13.25
CA GLN E 108 -16.32 -16.16 13.56
C GLN E 108 -16.49 -15.68 14.99
N MET E 109 -15.56 -16.03 15.89
CA MET E 109 -15.60 -15.41 17.21
C MET E 109 -15.17 -13.95 17.16
N GLU E 110 -14.21 -13.62 16.29
CA GLU E 110 -13.86 -12.21 16.10
C GLU E 110 -15.00 -11.45 15.43
N ASN E 111 -15.73 -12.12 14.54
CA ASN E 111 -16.90 -11.53 13.92
C ASN E 111 -17.99 -11.25 14.95
N LEU E 112 -18.21 -12.20 15.86
CA LEU E 112 -19.17 -12.00 16.94
C LEU E 112 -18.71 -10.92 17.91
N ALA E 113 -17.41 -10.75 18.06
CA ALA E 113 -16.91 -9.66 18.90
C ALA E 113 -17.11 -8.30 18.23
N VAL E 114 -16.96 -8.24 16.91
CA VAL E 114 -17.29 -7.02 16.18
C VAL E 114 -18.78 -6.73 16.26
N ASP E 115 -19.61 -7.77 16.34
CA ASP E 115 -21.04 -7.58 16.58
C ASP E 115 -21.35 -6.93 17.93
N MET E 116 -20.45 -7.05 18.90
CA MET E 116 -20.65 -6.43 20.21
C MET E 116 -20.06 -5.03 20.29
N GLY E 117 -19.93 -4.34 19.16
CA GLY E 117 -19.50 -2.97 19.10
C GLY E 117 -18.00 -2.77 19.07
N TYR E 118 -17.23 -3.77 19.46
CA TYR E 118 -15.79 -3.61 19.59
C TYR E 118 -15.12 -3.64 18.23
N THR E 119 -14.26 -2.68 17.98
CA THR E 119 -13.54 -2.63 16.72
C THR E 119 -12.09 -3.07 16.94
N PRO E 120 -11.46 -3.66 15.93
CA PRO E 120 -10.03 -3.99 16.06
C PRO E 120 -9.18 -2.74 16.10
N GLY E 121 -8.11 -2.81 16.88
CA GLY E 121 -7.17 -1.71 16.94
C GLY E 121 -6.41 -1.54 15.64
N VAL E 122 -5.78 -0.38 15.52
CA VAL E 122 -5.12 -0.03 14.26
C VAL E 122 -3.86 -0.85 14.08
N LEU E 123 -3.10 -1.06 15.15
CA LEU E 123 -1.95 -1.93 15.06
C LEU E 123 -2.34 -3.39 14.90
N ALA E 124 -3.55 -3.77 15.33
CA ALA E 124 -4.04 -5.10 15.04
C ALA E 124 -4.30 -5.27 13.55
N LEU E 125 -4.83 -4.23 12.91
CA LEU E 125 -4.99 -4.25 11.46
C LEU E 125 -3.65 -4.28 10.75
N PHE E 126 -2.67 -3.55 11.27
CA PHE E 126 -1.34 -3.58 10.67
C PHE E 126 -0.67 -4.94 10.87
N TYR E 127 -0.96 -5.63 11.97
CA TYR E 127 -0.45 -6.99 12.12
C TYR E 127 -1.14 -7.94 11.16
N LYS E 128 -2.46 -7.79 10.99
CA LYS E 128 -3.20 -8.74 10.20
C LYS E 128 -2.91 -8.60 8.71
N VAL E 129 -2.70 -7.37 8.24
CA VAL E 129 -2.49 -7.15 6.81
C VAL E 129 -1.04 -7.35 6.43
N ALA E 130 -0.12 -6.72 7.15
CA ALA E 130 1.26 -6.66 6.70
C ALA E 130 2.05 -7.93 6.97
N ILE E 131 2.08 -8.35 8.22
CA ILE E 131 3.08 -9.30 8.69
C ILE E 131 2.50 -10.67 8.99
N GLY E 132 1.25 -10.74 9.46
CA GLY E 132 0.62 -12.03 9.68
C GLY E 132 0.25 -12.71 8.39
N SER E 133 0.05 -11.94 7.32
CA SER E 133 -0.09 -12.49 5.98
C SER E 133 1.24 -12.98 5.42
N GLY E 134 2.35 -12.55 6.01
CA GLY E 134 3.64 -12.87 5.44
C GLY E 134 3.99 -12.05 4.23
N VAL E 135 3.44 -10.85 4.12
CA VAL E 135 3.73 -9.96 3.00
C VAL E 135 4.85 -8.99 3.33
N ALA E 136 4.75 -8.30 4.47
CA ALA E 136 5.76 -7.31 4.85
C ALA E 136 7.16 -7.87 5.08
N PRO E 137 7.38 -9.00 5.78
CA PRO E 137 8.76 -9.50 5.85
C PRO E 137 9.26 -10.11 4.56
N LEU E 138 8.43 -10.23 3.52
CA LEU E 138 8.97 -10.55 2.21
C LEU E 138 9.29 -9.32 1.40
N VAL E 139 8.51 -8.25 1.52
CA VAL E 139 8.82 -7.03 0.79
C VAL E 139 10.08 -6.39 1.34
N ILE E 140 10.26 -6.42 2.67
CA ILE E 140 11.50 -5.89 3.25
C ILE E 140 12.68 -6.77 2.87
N PHE E 141 12.45 -8.07 2.70
CA PHE E 141 13.54 -8.94 2.31
C PHE E 141 13.85 -8.79 0.83
N MET E 142 12.86 -8.38 0.04
CA MET E 142 13.10 -7.99 -1.35
C MET E 142 13.94 -6.74 -1.42
N GLY E 143 13.71 -5.81 -0.50
CA GLY E 143 14.56 -4.63 -0.43
C GLY E 143 15.95 -4.93 0.04
N VAL E 144 16.11 -5.92 0.92
CA VAL E 144 17.45 -6.39 1.27
C VAL E 144 18.13 -6.99 0.06
N GLY E 145 17.36 -7.70 -0.76
CA GLY E 145 17.90 -8.20 -2.02
C GLY E 145 18.25 -7.11 -3.01
N ALA E 146 17.58 -5.96 -2.92
CA ALA E 146 17.87 -4.89 -3.86
C ALA E 146 18.96 -3.95 -3.39
N MET E 147 19.46 -4.11 -2.18
CA MET E 147 20.58 -3.32 -1.69
C MET E 147 21.90 -4.07 -1.75
N THR E 148 21.89 -5.33 -2.17
CA THR E 148 22.98 -6.24 -1.91
C THR E 148 23.88 -6.38 -3.14
N ASP E 149 25.18 -6.22 -2.94
CA ASP E 149 26.17 -6.41 -3.98
C ASP E 149 26.69 -7.84 -3.93
N PHE E 150 27.04 -8.37 -5.11
CA PHE E 150 27.43 -9.77 -5.25
C PHE E 150 28.79 -9.96 -5.89
N GLY E 151 29.38 -8.91 -6.42
CA GLY E 151 30.78 -8.89 -6.80
C GLY E 151 31.75 -9.40 -5.75
N PRO E 152 31.65 -8.92 -4.50
CA PRO E 152 32.44 -9.53 -3.42
C PRO E 152 32.11 -10.98 -3.11
N LEU E 153 31.04 -11.55 -3.65
CA LEU E 153 30.71 -12.95 -3.40
C LEU E 153 31.07 -13.85 -4.56
N LEU E 154 30.76 -13.43 -5.78
CA LEU E 154 31.04 -14.24 -6.97
C LEU E 154 32.53 -14.38 -7.20
N ALA E 155 33.28 -13.32 -6.95
CA ALA E 155 34.71 -13.49 -6.75
C ALA E 155 34.94 -14.18 -5.42
N ASN E 156 35.83 -15.18 -5.41
CA ASN E 156 36.15 -16.07 -4.29
C ASN E 156 34.88 -16.78 -3.82
N PRO E 157 34.39 -17.77 -4.58
CA PRO E 157 33.09 -18.39 -4.25
C PRO E 157 33.12 -19.23 -2.98
N ARG E 158 34.31 -19.66 -2.55
CA ARG E 158 34.51 -20.51 -1.39
C ARG E 158 34.06 -19.85 -0.10
N THR E 159 33.96 -18.53 -0.12
CA THR E 159 33.42 -17.76 1.00
C THR E 159 31.94 -18.01 1.25
N LEU E 160 31.22 -18.63 0.31
CA LEU E 160 29.86 -19.09 0.61
C LEU E 160 29.84 -20.11 1.72
N LEU E 161 30.88 -20.96 1.77
CA LEU E 161 30.96 -22.00 2.78
C LEU E 161 31.24 -21.42 4.17
N LEU E 162 31.69 -20.16 4.24
CA LEU E 162 31.76 -19.49 5.53
C LEU E 162 30.36 -19.20 6.06
N GLY E 163 29.43 -18.87 5.16
CA GLY E 163 28.03 -18.76 5.47
C GLY E 163 27.33 -20.06 5.73
N ALA E 164 28.00 -21.19 5.57
CA ALA E 164 27.45 -22.48 5.98
C ALA E 164 27.54 -22.67 7.47
N ALA E 165 28.75 -22.56 8.03
CA ALA E 165 28.92 -22.64 9.47
C ALA E 165 28.52 -21.34 10.16
N ALA E 166 28.35 -20.25 9.43
CA ALA E 166 27.76 -19.06 10.03
C ALA E 166 26.28 -19.25 10.37
N GLN E 167 25.64 -20.28 9.84
CA GLN E 167 24.29 -20.63 10.22
C GLN E 167 24.24 -21.75 11.25
N PHE E 168 25.38 -22.17 11.78
CA PHE E 168 25.37 -23.13 12.88
C PHE E 168 24.87 -22.48 14.16
N GLY E 169 24.94 -21.15 14.26
CA GLY E 169 24.44 -20.46 15.43
C GLY E 169 22.95 -20.62 15.64
N ILE E 170 22.19 -20.66 14.55
CA ILE E 170 20.74 -20.88 14.63
C ILE E 170 20.45 -22.25 15.22
N PHE E 171 21.10 -23.28 14.66
CA PHE E 171 20.83 -24.65 15.06
C PHE E 171 21.30 -24.91 16.49
N ALA E 172 22.43 -24.32 16.88
CA ALA E 172 22.89 -24.43 18.26
C ALA E 172 21.97 -23.69 19.22
N THR E 173 21.37 -22.59 18.76
CA THR E 173 20.40 -21.89 19.61
C THR E 173 19.12 -22.70 19.76
N VAL E 174 18.75 -23.44 18.71
CA VAL E 174 17.57 -24.30 18.81
C VAL E 174 17.83 -25.46 19.76
N LEU E 175 19.02 -26.06 19.69
CA LEU E 175 19.39 -27.08 20.67
C LEU E 175 19.46 -26.52 22.08
N GLY E 176 19.90 -25.28 22.23
CA GLY E 176 19.90 -24.64 23.54
C GLY E 176 18.49 -24.39 24.07
N ALA E 177 17.57 -24.01 23.18
CA ALA E 177 16.17 -23.83 23.57
C ALA E 177 15.53 -25.16 23.95
N LEU E 178 15.82 -26.21 23.20
CA LEU E 178 15.22 -27.51 23.48
C LEU E 178 15.80 -28.14 24.74
N THR E 179 17.09 -27.91 25.02
CA THR E 179 17.63 -28.39 26.29
C THR E 179 17.28 -27.46 27.44
N LEU E 180 16.87 -26.21 27.15
CA LEU E 180 16.32 -25.36 28.17
C LEU E 180 14.91 -25.81 28.53
N ASN E 181 14.21 -26.42 27.57
CA ASN E 181 12.98 -27.10 27.91
C ASN E 181 13.26 -28.43 28.61
N TYR E 182 14.34 -29.11 28.24
CA TYR E 182 14.64 -30.42 28.81
C TYR E 182 15.11 -30.31 30.25
N PHE E 183 15.78 -29.21 30.59
CA PHE E 183 16.12 -28.97 31.99
C PHE E 183 14.90 -28.56 32.80
N GLY E 184 13.82 -28.14 32.15
CA GLY E 184 12.60 -27.81 32.86
C GLY E 184 12.56 -26.43 33.47
N LEU E 185 13.38 -25.50 32.96
CA LEU E 185 13.33 -24.14 33.48
C LEU E 185 12.15 -23.37 32.89
N ILE E 186 12.11 -23.20 31.58
CA ILE E 186 11.01 -22.54 30.89
C ILE E 186 10.60 -23.38 29.70
N SER E 187 9.32 -23.30 29.35
CA SER E 187 8.69 -24.22 28.41
C SER E 187 8.80 -23.69 26.99
N PHE E 188 9.50 -24.43 26.14
CA PHE E 188 9.61 -24.14 24.72
C PHE E 188 9.03 -25.32 23.95
N THR E 189 8.03 -25.07 23.13
CA THR E 189 7.64 -26.07 22.17
C THR E 189 8.60 -26.03 20.99
N LEU E 190 8.47 -27.03 20.10
CA LEU E 190 9.31 -27.04 18.90
C LEU E 190 9.02 -25.90 17.92
N PRO E 191 7.77 -25.51 17.60
CA PRO E 191 7.60 -24.33 16.73
C PRO E 191 8.04 -23.03 17.36
N GLN E 192 8.12 -22.95 18.69
CA GLN E 192 8.65 -21.74 19.32
C GLN E 192 10.18 -21.78 19.36
N ALA E 193 10.75 -22.95 19.64
CA ALA E 193 12.20 -23.08 19.65
C ALA E 193 12.79 -22.95 18.26
N ALA E 194 12.00 -23.21 17.22
CA ALA E 194 12.49 -22.95 15.87
C ALA E 194 12.42 -21.48 15.52
N ALA E 195 11.54 -20.72 16.16
CA ALA E 195 11.49 -19.29 15.89
C ALA E 195 12.51 -18.51 16.71
N ILE E 196 12.90 -19.04 17.87
CA ILE E 196 13.95 -18.38 18.66
C ILE E 196 15.30 -18.50 17.95
N GLY E 197 15.52 -19.59 17.22
CA GLY E 197 16.83 -19.86 16.66
C GLY E 197 17.25 -18.91 15.56
N ILE E 198 16.30 -18.36 14.80
CA ILE E 198 16.60 -17.58 13.60
C ILE E 198 17.26 -16.25 13.92
N ILE E 199 17.24 -15.84 15.19
CA ILE E 199 17.97 -14.67 15.67
C ILE E 199 19.46 -14.81 15.40
N GLY E 200 20.00 -16.03 15.48
CA GLY E 200 21.41 -16.27 15.25
C GLY E 200 21.87 -16.04 13.83
N GLY E 201 20.96 -16.01 12.88
CA GLY E 201 21.34 -15.62 11.55
C GLY E 201 21.39 -14.13 11.32
N ALA E 202 21.03 -13.35 12.35
CA ALA E 202 21.09 -11.88 12.36
C ALA E 202 20.25 -11.24 11.28
N ASP E 203 19.26 -11.97 10.76
CA ASP E 203 18.52 -11.50 9.60
C ASP E 203 17.09 -11.27 10.09
N GLY E 204 16.84 -10.04 10.51
CA GLY E 204 15.52 -9.56 10.85
C GLY E 204 14.39 -9.82 9.86
N PRO E 205 14.56 -9.46 8.57
CA PRO E 205 13.48 -9.72 7.60
C PRO E 205 13.20 -11.18 7.30
N THR E 206 13.93 -12.14 7.84
CA THR E 206 13.46 -13.52 7.81
C THR E 206 13.20 -14.13 9.17
N ALA E 207 13.79 -13.60 10.24
CA ALA E 207 13.40 -14.04 11.57
C ALA E 207 12.00 -13.57 11.89
N ILE E 208 11.67 -12.37 11.45
CA ILE E 208 10.30 -11.83 11.57
C ILE E 208 9.34 -12.66 10.74
N TYR E 209 9.75 -13.10 9.55
CA TYR E 209 8.91 -13.95 8.71
C TYR E 209 8.64 -15.30 9.35
N LEU E 210 9.70 -15.98 9.79
CA LEU E 210 9.53 -17.31 10.38
C LEU E 210 8.81 -17.25 11.71
N SER E 211 9.05 -16.21 12.51
CA SER E 211 8.30 -16.03 13.73
C SER E 211 6.85 -15.64 13.48
N GLY E 212 6.56 -15.02 12.35
CA GLY E 212 5.17 -14.78 12.00
C GLY E 212 4.46 -16.05 11.57
N LYS E 213 5.20 -17.00 11.00
CA LYS E 213 4.56 -18.23 10.57
C LYS E 213 4.63 -19.37 11.58
N LEU E 214 5.46 -19.28 12.61
CA LEU E 214 5.59 -20.39 13.54
C LEU E 214 5.14 -20.06 14.95
N ALA E 215 5.65 -18.99 15.56
CA ALA E 215 5.27 -18.60 16.92
C ALA E 215 4.79 -17.16 16.89
N PRO E 216 3.54 -16.91 16.50
CA PRO E 216 3.07 -15.52 16.36
C PRO E 216 2.94 -14.80 17.69
N GLU E 217 2.78 -15.53 18.79
CA GLU E 217 2.76 -14.91 20.10
C GLU E 217 4.13 -14.45 20.56
N LEU E 218 5.18 -14.90 19.89
CA LEU E 218 6.55 -14.71 20.34
C LEU E 218 7.29 -13.68 19.49
N LEU E 219 6.58 -13.04 18.55
CA LEU E 219 7.21 -12.19 17.56
C LEU E 219 7.74 -10.89 18.14
N GLY E 220 7.18 -10.42 19.25
CA GLY E 220 7.65 -9.21 19.88
C GLY E 220 9.05 -9.36 20.43
N ALA E 221 9.26 -10.36 21.28
CA ALA E 221 10.55 -10.51 21.94
C ALA E 221 11.63 -11.06 21.03
N ILE E 222 11.27 -11.70 19.92
CA ILE E 222 12.30 -12.18 18.99
C ILE E 222 12.92 -11.01 18.25
N ALA E 223 12.09 -10.20 17.58
CA ALA E 223 12.61 -9.15 16.71
C ALA E 223 13.28 -8.03 17.50
N VAL E 224 12.76 -7.72 18.69
CA VAL E 224 13.47 -6.86 19.63
C VAL E 224 14.84 -7.44 19.95
N ALA E 225 14.90 -8.73 20.23
CA ALA E 225 16.20 -9.33 20.45
C ALA E 225 16.95 -9.61 19.16
N ALA E 226 16.34 -9.39 18.00
CA ALA E 226 17.15 -9.46 16.79
C ALA E 226 17.89 -8.16 16.58
N TYR E 227 17.16 -7.07 16.37
CA TYR E 227 17.76 -5.80 15.99
C TYR E 227 18.57 -5.15 17.10
N SER E 228 18.31 -5.49 18.36
CA SER E 228 19.24 -5.11 19.40
C SER E 228 20.55 -5.85 19.23
N TYR E 229 20.50 -7.17 19.15
CA TYR E 229 21.72 -7.97 19.15
C TYR E 229 22.46 -7.84 17.84
N MET E 230 21.73 -7.59 16.74
CA MET E 230 22.31 -7.23 15.45
C MET E 230 23.19 -6.00 15.52
N ALA E 231 22.91 -5.12 16.48
CA ALA E 231 23.76 -3.98 16.66
C ALA E 231 24.63 -4.07 17.89
N LEU E 232 24.63 -5.21 18.58
CA LEU E 232 25.70 -5.52 19.52
C LEU E 232 26.80 -6.33 18.86
N VAL E 233 26.76 -6.45 17.53
CA VAL E 233 27.83 -7.14 16.81
C VAL E 233 29.20 -6.46 16.97
N PRO E 234 29.34 -5.13 16.98
CA PRO E 234 30.66 -4.57 17.35
C PRO E 234 31.10 -4.83 18.80
N LEU E 235 30.20 -5.26 19.68
CA LEU E 235 30.62 -5.59 21.04
C LEU E 235 30.86 -7.08 21.22
N ILE E 236 30.20 -7.94 20.45
CA ILE E 236 30.26 -9.38 20.67
C ILE E 236 31.29 -10.04 19.75
N GLN E 237 31.29 -9.67 18.47
CA GLN E 237 32.18 -10.31 17.51
C GLN E 237 33.69 -10.10 17.77
N PRO E 238 34.20 -8.88 18.03
CA PRO E 238 35.69 -8.73 18.15
C PRO E 238 36.35 -9.49 19.30
N PRO E 239 35.78 -9.56 20.53
CA PRO E 239 36.46 -10.38 21.55
C PRO E 239 36.49 -11.85 21.25
N ILE E 240 35.47 -12.37 20.55
CA ILE E 240 35.54 -13.72 20.00
C ILE E 240 36.70 -13.82 19.02
N MET E 241 36.90 -12.79 18.21
CA MET E 241 38.07 -12.71 17.34
C MET E 241 39.36 -12.65 18.14
N ARG E 242 39.30 -12.12 19.36
CA ARG E 242 40.46 -12.12 20.23
C ARG E 242 40.47 -13.28 21.20
N ALA E 243 39.47 -14.17 21.11
CA ALA E 243 39.50 -15.38 21.93
C ALA E 243 40.05 -16.56 21.17
N LEU E 244 40.08 -16.48 19.84
CA LEU E 244 40.36 -17.65 19.02
C LEU E 244 41.54 -17.46 18.08
N THR E 245 41.52 -16.41 17.26
CA THR E 245 42.38 -16.33 16.09
C THR E 245 43.76 -15.79 16.49
N SER E 246 44.81 -16.46 16.03
CA SER E 246 46.18 -16.00 16.25
C SER E 246 46.48 -14.81 15.33
N GLU E 247 47.62 -14.17 15.60
CA GLU E 247 47.99 -12.96 14.87
C GLU E 247 48.65 -13.25 13.53
N LYS E 248 49.26 -14.43 13.36
CA LYS E 248 49.83 -14.77 12.05
C LYS E 248 48.75 -15.04 11.02
N GLU E 249 47.54 -15.37 11.45
CA GLU E 249 46.41 -15.56 10.55
C GLU E 249 45.68 -14.26 10.25
N ARG E 250 45.75 -13.29 11.16
CA ARG E 250 45.11 -12.01 10.92
C ARG E 250 45.85 -11.21 9.85
N LYS E 251 47.15 -11.41 9.74
CA LYS E 251 47.98 -10.62 8.83
C LYS E 251 48.11 -11.26 7.46
N ILE E 252 47.09 -11.98 7.01
CA ILE E 252 47.11 -12.63 5.71
C ILE E 252 46.57 -11.67 4.67
N ARG E 253 47.37 -11.40 3.63
CA ARG E 253 46.91 -10.63 2.49
C ARG E 253 45.92 -11.47 1.69
N MET E 254 44.71 -10.96 1.51
CA MET E 254 43.76 -11.59 0.60
C MET E 254 43.96 -10.99 -0.78
N VAL E 255 43.85 -11.83 -1.81
CA VAL E 255 44.02 -11.38 -3.17
C VAL E 255 42.82 -10.52 -3.57
N GLN E 256 43.07 -9.48 -4.36
CA GLN E 256 42.04 -8.60 -4.84
C GLN E 256 41.01 -9.34 -5.69
N LEU E 257 39.83 -8.74 -5.83
CA LEU E 257 38.69 -9.42 -6.42
C LEU E 257 38.85 -9.57 -7.93
N ARG E 258 38.14 -10.56 -8.47
CA ARG E 258 38.28 -10.96 -9.86
C ARG E 258 37.51 -10.04 -10.80
N THR E 259 37.32 -10.51 -12.04
CA THR E 259 36.46 -9.84 -13.00
C THR E 259 35.05 -9.75 -12.44
N VAL E 260 34.41 -8.59 -12.63
CA VAL E 260 33.09 -8.33 -12.06
C VAL E 260 32.04 -9.27 -12.66
N SER E 261 32.19 -9.64 -13.94
CA SER E 261 31.39 -10.65 -14.65
C SER E 261 29.90 -10.30 -14.60
N LYS E 262 29.58 -9.22 -15.32
CA LYS E 262 28.26 -8.58 -15.23
C LYS E 262 27.13 -9.53 -15.59
N ARG E 263 27.31 -10.33 -16.64
CA ARG E 263 26.28 -11.30 -17.00
C ARG E 263 26.19 -12.44 -16.00
N GLU E 264 27.30 -12.74 -15.32
CA GLU E 264 27.22 -13.72 -14.24
C GLU E 264 26.51 -13.14 -13.03
N LYS E 265 26.62 -11.83 -12.81
CA LYS E 265 25.83 -11.18 -11.77
C LYS E 265 24.36 -11.13 -12.16
N ILE E 266 24.05 -11.11 -13.45
CA ILE E 266 22.66 -11.25 -13.90
C ILE E 266 22.15 -12.64 -13.57
N LEU E 267 22.88 -13.66 -13.99
CA LEU E 267 22.38 -15.03 -13.91
C LEU E 267 22.64 -15.69 -12.57
N PHE E 268 23.23 -15.00 -11.60
CA PHE E 268 23.36 -15.63 -10.29
C PHE E 268 22.06 -15.76 -9.50
N PRO E 269 21.16 -14.75 -9.41
CA PRO E 269 19.90 -15.01 -8.69
C PRO E 269 18.98 -15.98 -9.42
N VAL E 270 19.06 -16.08 -10.75
CA VAL E 270 18.25 -17.07 -11.45
C VAL E 270 18.72 -18.48 -11.12
N VAL E 271 20.04 -18.70 -11.09
CA VAL E 271 20.57 -20.01 -10.73
C VAL E 271 20.31 -20.32 -9.27
N LEU E 272 20.39 -19.30 -8.40
CA LEU E 272 20.04 -19.48 -7.00
C LEU E 272 18.58 -19.87 -6.82
N LEU E 273 17.67 -19.20 -7.52
CA LEU E 273 16.26 -19.51 -7.40
C LEU E 273 15.94 -20.88 -7.98
N LEU E 274 16.58 -21.26 -9.08
CA LEU E 274 16.33 -22.60 -9.60
C LEU E 274 16.93 -23.69 -8.71
N LEU E 275 17.99 -23.36 -7.97
CA LEU E 275 18.51 -24.33 -7.02
C LEU E 275 17.63 -24.41 -5.77
N VAL E 276 16.90 -23.33 -5.48
CA VAL E 276 15.83 -23.40 -4.48
C VAL E 276 14.66 -24.19 -5.03
N ALA E 277 14.46 -24.15 -6.34
CA ALA E 277 13.35 -24.85 -6.96
C ALA E 277 13.56 -26.35 -6.95
N LEU E 278 14.78 -26.80 -7.24
CA LEU E 278 15.07 -28.23 -7.14
C LEU E 278 15.14 -28.66 -5.67
N LEU E 279 16.07 -28.09 -4.92
CA LEU E 279 16.29 -28.48 -3.53
C LEU E 279 15.70 -27.43 -2.60
N LEU E 280 15.01 -27.89 -1.54
CA LEU E 280 14.40 -27.07 -0.49
C LEU E 280 13.44 -26.05 -1.07
N PRO E 281 12.23 -26.45 -1.46
CA PRO E 281 11.28 -25.48 -2.01
C PRO E 281 10.62 -24.61 -0.96
N ASP E 282 10.70 -24.97 0.32
CA ASP E 282 10.07 -24.15 1.36
C ASP E 282 10.80 -22.85 1.63
N ALA E 283 12.04 -22.72 1.15
CA ALA E 283 12.72 -21.44 1.11
C ALA E 283 12.43 -20.68 -0.17
N ALA E 284 11.42 -21.10 -0.93
CA ALA E 284 11.04 -20.37 -2.14
C ALA E 284 10.50 -18.96 -1.88
N PRO E 285 9.55 -18.70 -0.94
CA PRO E 285 9.07 -17.32 -0.82
C PRO E 285 10.06 -16.35 -0.23
N LEU E 286 11.07 -16.82 0.50
CA LEU E 286 12.09 -15.90 0.99
C LEU E 286 13.11 -15.59 -0.09
N LEU E 287 13.88 -16.62 -0.47
CA LEU E 287 15.01 -16.45 -1.38
C LEU E 287 14.55 -15.99 -2.75
N GLY E 288 13.41 -16.50 -3.22
CA GLY E 288 12.82 -16.01 -4.45
C GLY E 288 12.50 -14.53 -4.38
N MET E 289 11.90 -14.10 -3.28
CA MET E 289 11.64 -12.67 -3.14
C MET E 289 12.93 -11.92 -2.84
N PHE E 290 13.97 -12.61 -2.37
CA PHE E 290 15.31 -12.03 -2.35
C PHE E 290 15.79 -11.79 -3.77
N CYS E 291 15.65 -12.81 -4.63
CA CYS E 291 16.29 -12.77 -5.94
C CYS E 291 15.64 -11.73 -6.83
N PHE E 292 14.35 -11.49 -6.65
CA PHE E 292 13.69 -10.43 -7.40
C PHE E 292 14.21 -9.07 -6.99
N GLY E 293 14.65 -8.91 -5.74
CA GLY E 293 15.39 -7.73 -5.39
C GLY E 293 16.76 -7.70 -6.03
N ASN E 294 17.41 -8.86 -6.11
CA ASN E 294 18.73 -8.94 -6.70
C ASN E 294 18.69 -8.64 -8.19
N LEU E 295 17.78 -9.28 -8.92
CA LEU E 295 17.74 -9.22 -10.37
C LEU E 295 17.44 -7.81 -10.86
N MET E 296 16.51 -7.12 -10.18
CA MET E 296 16.22 -5.73 -10.55
C MET E 296 17.38 -4.81 -10.23
N ARG E 297 18.22 -5.17 -9.26
CA ARG E 297 19.44 -4.41 -9.08
C ARG E 297 20.42 -4.70 -10.20
N GLU E 298 20.48 -5.94 -10.66
CA GLU E 298 21.55 -6.30 -11.57
C GLU E 298 21.21 -5.98 -13.00
N SER E 299 19.93 -6.08 -13.37
CA SER E 299 19.54 -6.00 -14.78
C SER E 299 19.79 -4.63 -15.38
N GLY E 300 19.79 -3.59 -14.55
CA GLY E 300 20.23 -2.28 -14.99
C GLY E 300 19.29 -1.59 -15.96
N VAL E 301 18.11 -2.13 -16.17
CA VAL E 301 17.15 -1.56 -17.10
C VAL E 301 15.87 -1.14 -16.38
N VAL E 302 15.56 -1.77 -15.25
CA VAL E 302 14.55 -1.25 -14.34
C VAL E 302 15.29 -0.36 -13.35
N GLU E 303 15.58 0.85 -13.79
CA GLU E 303 16.21 1.82 -12.92
C GLU E 303 15.21 2.65 -12.16
N ARG E 304 13.92 2.52 -12.49
CA ARG E 304 12.87 3.14 -11.71
C ARG E 304 12.21 2.17 -10.77
N LEU E 305 12.42 0.87 -10.94
CA LEU E 305 11.89 -0.11 -10.01
C LEU E 305 12.86 -0.40 -8.87
N SER E 306 14.14 -0.56 -9.16
CA SER E 306 15.09 -0.89 -8.10
C SER E 306 15.33 0.29 -7.16
N ASP E 307 15.35 1.51 -7.71
CA ASP E 307 15.46 2.68 -6.85
C ASP E 307 14.19 2.89 -6.03
N THR E 308 13.04 2.47 -6.55
CA THR E 308 11.81 2.60 -5.77
C THR E 308 11.72 1.50 -4.72
N VAL E 309 12.28 0.32 -4.99
CA VAL E 309 12.36 -0.70 -3.96
C VAL E 309 13.30 -0.25 -2.84
N GLN E 310 14.57 -0.03 -3.16
CA GLN E 310 15.54 0.15 -2.08
C GLN E 310 15.42 1.51 -1.39
N ASN E 311 14.64 2.44 -1.91
CA ASN E 311 14.41 3.70 -1.20
C ASN E 311 12.95 3.91 -0.85
N GLY E 312 12.04 3.84 -1.83
CA GLY E 312 10.70 4.33 -1.63
C GLY E 312 9.70 3.32 -1.11
N LEU E 313 9.97 2.04 -1.29
CA LEU E 313 9.05 0.99 -0.85
C LEU E 313 9.45 0.40 0.49
N ILE E 314 10.74 0.28 0.76
CA ILE E 314 11.18 -0.25 2.05
C ILE E 314 10.93 0.75 3.16
N ASN E 315 10.94 2.03 2.84
CA ASN E 315 10.64 3.03 3.85
C ASN E 315 9.14 3.30 3.99
N ILE E 316 8.30 2.36 3.55
CA ILE E 316 6.90 2.28 3.91
C ILE E 316 6.60 0.98 4.64
N VAL E 317 7.03 -0.12 4.05
CA VAL E 317 6.83 -1.45 4.63
C VAL E 317 7.66 -1.60 5.90
N THR E 318 8.79 -0.91 5.99
CA THR E 318 9.59 -0.89 7.20
C THR E 318 8.84 -0.22 8.35
N ILE E 319 8.17 0.89 8.06
CA ILE E 319 7.39 1.59 9.09
C ILE E 319 6.23 0.72 9.56
N PHE E 320 5.52 0.12 8.61
CA PHE E 320 4.35 -0.67 8.99
C PHE E 320 4.73 -1.97 9.67
N LEU E 321 5.83 -2.60 9.27
CA LEU E 321 6.31 -3.79 9.95
C LEU E 321 6.90 -3.44 11.31
N GLY E 322 7.46 -2.25 11.46
CA GLY E 322 7.96 -1.85 12.77
C GLY E 322 6.84 -1.64 13.77
N LEU E 323 5.79 -0.91 13.36
CA LEU E 323 4.62 -0.78 14.21
C LEU E 323 3.92 -2.11 14.43
N SER E 324 4.01 -3.02 13.46
CA SER E 324 3.37 -4.31 13.61
C SER E 324 4.13 -5.27 14.52
N VAL E 325 5.46 -5.17 14.55
CA VAL E 325 6.23 -5.91 15.55
C VAL E 325 5.97 -5.32 16.93
N GLY E 326 5.90 -4.00 17.02
CA GLY E 326 5.54 -3.35 18.27
C GLY E 326 4.12 -3.64 18.73
N ALA E 327 3.25 -4.06 17.81
CA ALA E 327 1.94 -4.55 18.21
C ALA E 327 2.03 -5.83 19.03
N LYS E 328 3.08 -6.62 18.83
CA LYS E 328 3.32 -7.80 19.65
C LYS E 328 4.22 -7.51 20.84
N LEU E 329 4.41 -6.25 21.19
CA LEU E 329 5.00 -5.86 22.46
C LEU E 329 3.92 -5.47 23.46
N VAL E 330 2.78 -6.16 23.41
CA VAL E 330 1.80 -6.04 24.47
C VAL E 330 2.30 -6.83 25.68
N ALA E 331 1.68 -6.58 26.85
CA ALA E 331 2.28 -6.94 28.13
C ALA E 331 2.41 -8.46 28.31
N ASP E 332 1.37 -9.20 28.02
CA ASP E 332 1.40 -10.64 28.25
C ASP E 332 2.16 -11.43 27.19
N LYS E 333 2.71 -10.77 26.17
CA LYS E 333 3.54 -11.45 25.18
C LYS E 333 5.02 -11.15 25.36
N PHE E 334 5.38 -10.17 26.18
CA PHE E 334 6.77 -9.84 26.41
C PHE E 334 7.20 -10.05 27.85
N LEU E 335 6.36 -9.67 28.82
CA LEU E 335 6.64 -9.98 30.22
C LEU E 335 6.14 -11.40 30.50
N GLN E 336 6.94 -12.35 30.05
CA GLN E 336 6.56 -13.73 29.95
C GLN E 336 7.90 -14.47 30.00
N PRO E 337 8.00 -15.57 30.74
CA PRO E 337 9.33 -16.17 30.98
C PRO E 337 9.97 -16.80 29.76
N GLN E 338 9.23 -17.02 28.68
CA GLN E 338 9.84 -17.46 27.42
C GLN E 338 10.68 -16.38 26.78
N THR E 339 10.48 -15.11 27.14
CA THR E 339 11.20 -14.01 26.52
C THR E 339 12.56 -13.76 27.16
N LEU E 340 12.72 -14.09 28.45
CA LEU E 340 14.03 -14.07 29.07
C LEU E 340 14.95 -15.08 28.44
N GLY E 341 14.40 -16.23 28.05
CA GLY E 341 15.17 -17.20 27.30
C GLY E 341 15.60 -16.68 25.94
N ILE E 342 14.76 -15.86 25.30
CA ILE E 342 15.14 -15.24 24.04
C ILE E 342 16.27 -14.24 24.23
N LEU E 343 16.12 -13.37 25.25
CA LEU E 343 17.15 -12.38 25.53
C LEU E 343 18.46 -12.99 26.02
N LEU E 344 18.43 -14.22 26.52
CA LEU E 344 19.67 -14.87 26.90
C LEU E 344 20.24 -15.81 25.83
N LEU E 345 19.41 -16.35 24.96
CA LEU E 345 19.88 -17.20 23.88
C LEU E 345 20.34 -16.41 22.67
N GLY E 346 19.86 -15.19 22.48
CA GLY E 346 20.24 -14.43 21.31
C GLY E 346 21.69 -13.97 21.32
N VAL E 347 22.26 -13.79 22.50
CA VAL E 347 23.66 -13.38 22.57
C VAL E 347 24.59 -14.57 22.36
N ILE E 348 24.26 -15.74 22.91
CA ILE E 348 25.08 -16.91 22.64
C ILE E 348 24.83 -17.43 21.23
N ALA E 349 23.73 -17.02 20.60
CA ALA E 349 23.51 -17.29 19.19
C ALA E 349 24.62 -16.69 18.34
N PHE E 350 24.95 -15.42 18.57
CA PHE E 350 26.04 -14.80 17.83
C PHE E 350 27.39 -15.29 18.33
N GLY E 351 27.49 -15.61 19.62
CA GLY E 351 28.73 -16.16 20.14
C GLY E 351 29.07 -17.53 19.57
N ILE E 352 28.08 -18.27 19.12
CA ILE E 352 28.33 -19.51 18.41
C ILE E 352 28.44 -19.28 16.90
N GLY E 353 27.72 -18.31 16.35
CA GLY E 353 27.77 -18.08 14.91
C GLY E 353 29.10 -17.52 14.45
N THR E 354 29.62 -16.49 15.14
CA THR E 354 30.92 -15.94 14.81
C THR E 354 32.03 -16.97 15.02
N ALA E 355 31.93 -17.76 16.08
CA ALA E 355 32.95 -18.76 16.39
C ALA E 355 32.95 -19.87 15.35
N ALA E 356 31.77 -20.32 14.92
CA ALA E 356 31.73 -21.36 13.91
C ALA E 356 32.12 -20.82 12.54
N GLY E 357 31.89 -19.53 12.30
CA GLY E 357 32.37 -18.93 11.06
C GLY E 357 33.88 -18.86 10.99
N VAL E 358 34.53 -18.47 12.09
CA VAL E 358 35.99 -18.40 12.05
C VAL E 358 36.62 -19.79 12.14
N LEU E 359 35.93 -20.76 12.75
CA LEU E 359 36.42 -22.12 12.70
C LEU E 359 36.31 -22.70 11.30
N MET E 360 35.26 -22.34 10.56
CA MET E 360 35.19 -22.77 9.18
C MET E 360 36.23 -22.07 8.33
N ALA E 361 36.57 -20.83 8.69
CA ALA E 361 37.67 -20.14 8.05
C ALA E 361 38.99 -20.86 8.26
N LYS E 362 39.25 -21.29 9.50
CA LYS E 362 40.45 -22.09 9.77
C LYS E 362 40.44 -23.42 9.04
N LEU E 363 39.27 -24.07 8.97
CA LEU E 363 39.16 -25.32 8.25
C LEU E 363 39.17 -25.15 6.74
N LEU E 364 39.11 -23.92 6.23
CA LEU E 364 39.40 -23.65 4.84
C LEU E 364 40.80 -23.07 4.63
N ASN E 365 41.59 -22.93 5.69
CA ASN E 365 43.01 -22.63 5.56
C ASN E 365 43.86 -23.88 5.40
N LEU E 366 43.25 -25.03 5.08
CA LEU E 366 43.98 -26.28 5.06
C LEU E 366 43.86 -27.06 3.75
N CYS E 367 43.07 -26.58 2.79
CA CYS E 367 42.88 -27.37 1.57
C CYS E 367 42.83 -26.55 0.29
N SER E 368 43.22 -25.27 0.30
CA SER E 368 43.10 -24.46 -0.90
C SER E 368 44.20 -23.43 -0.96
N LYS E 369 44.41 -22.90 -2.17
CA LYS E 369 45.33 -21.80 -2.38
C LYS E 369 44.67 -20.48 -2.01
N ASN E 370 45.51 -19.47 -1.73
CA ASN E 370 45.11 -18.14 -1.29
C ASN E 370 44.24 -18.22 -0.05
N LYS E 371 44.90 -18.66 1.03
CA LYS E 371 44.23 -19.06 2.26
C LYS E 371 43.43 -17.92 2.87
N ILE E 372 42.20 -18.23 3.30
CA ILE E 372 41.26 -17.23 3.75
C ILE E 372 41.70 -16.65 5.09
N ASN E 373 41.71 -15.32 5.18
CA ASN E 373 41.89 -14.65 6.45
C ASN E 373 40.76 -15.03 7.40
N PRO E 374 41.06 -15.52 8.60
CA PRO E 374 39.99 -15.86 9.55
C PRO E 374 39.28 -14.65 10.11
N LEU E 375 39.74 -13.44 9.84
CA LEU E 375 38.97 -12.24 10.15
C LEU E 375 37.72 -12.13 9.30
N ILE E 376 37.72 -12.76 8.11
CA ILE E 376 36.55 -12.80 7.26
C ILE E 376 35.50 -13.74 7.83
N GLY E 377 35.92 -14.68 8.69
CA GLY E 377 35.06 -15.78 9.09
C GLY E 377 33.87 -15.37 9.92
N SER E 378 34.04 -14.39 10.78
CA SER E 378 32.94 -13.91 11.60
C SER E 378 32.15 -12.81 10.92
N ALA E 379 32.46 -12.50 9.67
CA ALA E 379 31.61 -11.63 8.88
C ALA E 379 30.46 -12.39 8.24
N GLY E 380 30.40 -13.71 8.41
CA GLY E 380 29.27 -14.49 7.94
C GLY E 380 27.99 -14.26 8.72
N VAL E 381 28.08 -13.63 9.89
CA VAL E 381 26.90 -13.20 10.62
C VAL E 381 26.31 -12.01 9.89
N SER E 382 25.11 -12.20 9.33
CA SER E 382 24.54 -11.29 8.34
C SER E 382 24.03 -10.03 9.02
N ALA E 383 24.95 -9.08 9.22
CA ALA E 383 24.61 -7.82 9.85
C ALA E 383 25.01 -6.67 8.93
N VAL E 384 24.53 -6.74 7.69
CA VAL E 384 24.86 -5.85 6.58
C VAL E 384 24.73 -4.37 6.92
N PRO E 385 25.70 -3.53 6.56
CA PRO E 385 27.00 -3.97 6.03
C PRO E 385 28.03 -4.01 7.13
N MET E 386 27.61 -3.68 8.35
CA MET E 386 28.58 -3.30 9.38
C MET E 386 29.24 -4.48 10.06
N ALA E 387 28.81 -5.72 9.80
CA ALA E 387 29.60 -6.85 10.24
C ALA E 387 30.91 -6.91 9.47
N ALA E 388 30.87 -6.59 8.18
CA ALA E 388 32.11 -6.43 7.43
C ALA E 388 32.89 -5.22 7.91
N ARG E 389 32.20 -4.19 8.42
CA ARG E 389 32.92 -3.03 8.96
C ARG E 389 33.64 -3.38 10.25
N VAL E 390 33.03 -4.21 11.10
CA VAL E 390 33.71 -4.52 12.34
C VAL E 390 34.81 -5.56 12.11
N SER E 391 34.65 -6.41 11.08
CA SER E 391 35.77 -7.26 10.68
C SER E 391 36.88 -6.43 10.05
N ASN E 392 36.52 -5.34 9.36
CA ASN E 392 37.53 -4.41 8.86
C ASN E 392 38.24 -3.70 9.99
N LYS E 393 37.53 -3.38 11.07
CA LYS E 393 38.17 -2.73 12.21
C LYS E 393 39.14 -3.67 12.91
N VAL E 394 38.77 -4.94 13.07
CA VAL E 394 39.69 -5.90 13.68
C VAL E 394 40.84 -6.22 12.73
N GLY E 395 40.60 -6.13 11.42
CA GLY E 395 41.68 -6.29 10.46
C GLY E 395 42.68 -5.14 10.49
N LEU E 396 42.18 -3.91 10.55
CA LEU E 396 43.04 -2.74 10.66
C LEU E 396 43.70 -2.62 12.03
N GLU E 397 43.19 -3.33 13.03
CA GLU E 397 43.91 -3.43 14.29
C GLU E 397 45.24 -4.17 14.11
N SER E 398 45.29 -5.15 13.21
CA SER E 398 46.50 -5.93 13.02
C SER E 398 47.47 -5.33 12.02
N ASP E 399 47.00 -4.48 11.10
CA ASP E 399 47.86 -3.97 10.05
C ASP E 399 47.30 -2.64 9.54
N ALA E 400 48.17 -1.82 8.97
CA ALA E 400 47.75 -0.51 8.48
C ALA E 400 47.29 -0.53 7.03
N GLN E 401 47.60 -1.58 6.28
CA GLN E 401 47.27 -1.64 4.87
C GLN E 401 46.49 -2.90 4.51
N ASN E 402 45.90 -3.57 5.50
CA ASN E 402 45.11 -4.77 5.26
C ASN E 402 43.64 -4.36 5.25
N PHE E 403 43.13 -4.05 4.07
CA PHE E 403 41.75 -3.61 3.92
C PHE E 403 40.87 -4.81 3.61
N LEU E 404 39.73 -4.91 4.31
CA LEU E 404 38.87 -6.08 4.19
C LEU E 404 37.43 -5.75 3.85
N LEU E 405 37.01 -4.48 3.91
CA LEU E 405 35.61 -4.13 3.74
C LEU E 405 35.12 -4.43 2.33
N MET E 406 35.98 -4.26 1.33
CA MET E 406 35.64 -4.68 -0.02
C MET E 406 35.64 -6.20 -0.14
N HIS E 407 36.41 -6.89 0.71
CA HIS E 407 36.64 -8.31 0.53
C HIS E 407 35.79 -9.16 1.45
N ALA E 408 35.55 -8.72 2.68
CA ALA E 408 34.75 -9.49 3.63
C ALA E 408 33.25 -9.27 3.48
N MET E 409 32.82 -8.55 2.44
CA MET E 409 31.41 -8.39 2.20
C MET E 409 30.79 -9.68 1.68
N GLY E 410 31.61 -10.54 1.07
CA GLY E 410 31.20 -11.81 0.51
C GLY E 410 30.51 -12.77 1.47
N PRO E 411 31.16 -13.11 2.57
CA PRO E 411 30.47 -13.93 3.58
C PRO E 411 29.32 -13.22 4.28
N ASN E 412 29.28 -11.89 4.26
CA ASN E 412 28.11 -11.19 4.79
C ASN E 412 26.89 -11.44 3.90
N VAL E 413 27.09 -11.34 2.58
CA VAL E 413 26.04 -11.67 1.62
C VAL E 413 25.67 -13.15 1.70
N ALA E 414 26.68 -14.01 1.87
CA ALA E 414 26.41 -15.44 2.01
C ALA E 414 25.66 -15.76 3.29
N GLY E 415 25.87 -14.98 4.35
CA GLY E 415 25.07 -15.15 5.55
C GLY E 415 23.64 -14.69 5.38
N VAL E 416 23.43 -13.62 4.60
CA VAL E 416 22.08 -13.20 4.22
C VAL E 416 21.36 -14.33 3.46
N ILE E 417 22.09 -15.02 2.58
CA ILE E 417 21.53 -16.18 1.89
C ILE E 417 21.25 -17.31 2.86
N GLY E 418 22.24 -17.63 3.71
CA GLY E 418 22.17 -18.80 4.54
C GLY E 418 21.13 -18.71 5.65
N SER E 419 20.82 -17.50 6.09
CA SER E 419 19.76 -17.35 7.08
C SER E 419 18.41 -17.73 6.50
N ALA E 420 18.16 -17.37 5.25
CA ALA E 420 16.95 -17.80 4.59
C ALA E 420 16.99 -19.29 4.26
N ILE E 421 18.17 -19.85 4.00
CA ILE E 421 18.29 -21.29 3.78
C ILE E 421 17.93 -22.05 5.05
N ALA E 422 18.44 -21.60 6.19
CA ALA E 422 18.12 -22.21 7.47
C ALA E 422 16.65 -22.02 7.81
N ALA E 423 16.08 -20.88 7.44
CA ALA E 423 14.65 -20.66 7.60
C ALA E 423 13.84 -21.64 6.78
N GLY E 424 14.27 -21.91 5.56
CA GLY E 424 13.56 -22.86 4.72
C GLY E 424 13.65 -24.28 5.22
N VAL E 425 14.83 -24.69 5.70
CA VAL E 425 14.97 -26.07 6.16
C VAL E 425 14.24 -26.27 7.49
N MET E 426 14.10 -25.21 8.29
CA MET E 426 13.33 -25.36 9.51
C MET E 426 11.82 -25.26 9.26
N LEU E 427 11.41 -24.53 8.22
CA LEU E 427 10.02 -24.62 7.76
C LEU E 427 9.68 -26.02 7.29
N LYS E 428 10.59 -26.65 6.54
CA LYS E 428 10.34 -28.01 6.09
C LYS E 428 10.33 -28.99 7.25
N TYR E 429 11.20 -28.77 8.24
CA TYR E 429 11.30 -29.72 9.33
C TYR E 429 10.14 -29.61 10.32
N VAL E 430 9.74 -28.39 10.68
CA VAL E 430 8.69 -28.25 11.68
C VAL E 430 7.32 -28.58 11.10
N LEU E 431 7.01 -28.06 9.91
CA LEU E 431 5.68 -28.21 9.34
C LEU E 431 5.48 -29.54 8.63
N ALA E 432 6.42 -30.49 8.76
CA ALA E 432 6.24 -31.81 8.16
C ALA E 432 6.95 -32.87 8.99
N THR F 22 10.68 -37.67 29.02
CA THR F 22 10.45 -38.42 27.80
C THR F 22 9.89 -37.49 26.72
N ASN F 23 8.95 -36.64 27.12
CA ASN F 23 8.36 -35.64 26.23
C ASN F 23 9.40 -34.61 25.82
N ALA F 24 10.34 -34.32 26.72
CA ALA F 24 11.44 -33.42 26.42
C ALA F 24 12.61 -34.16 25.78
N ALA F 25 12.79 -35.44 26.10
CA ALA F 25 13.81 -36.25 25.43
C ALA F 25 13.42 -36.50 23.98
N LEU F 26 12.12 -36.56 23.70
CA LEU F 26 11.64 -36.60 22.33
C LEU F 26 12.00 -35.32 21.59
N LEU F 27 11.86 -34.18 22.26
CA LEU F 27 12.23 -32.89 21.67
C LEU F 27 13.73 -32.80 21.45
N LEU F 28 14.52 -33.42 22.35
CA LEU F 28 15.96 -33.48 22.13
C LEU F 28 16.32 -34.34 20.93
N GLY F 29 15.63 -35.47 20.75
CA GLY F 29 15.87 -36.29 19.57
C GLY F 29 15.48 -35.57 18.29
N GLU F 30 14.39 -34.81 18.34
CA GLU F 30 13.98 -33.98 17.22
C GLU F 30 15.01 -32.90 16.91
N GLY F 31 15.60 -32.30 17.95
CA GLY F 31 16.60 -31.28 17.72
C GLY F 31 17.92 -31.83 17.22
N PHE F 32 18.31 -33.01 17.72
CA PHE F 32 19.48 -33.69 17.20
C PHE F 32 19.30 -34.11 15.75
N THR F 33 18.09 -34.50 15.36
CA THR F 33 17.83 -34.76 13.96
C THR F 33 17.82 -33.45 13.15
N LEU F 34 17.34 -32.38 13.77
CA LEU F 34 17.26 -31.09 13.11
C LEU F 34 18.63 -30.51 12.80
N MET F 35 19.56 -30.58 13.75
CA MET F 35 20.90 -30.03 13.55
C MET F 35 21.62 -30.78 12.43
N PHE F 36 21.49 -32.10 12.45
CA PHE F 36 22.14 -32.94 11.45
C PHE F 36 21.56 -32.70 10.06
N LEU F 37 20.23 -32.72 9.93
CA LEU F 37 19.61 -32.52 8.62
C LEU F 37 19.75 -31.08 8.14
N GLY F 38 19.77 -30.13 9.06
CA GLY F 38 19.91 -28.74 8.68
C GLY F 38 21.30 -28.42 8.18
N MET F 39 22.33 -28.91 8.89
CA MET F 39 23.69 -28.74 8.41
C MET F 39 23.92 -29.52 7.12
N GLY F 40 23.24 -30.65 6.97
CA GLY F 40 23.31 -31.40 5.72
C GLY F 40 22.75 -30.63 4.54
N PHE F 41 21.56 -30.04 4.69
CA PHE F 41 20.97 -29.25 3.62
C PHE F 41 21.74 -27.97 3.34
N VAL F 42 22.30 -27.34 4.38
CA VAL F 42 23.06 -26.11 4.18
C VAL F 42 24.36 -26.40 3.45
N LEU F 43 25.10 -27.43 3.88
CA LEU F 43 26.33 -27.82 3.18
C LEU F 43 26.04 -28.29 1.77
N ALA F 44 24.93 -29.00 1.55
CA ALA F 44 24.59 -29.49 0.22
C ALA F 44 24.23 -28.35 -0.72
N PHE F 45 23.42 -27.40 -0.23
CA PHE F 45 23.00 -26.27 -1.05
C PHE F 45 24.17 -25.36 -1.37
N LEU F 46 25.09 -25.18 -0.42
CA LEU F 46 26.21 -24.29 -0.71
C LEU F 46 27.30 -24.99 -1.54
N PHE F 47 27.42 -26.32 -1.42
CA PHE F 47 28.25 -27.07 -2.37
C PHE F 47 27.71 -26.95 -3.78
N LEU F 48 26.39 -27.06 -3.95
CA LEU F 48 25.80 -26.88 -5.27
C LEU F 48 25.96 -25.46 -5.77
N LEU F 49 25.96 -24.46 -4.89
CA LEU F 49 26.24 -23.10 -5.32
C LEU F 49 27.68 -22.91 -5.76
N ILE F 50 28.63 -23.52 -5.04
CA ILE F 50 30.04 -23.43 -5.43
C ILE F 50 30.27 -24.08 -6.80
N PHE F 51 29.68 -25.26 -7.01
CA PHE F 51 29.82 -25.93 -8.31
C PHE F 51 29.07 -25.17 -9.40
N ALA F 52 27.96 -24.50 -9.05
CA ALA F 52 27.22 -23.72 -10.02
C ALA F 52 27.99 -22.48 -10.46
N ILE F 53 28.68 -21.82 -9.52
CA ILE F 53 29.52 -20.68 -9.88
C ILE F 53 30.72 -21.14 -10.71
N ARG F 54 31.29 -22.30 -10.35
CA ARG F 54 32.42 -22.84 -11.12
C ARG F 54 32.03 -23.21 -12.55
N GLY F 55 30.79 -23.68 -12.75
CA GLY F 55 30.32 -23.94 -14.10
C GLY F 55 29.90 -22.69 -14.85
N MET F 56 29.26 -21.74 -14.17
CA MET F 56 28.81 -20.53 -14.84
C MET F 56 29.97 -19.60 -15.15
N SER F 57 31.12 -19.79 -14.51
CA SER F 57 32.32 -19.07 -14.91
C SER F 57 32.74 -19.44 -16.33
N ALA F 58 32.79 -20.73 -16.63
CA ALA F 58 33.11 -21.18 -17.98
C ALA F 58 31.97 -20.87 -18.94
N ALA F 59 30.73 -20.85 -18.43
CA ALA F 59 29.60 -20.49 -19.27
C ALA F 59 29.63 -19.02 -19.69
N VAL F 60 30.03 -18.13 -18.78
CA VAL F 60 30.19 -16.73 -19.14
C VAL F 60 31.44 -16.54 -20.00
N ASN F 61 32.47 -17.38 -19.80
CA ASN F 61 33.63 -17.36 -20.68
C ASN F 61 33.27 -17.79 -22.10
N ARG F 62 32.22 -18.61 -22.25
CA ARG F 62 31.68 -18.87 -23.57
C ARG F 62 30.92 -17.65 -24.10
N PHE F 63 29.91 -17.18 -23.37
CA PHE F 63 29.14 -16.02 -23.77
C PHE F 63 29.92 -14.72 -23.52
#